data_6KTJ
#
_entry.id   6KTJ
#
_cell.length_a   91.660
_cell.length_b   128.779
_cell.length_c   138.465
_cell.angle_alpha   90.00
_cell.angle_beta   90.00
_cell.angle_gamma   90.00
#
_symmetry.space_group_name_H-M   'P 21 21 21'
#
loop_
_entity.id
_entity.type
_entity.pdbx_description
1 polymer 'Scyllo-inositol dehydrogenase with L-glucose dehydrogenase activity'
2 non-polymer 'ACETATE ION'
3 water water
#
_entity_poly.entity_id   1
_entity_poly.type   'polypeptide(L)'
_entity_poly.pdbx_seq_one_letter_code
;MSNAEKALGVALIGTGFMGKCHAMAWRNVATAFGGLPPRLEVLADMPADKAHSLASSFGFARGTADWREAVSDPAVDVVS
ITTPNGLHREMAEAALAAGKHVWLEKPMALSVEDAQAMEAAARASDRRTIIGYNYTRSPAFRAAVDLIAEGAIGRPIHFR
GMYDEDYMADPDLPWSWALTRKDGGLGALGDLGCHLVSVMVSLMGPVARVYAQADTVITDRPHQGGTARVENEDQAQALI
RFASGTSGEFSCSRVARGYRCRLAWEVQGTEGTLRFDQERMNELWLYQPGRPEIDGFRRILTGPAQPGFAAFCPGGGHNF
GFNEQKVVEAEMLRQAIAGRGKAWPDFTDGLTIERVIHGMATSAQTGQPVNFLEHHHHHH
;
_entity_poly.pdbx_strand_id   A,B,C,D
#
loop_
_chem_comp.id
_chem_comp.type
_chem_comp.name
_chem_comp.formula
ACT non-polymer 'ACETATE ION' 'C2 H3 O2 -1'
#
# COMPACT_ATOMS: atom_id res chain seq x y z
N LYS A 6 21.71 -36.29 -25.97
CA LYS A 6 21.85 -36.07 -24.49
C LYS A 6 21.14 -34.78 -24.04
N ALA A 7 20.42 -34.06 -24.90
CA ALA A 7 19.41 -33.08 -24.48
C ALA A 7 18.22 -33.83 -23.87
N LEU A 8 17.56 -33.26 -22.86
CA LEU A 8 16.37 -33.85 -22.21
C LEU A 8 15.22 -33.93 -23.21
N GLY A 9 14.64 -35.13 -23.40
CA GLY A 9 13.48 -35.34 -24.28
C GLY A 9 12.18 -35.14 -23.51
N VAL A 10 11.31 -34.24 -23.96
CA VAL A 10 10.12 -33.79 -23.19
C VAL A 10 8.85 -34.26 -23.89
N ALA A 11 7.99 -34.91 -23.11
CA ALA A 11 6.57 -35.16 -23.41
C ALA A 11 5.73 -34.22 -22.55
N LEU A 12 4.71 -33.59 -23.13
CA LEU A 12 3.74 -32.76 -22.37
C LEU A 12 2.34 -33.34 -22.54
N ILE A 13 1.64 -33.57 -21.44
CA ILE A 13 0.23 -34.05 -21.45
C ILE A 13 -0.65 -32.94 -20.88
N GLY A 14 -1.52 -32.39 -21.73
CA GLY A 14 -2.42 -31.29 -21.37
C GLY A 14 -1.85 -29.96 -21.81
N THR A 15 -2.75 -29.04 -22.18
CA THR A 15 -2.39 -27.74 -22.79
C THR A 15 -3.22 -26.62 -22.16
N GLY A 16 -3.82 -26.86 -20.99
CA GLY A 16 -4.62 -25.86 -20.27
C GLY A 16 -3.74 -24.84 -19.54
N PHE A 17 -4.23 -24.34 -18.40
CA PHE A 17 -3.54 -23.32 -17.56
C PHE A 17 -2.10 -23.78 -17.35
N MET A 18 -1.93 -24.93 -16.67
CA MET A 18 -0.61 -25.48 -16.31
C MET A 18 0.04 -26.16 -17.52
N GLY A 19 -0.72 -26.75 -18.44
CA GLY A 19 -0.16 -27.32 -19.69
C GLY A 19 0.69 -26.31 -20.45
N LYS A 20 0.13 -25.14 -20.74
CA LYS A 20 0.81 -24.05 -21.48
C LYS A 20 1.94 -23.49 -20.61
N CYS A 21 1.73 -23.45 -19.29
CA CYS A 21 2.74 -22.94 -18.32
C CYS A 21 4.00 -23.83 -18.41
N HIS A 22 3.82 -25.15 -18.39
CA HIS A 22 4.94 -26.13 -18.56
C HIS A 22 5.63 -25.91 -19.91
N ALA A 23 4.84 -25.77 -20.98
CA ALA A 23 5.34 -25.61 -22.36
C ALA A 23 6.28 -24.38 -22.42
N MET A 24 5.85 -23.25 -21.85
CA MET A 24 6.64 -22.00 -21.83
C MET A 24 7.89 -22.19 -20.94
N ALA A 25 7.81 -23.00 -19.89
CA ALA A 25 8.95 -23.25 -18.99
C ALA A 25 10.01 -24.12 -19.70
N TRP A 26 9.57 -25.22 -20.32
CA TRP A 26 10.47 -26.16 -21.05
C TRP A 26 11.14 -25.42 -22.20
N ARG A 27 10.45 -24.47 -22.82
CA ARG A 27 10.91 -23.78 -24.04
C ARG A 27 12.11 -22.89 -23.71
N ASN A 28 12.12 -22.25 -22.54
CA ASN A 28 13.11 -21.18 -22.20
C ASN A 28 13.99 -21.58 -21.03
N VAL A 29 13.88 -22.79 -20.50
CA VAL A 29 14.69 -23.17 -19.30
C VAL A 29 16.20 -23.02 -19.64
N ALA A 30 16.66 -23.47 -20.81
CA ALA A 30 18.09 -23.39 -21.22
C ALA A 30 18.44 -21.93 -21.50
N THR A 31 17.50 -21.17 -22.04
CA THR A 31 17.71 -19.72 -22.33
C THR A 31 18.08 -19.03 -21.02
N ALA A 32 17.37 -19.34 -19.94
CA ALA A 32 17.53 -18.70 -18.62
C ALA A 32 18.74 -19.27 -17.89
N PHE A 33 18.90 -20.59 -17.86
CA PHE A 33 19.86 -21.26 -16.95
C PHE A 33 21.04 -21.86 -17.72
N GLY A 34 20.99 -21.86 -19.06
CA GLY A 34 22.08 -22.39 -19.91
C GLY A 34 21.99 -23.90 -20.07
N GLY A 35 23.07 -24.54 -20.52
CA GLY A 35 23.08 -25.96 -20.88
C GLY A 35 22.33 -26.19 -22.17
N LEU A 36 21.93 -27.43 -22.45
CA LEU A 36 21.23 -27.82 -23.71
C LEU A 36 19.73 -27.59 -23.58
N PRO A 37 19.09 -26.92 -24.57
CA PRO A 37 17.64 -26.79 -24.57
C PRO A 37 17.02 -28.18 -24.61
N PRO A 38 16.14 -28.55 -23.65
CA PRO A 38 15.34 -29.76 -23.77
C PRO A 38 14.63 -29.85 -25.14
N ARG A 39 14.51 -31.06 -25.71
CA ARG A 39 13.81 -31.31 -27.01
C ARG A 39 12.32 -31.52 -26.74
N LEU A 40 11.47 -30.72 -27.36
CA LEU A 40 10.00 -30.84 -27.21
C LEU A 40 9.52 -31.90 -28.21
N GLU A 41 9.36 -33.14 -27.73
CA GLU A 41 9.19 -34.34 -28.59
C GLU A 41 7.71 -34.58 -28.87
N VAL A 42 6.90 -34.83 -27.85
CA VAL A 42 5.48 -35.22 -28.02
C VAL A 42 4.57 -34.39 -27.10
N LEU A 43 3.54 -33.80 -27.70
CA LEU A 43 2.44 -33.10 -27.00
C LEU A 43 1.18 -33.96 -27.13
N ALA A 44 0.57 -34.33 -26.02
CA ALA A 44 -0.69 -35.12 -26.00
C ALA A 44 -1.83 -34.25 -25.50
N ASP A 45 -2.93 -34.26 -26.25
CA ASP A 45 -4.16 -33.51 -25.92
C ASP A 45 -5.30 -34.01 -26.83
N MET A 46 -6.55 -33.72 -26.46
CA MET A 46 -7.77 -34.13 -27.21
C MET A 46 -8.59 -32.90 -27.55
N PRO A 47 -9.19 -32.82 -28.76
CA PRO A 47 -9.04 -33.87 -29.78
C PRO A 47 -7.71 -33.80 -30.55
N ALA A 48 -7.53 -34.71 -31.50
CA ALA A 48 -6.29 -34.88 -32.29
C ALA A 48 -5.91 -33.56 -32.96
N ASP A 49 -6.88 -32.82 -33.51
CA ASP A 49 -6.65 -31.56 -34.26
C ASP A 49 -6.03 -30.51 -33.33
N LYS A 50 -6.48 -30.44 -32.06
CA LYS A 50 -5.95 -29.52 -31.03
C LYS A 50 -4.50 -29.90 -30.73
N ALA A 51 -4.24 -31.18 -30.43
CA ALA A 51 -2.88 -31.70 -30.18
C ALA A 51 -1.95 -31.27 -31.32
N HIS A 52 -2.42 -31.30 -32.58
CA HIS A 52 -1.56 -31.01 -33.77
C HIS A 52 -1.29 -29.52 -33.88
N SER A 53 -2.32 -28.67 -33.76
CA SER A 53 -2.16 -27.20 -33.89
C SER A 53 -1.29 -26.69 -32.72
N LEU A 54 -1.52 -27.15 -31.50
CA LEU A 54 -0.79 -26.64 -30.31
C LEU A 54 0.65 -27.18 -30.32
N ALA A 55 0.85 -28.41 -30.81
CA ALA A 55 2.20 -28.98 -31.03
C ALA A 55 2.98 -28.06 -31.96
N SER A 56 2.33 -27.58 -33.02
CA SER A 56 2.95 -26.64 -34.00
C SER A 56 3.36 -25.34 -33.29
N SER A 57 2.43 -24.64 -32.63
CA SER A 57 2.70 -23.30 -32.06
C SER A 57 3.60 -23.40 -30.81
N PHE A 58 3.54 -24.52 -30.09
CA PHE A 58 4.33 -24.78 -28.85
C PHE A 58 5.75 -25.25 -29.20
N GLY A 59 5.96 -25.68 -30.45
CA GLY A 59 7.28 -26.12 -30.94
C GLY A 59 7.56 -27.58 -30.61
N PHE A 60 6.53 -28.40 -30.39
CA PHE A 60 6.71 -29.87 -30.18
C PHE A 60 6.83 -30.55 -31.55
N ALA A 61 7.75 -31.51 -31.66
CA ALA A 61 8.00 -32.28 -32.90
C ALA A 61 6.68 -32.89 -33.41
N ARG A 62 5.80 -33.38 -32.54
CA ARG A 62 4.45 -33.86 -32.96
C ARG A 62 3.46 -33.80 -31.80
N GLY A 63 2.19 -33.80 -32.17
CA GLY A 63 1.03 -33.96 -31.27
C GLY A 63 0.29 -35.26 -31.52
N THR A 64 -0.40 -35.74 -30.50
CA THR A 64 -1.17 -37.01 -30.52
C THR A 64 -2.33 -36.88 -29.54
N ALA A 65 -3.45 -37.56 -29.84
CA ALA A 65 -4.64 -37.66 -28.95
C ALA A 65 -4.44 -38.79 -27.94
N ASP A 66 -3.32 -39.51 -28.02
CA ASP A 66 -3.08 -40.71 -27.18
C ASP A 66 -1.92 -40.39 -26.24
N TRP A 67 -2.23 -40.10 -24.98
CA TRP A 67 -1.24 -39.78 -23.93
C TRP A 67 -0.28 -40.96 -23.71
N ARG A 68 -0.74 -42.20 -23.90
CA ARG A 68 0.10 -43.41 -23.71
C ARG A 68 1.20 -43.41 -24.77
N GLU A 69 0.92 -42.89 -25.98
CA GLU A 69 1.94 -42.74 -27.05
C GLU A 69 3.04 -41.78 -26.57
N ALA A 70 2.63 -40.61 -26.05
CA ALA A 70 3.56 -39.55 -25.58
C ALA A 70 4.48 -40.13 -24.51
N VAL A 71 3.94 -40.89 -23.57
CA VAL A 71 4.66 -41.41 -22.38
C VAL A 71 5.67 -42.50 -22.79
N SER A 72 5.32 -43.32 -23.79
CA SER A 72 6.11 -44.53 -24.19
C SER A 72 7.11 -44.20 -25.29
N ASP A 73 7.02 -43.01 -25.89
CA ASP A 73 7.93 -42.60 -26.99
C ASP A 73 9.39 -42.75 -26.53
N PRO A 74 10.25 -43.43 -27.32
CA PRO A 74 11.63 -43.68 -26.92
C PRO A 74 12.48 -42.41 -26.81
N ALA A 75 12.13 -41.34 -27.54
CA ALA A 75 12.83 -40.04 -27.56
C ALA A 75 12.46 -39.22 -26.31
N VAL A 76 11.45 -39.62 -25.54
CA VAL A 76 10.96 -38.88 -24.33
C VAL A 76 11.73 -39.38 -23.10
N ASP A 77 12.26 -38.46 -22.29
CA ASP A 77 12.98 -38.78 -21.03
C ASP A 77 12.16 -38.33 -19.81
N VAL A 78 11.32 -37.31 -19.97
CA VAL A 78 10.59 -36.66 -18.85
C VAL A 78 9.18 -36.31 -19.36
N VAL A 79 8.19 -36.44 -18.49
CA VAL A 79 6.75 -36.26 -18.81
C VAL A 79 6.17 -35.17 -17.89
N SER A 80 5.70 -34.07 -18.46
CA SER A 80 4.87 -33.05 -17.78
C SER A 80 3.42 -33.53 -17.83
N ILE A 81 2.81 -33.74 -16.67
CA ILE A 81 1.38 -34.17 -16.57
C ILE A 81 0.59 -33.03 -15.94
N THR A 82 -0.30 -32.43 -16.73
CA THR A 82 -1.13 -31.26 -16.36
C THR A 82 -2.61 -31.53 -16.66
N THR A 83 -3.01 -32.80 -16.65
CA THR A 83 -4.40 -33.23 -16.91
C THR A 83 -5.23 -33.11 -15.63
N PRO A 84 -6.56 -33.31 -15.72
CA PRO A 84 -7.43 -33.35 -14.54
C PRO A 84 -6.90 -34.32 -13.47
N ASN A 85 -7.15 -33.95 -12.21
CA ASN A 85 -6.61 -34.58 -10.98
C ASN A 85 -6.91 -36.09 -10.99
N GLY A 86 -8.08 -36.48 -11.54
CA GLY A 86 -8.55 -37.87 -11.58
C GLY A 86 -7.70 -38.77 -12.46
N LEU A 87 -6.90 -38.22 -13.37
CA LEU A 87 -6.06 -39.02 -14.29
C LEU A 87 -4.61 -39.02 -13.82
N HIS A 88 -4.28 -38.26 -12.78
CA HIS A 88 -2.88 -38.06 -12.33
C HIS A 88 -2.24 -39.41 -12.02
N ARG A 89 -2.91 -40.27 -11.24
CA ARG A 89 -2.32 -41.54 -10.75
C ARG A 89 -2.04 -42.46 -11.94
N GLU A 90 -3.02 -42.62 -12.82
CA GLU A 90 -2.91 -43.53 -14.00
C GLU A 90 -1.74 -43.09 -14.87
N MET A 91 -1.70 -41.80 -15.21
CA MET A 91 -0.68 -41.21 -16.12
C MET A 91 0.71 -41.24 -15.46
N ALA A 92 0.82 -40.85 -14.18
CA ALA A 92 2.11 -40.80 -13.47
C ALA A 92 2.70 -42.22 -13.37
N GLU A 93 1.89 -43.19 -12.99
CA GLU A 93 2.37 -44.59 -12.78
C GLU A 93 2.81 -45.16 -14.13
N ALA A 94 2.06 -44.89 -15.20
CA ALA A 94 2.43 -45.32 -16.58
C ALA A 94 3.78 -44.71 -16.99
N ALA A 95 3.97 -43.41 -16.75
CA ALA A 95 5.23 -42.69 -17.07
C ALA A 95 6.40 -43.39 -16.40
N LEU A 96 6.30 -43.64 -15.10
CA LEU A 96 7.38 -44.26 -14.28
C LEU A 96 7.63 -45.70 -14.76
N ALA A 97 6.56 -46.48 -14.98
CA ALA A 97 6.61 -47.86 -15.52
C ALA A 97 7.38 -47.88 -16.85
N ALA A 98 7.17 -46.87 -17.72
CA ALA A 98 7.89 -46.70 -19.01
C ALA A 98 9.27 -46.04 -18.81
N GLY A 99 9.74 -45.89 -17.56
CA GLY A 99 11.11 -45.44 -17.25
C GLY A 99 11.34 -43.95 -17.46
N LYS A 100 10.31 -43.11 -17.29
CA LYS A 100 10.41 -41.64 -17.50
C LYS A 100 10.39 -40.90 -16.15
N HIS A 101 11.16 -39.81 -16.05
CA HIS A 101 11.05 -38.80 -14.96
C HIS A 101 9.69 -38.12 -15.10
N VAL A 102 9.15 -37.56 -14.02
CA VAL A 102 7.76 -37.04 -14.02
C VAL A 102 7.70 -35.67 -13.32
N TRP A 103 7.12 -34.72 -14.04
CA TRP A 103 6.72 -33.39 -13.54
C TRP A 103 5.19 -33.40 -13.44
N LEU A 104 4.68 -33.65 -12.25
CA LEU A 104 3.23 -33.84 -12.03
C LEU A 104 2.63 -32.59 -11.39
N GLU A 105 1.65 -31.99 -12.05
CA GLU A 105 0.87 -30.86 -11.48
C GLU A 105 0.24 -31.34 -10.16
N LYS A 106 0.15 -30.46 -9.17
CA LYS A 106 -0.64 -30.75 -7.95
C LYS A 106 -2.08 -31.00 -8.37
N PRO A 107 -2.80 -31.96 -7.75
CA PRO A 107 -2.32 -32.73 -6.61
C PRO A 107 -1.86 -34.09 -7.11
N MET A 108 -1.19 -34.87 -6.26
CA MET A 108 -0.69 -36.22 -6.63
C MET A 108 -1.84 -37.09 -7.14
N ALA A 109 -3.02 -37.01 -6.51
CA ALA A 109 -4.23 -37.79 -6.89
C ALA A 109 -5.45 -37.29 -6.11
N LEU A 110 -6.59 -37.98 -6.19
CA LEU A 110 -7.84 -37.61 -5.49
C LEU A 110 -7.79 -38.05 -4.02
N SER A 111 -7.03 -39.09 -3.69
CA SER A 111 -7.04 -39.74 -2.34
C SER A 111 -5.61 -39.99 -1.87
N VAL A 112 -5.41 -40.02 -0.54
CA VAL A 112 -4.13 -40.41 0.10
C VAL A 112 -3.77 -41.82 -0.41
N GLU A 113 -4.75 -42.71 -0.55
CA GLU A 113 -4.52 -44.11 -1.01
C GLU A 113 -3.81 -44.06 -2.38
N ASP A 114 -4.39 -43.37 -3.35
CA ASP A 114 -3.79 -43.21 -4.70
C ASP A 114 -2.36 -42.67 -4.55
N ALA A 115 -2.17 -41.64 -3.72
CA ALA A 115 -0.87 -40.97 -3.50
C ALA A 115 0.13 -41.96 -2.88
N GLN A 116 -0.35 -42.84 -2.00
CA GLN A 116 0.45 -43.92 -1.35
C GLN A 116 0.98 -44.88 -2.42
N ALA A 117 0.12 -45.30 -3.34
CA ALA A 117 0.44 -46.22 -4.46
C ALA A 117 1.49 -45.56 -5.38
N MET A 118 1.29 -44.28 -5.69
CA MET A 118 2.20 -43.50 -6.57
C MET A 118 3.56 -43.36 -5.90
N GLU A 119 3.59 -43.10 -4.60
CA GLU A 119 4.86 -42.89 -3.85
C GLU A 119 5.69 -44.17 -3.91
N ALA A 120 5.05 -45.34 -3.77
CA ALA A 120 5.72 -46.67 -3.87
C ALA A 120 6.29 -46.84 -5.29
N ALA A 121 5.48 -46.57 -6.32
CA ALA A 121 5.87 -46.68 -7.75
C ALA A 121 7.12 -45.83 -8.01
N ALA A 122 7.18 -44.59 -7.51
CA ALA A 122 8.27 -43.63 -7.78
C ALA A 122 9.57 -44.16 -7.15
N ARG A 123 9.49 -44.62 -5.89
CA ARG A 123 10.63 -45.20 -5.15
C ARG A 123 11.15 -46.44 -5.91
N ALA A 124 10.27 -47.25 -6.50
CA ALA A 124 10.64 -48.51 -7.18
C ALA A 124 11.15 -48.21 -8.60
N SER A 125 10.82 -47.05 -9.18
CA SER A 125 11.10 -46.73 -10.61
C SER A 125 12.53 -46.22 -10.77
N ASP A 126 13.13 -45.67 -9.72
CA ASP A 126 14.46 -45.02 -9.78
C ASP A 126 14.48 -43.83 -10.76
N ARG A 127 13.34 -43.19 -11.02
CA ARG A 127 13.28 -41.96 -11.84
C ARG A 127 12.99 -40.77 -10.91
N ARG A 128 13.36 -39.56 -11.32
CA ARG A 128 13.11 -38.33 -10.52
C ARG A 128 11.66 -37.89 -10.73
N THR A 129 11.02 -37.46 -9.64
CA THR A 129 9.67 -36.86 -9.65
C THR A 129 9.70 -35.48 -8.99
N ILE A 130 8.80 -34.59 -9.39
CA ILE A 130 8.56 -33.30 -8.69
C ILE A 130 7.09 -32.92 -8.91
N ILE A 131 6.43 -32.43 -7.85
CA ILE A 131 5.03 -31.89 -7.94
C ILE A 131 5.15 -30.39 -8.22
N GLY A 132 4.24 -29.84 -9.03
CA GLY A 132 4.27 -28.45 -9.54
C GLY A 132 3.77 -27.42 -8.53
N TYR A 133 4.37 -27.37 -7.34
CA TYR A 133 4.01 -26.36 -6.30
C TYR A 133 4.77 -25.07 -6.61
N ASN A 134 4.30 -24.32 -7.60
CA ASN A 134 5.12 -23.25 -8.23
C ASN A 134 5.26 -22.03 -7.31
N TYR A 135 4.42 -21.88 -6.26
CA TYR A 135 4.48 -20.71 -5.37
C TYR A 135 5.66 -20.82 -4.40
N THR A 136 6.29 -22.01 -4.34
CA THR A 136 7.56 -22.22 -3.60
C THR A 136 8.76 -21.77 -4.45
N ARG A 137 8.57 -21.25 -5.67
CA ARG A 137 9.69 -20.98 -6.61
C ARG A 137 9.97 -19.49 -6.75
N SER A 138 9.18 -18.60 -6.17
CA SER A 138 9.42 -17.14 -6.35
C SER A 138 10.75 -16.78 -5.70
N PRO A 139 11.47 -15.77 -6.22
CA PRO A 139 12.66 -15.25 -5.54
C PRO A 139 12.34 -14.79 -4.11
N ALA A 140 11.17 -14.18 -3.91
CA ALA A 140 10.76 -13.61 -2.60
C ALA A 140 10.59 -14.74 -1.57
N PHE A 141 9.87 -15.80 -1.94
CA PHE A 141 9.65 -16.95 -1.04
C PHE A 141 10.99 -17.59 -0.67
N ARG A 142 11.83 -17.84 -1.68
CA ARG A 142 13.13 -18.53 -1.50
C ARG A 142 14.04 -17.68 -0.60
N ALA A 143 14.00 -16.35 -0.77
CA ALA A 143 14.74 -15.39 0.08
C ALA A 143 14.26 -15.51 1.53
N ALA A 144 12.94 -15.61 1.74
CA ALA A 144 12.33 -15.70 3.09
C ALA A 144 12.80 -16.98 3.79
N VAL A 145 12.84 -18.11 3.08
CA VAL A 145 13.32 -19.41 3.63
C VAL A 145 14.77 -19.22 4.08
N ASP A 146 15.62 -18.60 3.25
CA ASP A 146 17.06 -18.39 3.59
C ASP A 146 17.17 -17.44 4.78
N LEU A 147 16.40 -16.34 4.80
CA LEU A 147 16.42 -15.37 5.94
C LEU A 147 16.06 -16.10 7.25
N ILE A 148 15.04 -16.95 7.26
CA ILE A 148 14.65 -17.67 8.51
C ILE A 148 15.83 -18.52 9.00
N ALA A 149 16.42 -19.31 8.09
CA ALA A 149 17.57 -20.21 8.36
C ALA A 149 18.75 -19.42 8.93
N GLU A 150 18.94 -18.18 8.47
CA GLU A 150 20.05 -17.29 8.87
C GLU A 150 19.80 -16.63 10.22
N GLY A 151 18.59 -16.75 10.78
CA GLY A 151 18.26 -16.17 12.10
C GLY A 151 17.71 -14.75 11.98
N ALA A 152 17.35 -14.31 10.77
CA ALA A 152 16.85 -12.94 10.48
C ALA A 152 15.64 -12.57 11.36
N ILE A 153 14.74 -13.52 11.69
CA ILE A 153 13.56 -13.22 12.57
C ILE A 153 13.66 -14.03 13.86
N GLY A 154 14.85 -14.54 14.17
CA GLY A 154 15.07 -15.33 15.39
C GLY A 154 14.25 -16.60 15.34
N ARG A 155 13.71 -17.01 16.48
CA ARG A 155 12.92 -18.26 16.63
C ARG A 155 11.51 -18.00 16.13
N PRO A 156 11.03 -18.71 15.09
CA PRO A 156 9.64 -18.60 14.66
C PRO A 156 8.67 -18.94 15.81
N ILE A 157 7.66 -18.10 16.04
CA ILE A 157 6.66 -18.33 17.12
C ILE A 157 5.24 -18.45 16.57
N HIS A 158 4.96 -17.98 15.36
CA HIS A 158 3.61 -18.11 14.76
C HIS A 158 3.68 -18.03 13.23
N PHE A 159 2.81 -18.79 12.59
CA PHE A 159 2.55 -18.73 11.13
C PHE A 159 1.07 -18.37 10.90
N ARG A 160 0.81 -17.39 10.03
CA ARG A 160 -0.56 -17.12 9.57
C ARG A 160 -0.56 -17.13 8.05
N GLY A 161 -1.31 -18.07 7.47
CA GLY A 161 -1.39 -18.22 6.01
C GLY A 161 -2.82 -18.26 5.51
N MET A 162 -3.00 -17.81 4.29
CA MET A 162 -4.32 -17.79 3.62
C MET A 162 -4.07 -17.92 2.12
N TYR A 163 -5.06 -18.45 1.41
CA TYR A 163 -5.07 -18.51 -0.07
C TYR A 163 -6.51 -18.29 -0.51
N ASP A 164 -6.84 -17.03 -0.78
CA ASP A 164 -8.18 -16.62 -1.27
C ASP A 164 -8.14 -16.41 -2.78
N GLU A 165 -9.15 -16.93 -3.46
CA GLU A 165 -9.46 -16.66 -4.88
C GLU A 165 -10.98 -16.65 -4.99
N ASP A 166 -11.54 -16.11 -6.07
CA ASP A 166 -13.01 -16.02 -6.20
C ASP A 166 -13.48 -16.64 -7.52
N TYR A 167 -12.72 -17.57 -8.09
CA TYR A 167 -13.08 -18.20 -9.40
C TYR A 167 -14.42 -18.95 -9.27
N MET A 168 -14.90 -19.30 -8.07
CA MET A 168 -16.22 -19.96 -7.91
C MET A 168 -17.25 -19.08 -7.18
N ALA A 169 -16.97 -17.81 -6.94
CA ALA A 169 -17.88 -16.95 -6.15
C ALA A 169 -19.23 -16.81 -6.87
N ASP A 170 -19.23 -16.84 -8.20
CA ASP A 170 -20.46 -16.66 -9.01
C ASP A 170 -21.30 -17.93 -8.87
N PRO A 171 -22.50 -17.83 -8.26
CA PRO A 171 -23.32 -19.02 -8.01
C PRO A 171 -23.87 -19.69 -9.29
N ASP A 172 -23.90 -18.96 -10.41
CA ASP A 172 -24.34 -19.44 -11.75
C ASP A 172 -23.25 -20.25 -12.46
N LEU A 173 -22.00 -20.12 -12.02
CA LEU A 173 -20.88 -20.98 -12.50
C LEU A 173 -21.34 -22.43 -12.39
N PRO A 174 -21.48 -23.14 -13.53
CA PRO A 174 -22.10 -24.46 -13.53
C PRO A 174 -21.35 -25.59 -12.80
N TRP A 175 -22.11 -26.63 -12.47
CA TRP A 175 -21.64 -27.85 -11.81
C TRP A 175 -20.65 -28.57 -12.73
N SER A 176 -19.82 -29.44 -12.15
CA SER A 176 -18.83 -30.27 -12.87
C SER A 176 -18.50 -31.46 -11.99
N TRP A 177 -18.01 -32.56 -12.58
CA TRP A 177 -17.65 -33.80 -11.83
C TRP A 177 -16.56 -33.50 -10.80
N ALA A 178 -15.78 -32.43 -11.00
CA ALA A 178 -14.70 -32.00 -10.07
C ALA A 178 -15.31 -31.49 -8.75
N LEU A 179 -16.60 -31.14 -8.75
CA LEU A 179 -17.31 -30.67 -7.53
C LEU A 179 -17.93 -31.87 -6.77
N THR A 180 -17.75 -33.11 -7.23
CA THR A 180 -18.13 -34.34 -6.46
C THR A 180 -16.90 -34.84 -5.71
N ARG A 181 -17.13 -35.62 -4.65
CA ARG A 181 -16.03 -36.19 -3.82
C ARG A 181 -15.37 -37.37 -4.56
N LYS A 182 -16.15 -38.25 -5.19
CA LYS A 182 -15.59 -39.46 -5.86
C LYS A 182 -14.73 -39.03 -7.07
N ASP A 183 -15.20 -38.06 -7.88
CA ASP A 183 -14.57 -37.73 -9.20
C ASP A 183 -13.72 -36.45 -9.11
N GLY A 184 -13.97 -35.58 -8.12
CA GLY A 184 -13.26 -34.30 -7.97
C GLY A 184 -12.29 -34.31 -6.81
N GLY A 185 -12.50 -35.18 -5.82
CA GLY A 185 -11.75 -35.19 -4.54
C GLY A 185 -12.10 -33.98 -3.69
N LEU A 186 -11.10 -33.34 -3.08
CA LEU A 186 -11.29 -32.15 -2.22
C LEU A 186 -11.68 -30.93 -3.08
N GLY A 187 -12.26 -29.91 -2.46
CA GLY A 187 -12.60 -28.64 -3.13
C GLY A 187 -11.46 -27.65 -2.98
N ALA A 188 -11.71 -26.55 -2.27
CA ALA A 188 -10.74 -25.46 -2.02
C ALA A 188 -9.47 -26.04 -1.37
N LEU A 189 -9.58 -27.04 -0.51
CA LEU A 189 -8.38 -27.70 0.09
C LEU A 189 -7.51 -28.27 -1.03
N GLY A 190 -8.13 -28.84 -2.07
CA GLY A 190 -7.44 -29.48 -3.20
C GLY A 190 -6.81 -28.46 -4.14
N ASP A 191 -7.57 -27.44 -4.54
CA ASP A 191 -7.16 -26.43 -5.55
C ASP A 191 -6.18 -25.43 -4.93
N LEU A 192 -6.41 -25.03 -3.67
CA LEU A 192 -5.70 -23.88 -3.07
C LEU A 192 -4.94 -24.33 -1.82
N GLY A 193 -5.61 -25.10 -0.96
CA GLY A 193 -5.02 -25.57 0.30
C GLY A 193 -3.66 -26.22 0.10
N CYS A 194 -3.54 -27.11 -0.88
CA CYS A 194 -2.27 -27.85 -1.11
C CYS A 194 -1.13 -26.84 -1.41
N HIS A 195 -1.40 -25.79 -2.20
CA HIS A 195 -0.38 -24.74 -2.46
C HIS A 195 0.06 -24.11 -1.13
N LEU A 196 -0.90 -23.78 -0.25
CA LEU A 196 -0.58 -23.09 1.03
C LEU A 196 0.17 -24.06 1.94
N VAL A 197 -0.15 -25.36 1.94
CA VAL A 197 0.61 -26.35 2.76
C VAL A 197 2.06 -26.39 2.25
N SER A 198 2.27 -26.43 0.94
CA SER A 198 3.61 -26.54 0.30
C SER A 198 4.51 -25.38 0.76
N VAL A 199 3.94 -24.18 0.83
CA VAL A 199 4.62 -22.95 1.34
C VAL A 199 4.79 -23.08 2.86
N MET A 200 3.73 -23.49 3.55
CA MET A 200 3.69 -23.50 5.03
C MET A 200 4.74 -24.46 5.62
N VAL A 201 4.86 -25.70 5.11
CA VAL A 201 5.79 -26.71 5.67
C VAL A 201 7.24 -26.34 5.29
N SER A 202 7.44 -25.69 4.14
CA SER A 202 8.77 -25.18 3.72
C SER A 202 9.21 -24.05 4.66
N LEU A 203 8.29 -23.27 5.21
CA LEU A 203 8.65 -22.17 6.15
C LEU A 203 8.78 -22.71 7.57
N MET A 204 7.90 -23.63 7.98
CA MET A 204 7.67 -23.94 9.42
C MET A 204 8.06 -25.37 9.76
N GLY A 205 8.41 -26.18 8.77
CA GLY A 205 8.67 -27.62 8.96
C GLY A 205 7.34 -28.38 9.02
N PRO A 206 7.38 -29.71 9.29
CA PRO A 206 6.20 -30.55 9.20
C PRO A 206 5.08 -30.21 10.21
N VAL A 207 3.84 -30.48 9.79
CA VAL A 207 2.61 -30.39 10.61
C VAL A 207 2.51 -31.62 11.51
N ALA A 208 2.24 -31.40 12.81
CA ALA A 208 1.99 -32.45 13.83
C ALA A 208 0.48 -32.62 14.04
N ARG A 209 -0.30 -31.53 13.98
CA ARG A 209 -1.74 -31.57 14.32
C ARG A 209 -2.47 -30.44 13.59
N VAL A 210 -3.70 -30.72 13.16
CA VAL A 210 -4.64 -29.73 12.58
C VAL A 210 -5.99 -29.89 13.28
N TYR A 211 -6.66 -28.77 13.54
CA TYR A 211 -8.11 -28.72 13.85
C TYR A 211 -8.76 -27.79 12.82
N ALA A 212 -9.70 -28.32 12.03
CA ALA A 212 -10.24 -27.58 10.87
C ALA A 212 -11.76 -27.47 10.94
N GLN A 213 -12.26 -26.46 10.24
CA GLN A 213 -13.70 -26.29 9.95
C GLN A 213 -13.76 -25.90 8.47
N ALA A 214 -14.88 -26.18 7.82
CA ALA A 214 -15.06 -25.96 6.37
C ALA A 214 -16.53 -25.65 6.12
N ASP A 215 -16.81 -25.15 4.92
CA ASP A 215 -18.17 -24.78 4.46
C ASP A 215 -18.22 -24.92 2.94
N THR A 216 -19.36 -25.42 2.47
CA THR A 216 -19.82 -25.28 1.08
C THR A 216 -20.84 -24.13 1.09
N VAL A 217 -20.46 -23.00 0.52
CA VAL A 217 -21.29 -21.75 0.48
C VAL A 217 -22.34 -21.86 -0.64
N ILE A 218 -21.98 -22.43 -1.79
CA ILE A 218 -22.91 -22.65 -2.94
C ILE A 218 -23.06 -24.16 -3.11
N THR A 219 -24.17 -24.70 -2.59
CA THR A 219 -24.39 -26.16 -2.38
C THR A 219 -24.93 -26.79 -3.67
N ASP A 220 -25.54 -25.99 -4.55
CA ASP A 220 -26.23 -26.46 -5.77
C ASP A 220 -25.89 -25.52 -6.93
N ARG A 221 -25.52 -26.07 -8.09
CA ARG A 221 -25.15 -25.24 -9.27
C ARG A 221 -25.88 -25.69 -10.53
N PRO A 222 -26.01 -24.79 -11.53
CA PRO A 222 -26.63 -25.15 -12.81
C PRO A 222 -25.98 -26.42 -13.39
N HIS A 223 -26.82 -27.37 -13.78
CA HIS A 223 -26.41 -28.62 -14.45
C HIS A 223 -27.39 -28.92 -15.59
N GLN A 224 -27.06 -28.48 -16.80
CA GLN A 224 -27.77 -28.73 -18.08
C GLN A 224 -29.28 -28.51 -17.89
N GLY A 225 -29.69 -27.29 -17.54
CA GLY A 225 -31.10 -26.90 -17.38
C GLY A 225 -31.61 -27.15 -15.96
N GLY A 226 -31.09 -28.16 -15.27
CA GLY A 226 -31.46 -28.45 -13.87
C GLY A 226 -30.40 -27.98 -12.89
N THR A 227 -30.18 -28.76 -11.84
CA THR A 227 -29.27 -28.41 -10.72
C THR A 227 -28.64 -29.69 -10.19
N ALA A 228 -27.43 -29.60 -9.64
CA ALA A 228 -26.67 -30.74 -9.10
C ALA A 228 -25.93 -30.27 -7.86
N ARG A 229 -25.66 -31.19 -6.93
CA ARG A 229 -25.11 -30.90 -5.58
C ARG A 229 -23.58 -30.77 -5.67
N VAL A 230 -23.05 -29.68 -5.09
CA VAL A 230 -21.61 -29.43 -4.83
C VAL A 230 -21.25 -30.16 -3.54
N GLU A 231 -20.37 -31.16 -3.61
CA GLU A 231 -20.15 -32.09 -2.48
C GLU A 231 -18.93 -31.65 -1.66
N ASN A 232 -18.01 -30.90 -2.25
CA ASN A 232 -16.74 -30.52 -1.58
C ASN A 232 -16.79 -29.05 -1.15
N GLU A 233 -15.84 -28.68 -0.29
CA GLU A 233 -15.83 -27.40 0.47
C GLU A 233 -15.43 -26.26 -0.46
N ASP A 234 -16.06 -25.10 -0.29
CA ASP A 234 -15.72 -23.82 -0.98
C ASP A 234 -14.63 -23.10 -0.19
N GLN A 235 -14.56 -23.34 1.11
CA GLN A 235 -13.57 -22.67 2.02
C GLN A 235 -13.32 -23.58 3.24
N ALA A 236 -12.13 -23.46 3.82
CA ALA A 236 -11.72 -24.21 5.03
C ALA A 236 -10.73 -23.35 5.82
N GLN A 237 -10.75 -23.47 7.13
CA GLN A 237 -9.81 -22.79 8.04
C GLN A 237 -9.26 -23.87 8.98
N ALA A 238 -8.02 -23.74 9.43
CA ALA A 238 -7.47 -24.69 10.40
C ALA A 238 -6.52 -24.01 11.39
N LEU A 239 -6.48 -24.53 12.61
CA LEU A 239 -5.41 -24.26 13.59
C LEU A 239 -4.38 -25.38 13.44
N ILE A 240 -3.11 -25.01 13.47
CA ILE A 240 -1.97 -25.91 13.20
C ILE A 240 -1.11 -25.93 14.45
N ARG A 241 -0.58 -27.11 14.77
CA ARG A 241 0.66 -27.28 15.56
C ARG A 241 1.70 -27.91 14.64
N PHE A 242 2.89 -27.35 14.57
CA PHE A 242 4.02 -27.96 13.81
C PHE A 242 4.75 -28.95 14.73
N ALA A 243 5.56 -29.83 14.14
CA ALA A 243 6.44 -30.77 14.87
C ALA A 243 7.31 -29.98 15.85
N SER A 244 7.65 -28.73 15.52
CA SER A 244 8.42 -27.79 16.38
C SER A 244 7.66 -27.45 17.67
N GLY A 245 6.34 -27.64 17.72
CA GLY A 245 5.48 -27.15 18.81
C GLY A 245 4.87 -25.78 18.51
N THR A 246 5.35 -25.09 17.47
CA THR A 246 4.91 -23.73 17.10
C THR A 246 3.45 -23.75 16.61
N SER A 247 2.76 -22.63 16.76
CA SER A 247 1.34 -22.44 16.38
C SER A 247 1.25 -21.99 14.93
N GLY A 248 0.11 -22.23 14.30
CA GLY A 248 -0.20 -21.75 12.94
C GLY A 248 -1.68 -21.48 12.77
N GLU A 249 -2.01 -20.57 11.87
CA GLU A 249 -3.39 -20.38 11.32
C GLU A 249 -3.30 -20.61 9.82
N PHE A 250 -4.34 -21.24 9.25
CA PHE A 250 -4.37 -21.68 7.84
C PHE A 250 -5.79 -21.48 7.31
N SER A 251 -5.93 -21.03 6.08
CA SER A 251 -7.25 -21.00 5.41
C SER A 251 -7.06 -21.03 3.90
N CYS A 252 -8.13 -21.40 3.20
CA CYS A 252 -8.24 -21.26 1.74
C CYS A 252 -9.71 -21.05 1.39
N SER A 253 -9.96 -20.47 0.23
CA SER A 253 -11.33 -20.21 -0.26
C SER A 253 -11.30 -20.00 -1.75
N ARG A 254 -12.29 -20.57 -2.45
CA ARG A 254 -12.53 -20.32 -3.89
C ARG A 254 -13.74 -19.40 -4.03
N VAL A 255 -14.19 -18.75 -2.95
CA VAL A 255 -15.39 -17.86 -3.00
C VAL A 255 -15.11 -16.51 -2.34
N ALA A 256 -13.84 -16.13 -2.16
CA ALA A 256 -13.44 -14.89 -1.47
C ALA A 256 -13.38 -13.78 -2.50
N ARG A 257 -14.46 -13.00 -2.60
CA ARG A 257 -14.70 -12.01 -3.68
C ARG A 257 -13.65 -10.89 -3.64
N GLY A 258 -13.07 -10.58 -4.81
CA GLY A 258 -12.04 -9.54 -4.98
C GLY A 258 -10.63 -10.11 -5.03
N TYR A 259 -10.45 -11.36 -4.63
CA TYR A 259 -9.11 -12.01 -4.57
C TYR A 259 -8.99 -12.93 -5.78
N ARG A 260 -7.85 -12.84 -6.45
CA ARG A 260 -7.58 -13.59 -7.72
C ARG A 260 -6.46 -14.59 -7.50
N CYS A 261 -5.46 -14.26 -6.67
CA CYS A 261 -4.32 -15.18 -6.35
C CYS A 261 -3.72 -14.80 -5.00
N ARG A 262 -4.57 -14.63 -3.98
CA ARG A 262 -4.15 -14.06 -2.67
C ARG A 262 -3.62 -15.18 -1.77
N LEU A 263 -2.50 -15.77 -2.17
CA LEU A 263 -1.67 -16.66 -1.31
C LEU A 263 -0.81 -15.72 -0.47
N ALA A 264 -1.17 -15.54 0.80
CA ALA A 264 -0.55 -14.55 1.70
C ALA A 264 -0.18 -15.27 2.97
N TRP A 265 1.00 -15.00 3.48
CA TRP A 265 1.51 -15.67 4.69
C TRP A 265 2.37 -14.72 5.48
N GLU A 266 2.59 -15.11 6.71
CA GLU A 266 3.34 -14.32 7.70
C GLU A 266 4.00 -15.30 8.65
N VAL A 267 5.29 -15.09 8.91
CA VAL A 267 5.99 -15.83 9.99
C VAL A 267 6.46 -14.80 10.99
N GLN A 268 5.93 -14.90 12.22
CA GLN A 268 6.31 -14.02 13.36
C GLN A 268 7.35 -14.79 14.17
N GLY A 269 8.45 -14.11 14.50
CA GLY A 269 9.56 -14.69 15.28
C GLY A 269 9.91 -13.86 16.48
N THR A 270 10.82 -14.36 17.33
CA THR A 270 11.26 -13.63 18.55
C THR A 270 12.10 -12.41 18.17
N GLU A 271 12.68 -12.36 16.96
CA GLU A 271 13.58 -11.24 16.53
C GLU A 271 13.09 -10.60 15.23
N GLY A 272 11.85 -10.87 14.81
CA GLY A 272 11.36 -10.20 13.60
C GLY A 272 10.13 -10.85 13.03
N THR A 273 9.69 -10.34 11.88
CA THR A 273 8.48 -10.82 11.17
C THR A 273 8.74 -10.77 9.67
N LEU A 274 8.36 -11.82 8.97
CA LEU A 274 8.33 -11.83 7.48
C LEU A 274 6.87 -11.91 7.03
N ARG A 275 6.51 -11.09 6.04
CA ARG A 275 5.13 -11.07 5.47
C ARG A 275 5.19 -11.03 3.93
N PHE A 276 4.28 -11.73 3.27
CA PHE A 276 4.24 -11.88 1.79
C PHE A 276 2.79 -12.05 1.30
N ASP A 277 2.52 -11.55 0.10
CA ASP A 277 1.21 -11.69 -0.61
C ASP A 277 1.50 -11.94 -2.10
N GLN A 278 1.11 -13.10 -2.63
CA GLN A 278 1.46 -13.57 -4.01
C GLN A 278 0.90 -12.59 -5.05
N GLU A 279 -0.12 -11.78 -4.72
CA GLU A 279 -0.70 -10.78 -5.65
C GLU A 279 0.31 -9.63 -5.86
N ARG A 280 1.25 -9.46 -4.93
CA ARG A 280 2.44 -8.56 -5.08
C ARG A 280 3.69 -9.42 -4.87
N MET A 281 3.92 -10.36 -5.79
CA MET A 281 4.88 -11.46 -5.61
C MET A 281 6.32 -10.93 -5.64
N ASN A 282 6.53 -9.64 -5.94
CA ASN A 282 7.87 -9.00 -5.97
C ASN A 282 8.16 -8.25 -4.67
N GLU A 283 7.35 -8.42 -3.63
CA GLU A 283 7.57 -7.71 -2.34
C GLU A 283 7.64 -8.70 -1.18
N LEU A 284 8.66 -8.53 -0.34
CA LEU A 284 8.82 -9.30 0.90
C LEU A 284 8.98 -8.30 2.03
N TRP A 285 8.17 -8.41 3.07
CA TRP A 285 8.16 -7.44 4.20
C TRP A 285 8.91 -8.05 5.38
N LEU A 286 10.01 -7.41 5.78
CA LEU A 286 10.86 -7.87 6.89
C LEU A 286 10.88 -6.80 7.96
N TYR A 287 10.36 -7.11 9.13
CA TYR A 287 10.60 -6.29 10.34
C TYR A 287 11.70 -6.94 11.17
N GLN A 288 12.69 -6.13 11.52
CA GLN A 288 13.67 -6.44 12.58
C GLN A 288 13.77 -5.24 13.50
N PRO A 289 14.06 -5.45 14.80
CA PRO A 289 14.18 -4.34 15.74
C PRO A 289 15.23 -3.36 15.25
N GLY A 290 14.97 -2.08 15.42
CA GLY A 290 15.90 -1.00 15.09
C GLY A 290 15.73 0.15 16.06
N ARG A 291 16.55 1.18 15.94
CA ARG A 291 16.49 2.33 16.87
C ARG A 291 15.14 3.01 16.68
N PRO A 292 14.54 3.51 17.79
CA PRO A 292 13.18 4.07 17.76
C PRO A 292 12.92 5.10 16.63
N GLU A 293 13.90 5.92 16.28
CA GLU A 293 13.73 6.99 15.27
C GLU A 293 13.41 6.42 13.87
N ILE A 294 13.90 5.23 13.51
CA ILE A 294 13.72 4.67 12.13
C ILE A 294 13.08 3.26 12.18
N ASP A 295 12.61 2.82 13.34
CA ASP A 295 12.00 1.48 13.53
C ASP A 295 10.81 1.29 12.57
N GLY A 296 10.78 0.16 11.84
CA GLY A 296 9.66 -0.17 10.95
C GLY A 296 9.97 -1.32 10.01
N PHE A 297 8.93 -1.95 9.46
CA PHE A 297 9.03 -3.01 8.42
C PHE A 297 9.82 -2.47 7.22
N ARG A 298 10.65 -3.31 6.60
CA ARG A 298 11.32 -3.00 5.32
C ARG A 298 10.54 -3.65 4.16
N ARG A 299 10.38 -2.93 3.06
CA ARG A 299 9.84 -3.49 1.79
C ARG A 299 11.03 -3.94 0.93
N ILE A 300 11.28 -5.24 0.91
CA ILE A 300 12.35 -5.84 0.06
C ILE A 300 11.77 -6.07 -1.33
N LEU A 301 12.20 -5.26 -2.30
CA LEU A 301 11.77 -5.40 -3.72
C LEU A 301 12.62 -6.48 -4.35
N THR A 302 11.98 -7.47 -4.98
CA THR A 302 12.68 -8.62 -5.62
C THR A 302 13.71 -8.12 -6.65
N GLY A 303 14.94 -8.62 -6.53
CA GLY A 303 16.08 -8.29 -7.41
C GLY A 303 17.11 -9.42 -7.44
N PRO A 304 18.31 -9.19 -8.00
CA PRO A 304 19.34 -10.22 -8.16
C PRO A 304 19.90 -10.82 -6.87
N ALA A 305 19.70 -10.17 -5.72
CA ALA A 305 20.11 -10.69 -4.39
C ALA A 305 19.28 -11.93 -4.02
N GLN A 306 18.12 -12.17 -4.65
CA GLN A 306 17.20 -13.28 -4.24
C GLN A 306 17.41 -14.46 -5.18
N PRO A 307 17.24 -15.71 -4.69
CA PRO A 307 17.48 -16.91 -5.50
C PRO A 307 16.66 -16.95 -6.79
N GLY A 308 17.31 -17.30 -7.91
CA GLY A 308 16.70 -17.49 -9.24
C GLY A 308 16.57 -16.22 -10.05
N PHE A 309 16.50 -15.05 -9.42
CA PHE A 309 16.15 -13.79 -10.14
C PHE A 309 17.19 -13.50 -11.24
N ALA A 310 18.48 -13.61 -10.92
CA ALA A 310 19.62 -13.19 -11.79
C ALA A 310 19.59 -13.96 -13.13
N ALA A 311 19.00 -15.15 -13.16
CA ALA A 311 18.87 -15.96 -14.39
C ALA A 311 17.91 -15.30 -15.40
N PHE A 312 17.06 -14.36 -14.96
CA PHE A 312 15.99 -13.72 -15.80
C PHE A 312 16.26 -12.24 -16.04
N CYS A 313 16.97 -11.55 -15.13
CA CYS A 313 17.23 -10.09 -15.22
C CYS A 313 18.38 -9.69 -14.29
N PRO A 314 19.30 -8.77 -14.70
CA PRO A 314 20.41 -8.36 -13.82
C PRO A 314 20.05 -7.24 -12.83
N GLY A 315 18.98 -6.48 -13.07
CA GLY A 315 18.63 -5.28 -12.28
C GLY A 315 17.36 -5.46 -11.46
N GLY A 316 17.42 -5.09 -10.18
CA GLY A 316 16.27 -5.20 -9.25
C GLY A 316 15.07 -4.43 -9.75
N GLY A 317 13.88 -4.77 -9.26
CA GLY A 317 12.64 -4.01 -9.49
C GLY A 317 12.04 -4.29 -10.87
N HIS A 318 12.68 -5.11 -11.70
CA HIS A 318 12.09 -5.62 -12.96
C HIS A 318 11.26 -6.85 -12.60
N ASN A 319 9.95 -6.64 -12.37
CA ASN A 319 9.06 -7.63 -11.71
C ASN A 319 9.22 -9.02 -12.36
N PHE A 320 9.61 -9.99 -11.54
CA PHE A 320 9.59 -11.44 -11.84
C PHE A 320 8.13 -11.86 -12.00
N GLY A 321 7.82 -12.72 -12.97
CA GLY A 321 6.43 -13.13 -13.29
C GLY A 321 6.06 -14.48 -12.70
N PHE A 322 4.76 -14.73 -12.60
CA PHE A 322 4.18 -16.05 -12.22
C PHE A 322 4.79 -17.18 -13.07
N ASN A 323 4.83 -17.00 -14.40
CA ASN A 323 5.26 -18.07 -15.35
C ASN A 323 6.76 -18.35 -15.18
N GLU A 324 7.53 -17.37 -14.72
CA GLU A 324 8.98 -17.54 -14.49
C GLU A 324 9.17 -18.49 -13.31
N GLN A 325 8.21 -18.55 -12.39
CA GLN A 325 8.22 -19.57 -11.29
C GLN A 325 8.38 -20.96 -11.90
N LYS A 326 7.72 -21.22 -13.02
CA LYS A 326 7.70 -22.58 -13.66
C LYS A 326 9.02 -22.87 -14.37
N VAL A 327 9.71 -21.84 -14.88
CA VAL A 327 11.05 -21.96 -15.52
C VAL A 327 12.04 -22.41 -14.43
N VAL A 328 11.94 -21.83 -13.23
CA VAL A 328 12.77 -22.26 -12.06
C VAL A 328 12.47 -23.73 -11.75
N GLU A 329 11.18 -24.10 -11.69
CA GLU A 329 10.73 -25.47 -11.34
C GLU A 329 11.32 -26.46 -12.34
N ALA A 330 11.15 -26.17 -13.64
CA ALA A 330 11.73 -26.95 -14.77
C ALA A 330 13.24 -27.12 -14.55
N GLU A 331 13.94 -26.04 -14.21
CA GLU A 331 15.40 -26.07 -13.99
C GLU A 331 15.73 -26.99 -12.80
N MET A 332 14.98 -26.87 -11.70
CA MET A 332 15.18 -27.72 -10.49
C MET A 332 15.04 -29.20 -10.86
N LEU A 333 14.08 -29.55 -11.73
CA LEU A 333 13.87 -30.95 -12.16
C LEU A 333 15.01 -31.38 -13.09
N ARG A 334 15.41 -30.49 -14.00
CA ARG A 334 16.53 -30.69 -14.95
C ARG A 334 17.80 -31.05 -14.17
N GLN A 335 18.08 -30.29 -13.11
CA GLN A 335 19.30 -30.47 -12.31
C GLN A 335 19.22 -31.77 -11.51
N ALA A 336 18.03 -32.13 -11.00
CA ALA A 336 17.81 -33.39 -10.26
C ALA A 336 18.06 -34.57 -11.21
N ILE A 337 17.50 -34.50 -12.41
CA ILE A 337 17.66 -35.57 -13.44
C ILE A 337 19.15 -35.75 -13.74
N ALA A 338 19.93 -34.66 -13.83
CA ALA A 338 21.38 -34.72 -14.13
C ALA A 338 22.17 -34.98 -12.84
N GLY A 339 21.48 -35.41 -11.77
CA GLY A 339 22.06 -35.78 -10.47
C GLY A 339 22.85 -34.65 -9.84
N ARG A 340 22.41 -33.40 -9.99
CA ARG A 340 23.16 -32.19 -9.55
C ARG A 340 22.42 -31.47 -8.40
N GLY A 341 21.45 -32.13 -7.78
CA GLY A 341 20.68 -31.57 -6.65
C GLY A 341 19.28 -32.14 -6.59
N LYS A 342 18.82 -32.51 -5.39
CA LYS A 342 17.47 -33.09 -5.18
C LYS A 342 16.42 -32.00 -5.46
N ALA A 343 15.32 -32.38 -6.10
CA ALA A 343 14.15 -31.52 -6.38
C ALA A 343 13.13 -31.68 -5.24
N TRP A 344 12.44 -30.61 -4.87
CA TRP A 344 11.39 -30.67 -3.82
C TRP A 344 10.11 -30.07 -4.39
N PRO A 345 8.94 -30.68 -4.16
CA PRO A 345 8.82 -31.99 -3.52
C PRO A 345 8.68 -33.16 -4.51
N ASP A 346 9.34 -34.27 -4.22
CA ASP A 346 9.16 -35.55 -4.94
C ASP A 346 7.89 -36.22 -4.39
N PHE A 347 7.58 -37.42 -4.84
CA PHE A 347 6.33 -38.15 -4.53
C PHE A 347 6.30 -38.47 -3.02
N THR A 348 7.45 -38.68 -2.41
CA THR A 348 7.61 -38.94 -0.96
C THR A 348 7.22 -37.66 -0.19
N ASP A 349 7.88 -36.54 -0.52
CA ASP A 349 7.58 -35.23 0.12
C ASP A 349 6.13 -34.85 -0.18
N GLY A 350 5.66 -35.14 -1.39
CA GLY A 350 4.30 -34.78 -1.85
C GLY A 350 3.22 -35.53 -1.10
N LEU A 351 3.41 -36.82 -0.82
CA LEU A 351 2.42 -37.65 -0.08
C LEU A 351 2.16 -37.02 1.30
N THR A 352 3.19 -36.52 1.98
CA THR A 352 3.04 -35.81 3.28
C THR A 352 2.04 -34.66 3.13
N ILE A 353 2.11 -33.90 2.03
CA ILE A 353 1.20 -32.74 1.81
C ILE A 353 -0.21 -33.28 1.55
N GLU A 354 -0.33 -34.45 0.90
CA GLU A 354 -1.66 -35.07 0.64
C GLU A 354 -2.29 -35.46 1.98
N ARG A 355 -1.49 -35.99 2.91
CA ARG A 355 -1.95 -36.40 4.25
C ARG A 355 -2.46 -35.17 5.01
N VAL A 356 -1.76 -34.05 4.93
CA VAL A 356 -2.14 -32.82 5.69
C VAL A 356 -3.49 -32.30 5.18
N ILE A 357 -3.69 -32.11 3.88
CA ILE A 357 -4.95 -31.50 3.37
C ILE A 357 -6.10 -32.48 3.60
N HIS A 358 -5.89 -33.79 3.44
CA HIS A 358 -6.95 -34.81 3.68
C HIS A 358 -7.26 -34.90 5.19
N GLY A 359 -6.24 -34.79 6.04
CA GLY A 359 -6.45 -34.68 7.49
C GLY A 359 -7.28 -33.44 7.83
N MET A 360 -7.04 -32.33 7.15
CA MET A 360 -7.83 -31.11 7.40
C MET A 360 -9.30 -31.37 7.06
N ALA A 361 -9.57 -32.01 5.92
CA ALA A 361 -10.94 -32.29 5.44
C ALA A 361 -11.64 -33.21 6.43
N THR A 362 -10.94 -34.26 6.88
CA THR A 362 -11.38 -35.23 7.92
C THR A 362 -11.75 -34.47 9.20
N SER A 363 -10.84 -33.65 9.71
CA SER A 363 -11.06 -32.84 10.93
C SER A 363 -12.32 -31.97 10.79
N ALA A 364 -12.52 -31.36 9.63
CA ALA A 364 -13.71 -30.49 9.37
C ALA A 364 -14.99 -31.34 9.41
N GLN A 365 -14.97 -32.54 8.83
CA GLN A 365 -16.15 -33.44 8.76
C GLN A 365 -16.56 -33.95 10.16
N THR A 366 -15.58 -34.37 10.96
CA THR A 366 -15.79 -35.08 12.25
C THR A 366 -15.82 -34.10 13.42
N GLY A 367 -15.31 -32.88 13.23
CA GLY A 367 -15.21 -31.88 14.31
C GLY A 367 -14.18 -32.27 15.36
N GLN A 368 -13.19 -33.11 15.00
CA GLN A 368 -12.10 -33.53 15.92
C GLN A 368 -10.74 -33.15 15.35
N PRO A 369 -9.71 -32.91 16.18
CA PRO A 369 -8.35 -32.70 15.66
C PRO A 369 -7.81 -33.98 15.02
N VAL A 370 -6.87 -33.85 14.11
CA VAL A 370 -6.15 -34.97 13.47
C VAL A 370 -4.65 -34.77 13.71
N ASN A 371 -3.94 -35.85 14.07
CA ASN A 371 -2.48 -35.85 14.37
C ASN A 371 -1.75 -36.62 13.27
N PHE A 372 -0.47 -36.31 13.07
CA PHE A 372 0.40 -36.91 12.02
C PHE A 372 1.62 -37.58 12.67
N ALA B 7 7.24 -19.00 -41.41
CA ALA B 7 8.05 -18.85 -40.14
C ALA B 7 9.13 -17.77 -40.35
N LEU B 8 9.16 -16.76 -39.47
CA LEU B 8 10.13 -15.64 -39.48
C LEU B 8 11.53 -16.16 -39.19
N GLY B 9 12.49 -15.87 -40.05
CA GLY B 9 13.92 -16.13 -39.78
C GLY B 9 14.49 -15.04 -38.92
N VAL B 10 15.08 -15.38 -37.78
CA VAL B 10 15.50 -14.37 -36.77
C VAL B 10 17.02 -14.39 -36.61
N ALA B 11 17.59 -13.18 -36.69
CA ALA B 11 18.99 -12.87 -36.30
C ALA B 11 18.92 -12.05 -35.01
N LEU B 12 19.76 -12.40 -34.05
CA LEU B 12 19.91 -11.64 -32.78
C LEU B 12 21.36 -11.22 -32.64
N ILE B 13 21.59 -9.92 -32.39
CA ILE B 13 22.93 -9.32 -32.18
C ILE B 13 23.00 -8.81 -30.74
N GLY B 14 23.94 -9.31 -29.95
CA GLY B 14 24.07 -8.99 -28.53
C GLY B 14 23.47 -10.09 -27.69
N THR B 15 24.27 -10.70 -26.83
CA THR B 15 23.87 -11.85 -25.99
C THR B 15 23.98 -11.40 -24.53
N GLY B 16 24.01 -10.07 -24.33
CA GLY B 16 23.86 -9.42 -23.03
C GLY B 16 22.48 -9.70 -22.50
N PHE B 17 22.05 -8.98 -21.47
CA PHE B 17 20.81 -9.25 -20.72
C PHE B 17 19.59 -8.89 -21.57
N MET B 18 19.65 -7.81 -22.34
CA MET B 18 18.56 -7.43 -23.27
C MET B 18 18.56 -8.36 -24.49
N GLY B 19 19.73 -8.86 -24.90
CA GLY B 19 19.85 -9.95 -25.89
C GLY B 19 19.07 -11.19 -25.45
N LYS B 20 19.33 -11.65 -24.23
CA LYS B 20 18.64 -12.80 -23.58
C LYS B 20 17.14 -12.49 -23.44
N CYS B 21 16.78 -11.26 -23.08
CA CYS B 21 15.37 -10.81 -22.99
C CYS B 21 14.71 -11.02 -24.37
N HIS B 22 15.37 -10.60 -25.45
CA HIS B 22 14.87 -10.77 -26.85
C HIS B 22 14.74 -12.26 -27.19
N ALA B 23 15.78 -13.05 -26.90
CA ALA B 23 15.83 -14.49 -27.20
C ALA B 23 14.63 -15.19 -26.54
N MET B 24 14.39 -14.88 -25.26
CA MET B 24 13.31 -15.50 -24.46
C MET B 24 11.95 -15.12 -25.08
N ALA B 25 11.86 -13.93 -25.67
CA ALA B 25 10.61 -13.44 -26.29
C ALA B 25 10.40 -14.17 -27.63
N TRP B 26 11.44 -14.26 -28.44
CA TRP B 26 11.36 -14.97 -29.75
C TRP B 26 10.97 -16.44 -29.52
N ARG B 27 11.53 -17.06 -28.47
CA ARG B 27 11.32 -18.50 -28.16
C ARG B 27 9.85 -18.78 -27.84
N ASN B 28 9.16 -17.87 -27.13
CA ASN B 28 7.79 -18.15 -26.58
C ASN B 28 6.70 -17.37 -27.31
N VAL B 29 7.02 -16.60 -28.35
CA VAL B 29 6.01 -15.68 -28.97
C VAL B 29 4.90 -16.53 -29.61
N ALA B 30 5.22 -17.62 -30.31
CA ALA B 30 4.20 -18.53 -30.91
C ALA B 30 3.53 -19.35 -29.80
N THR B 31 4.28 -19.77 -28.77
CA THR B 31 3.71 -20.50 -27.61
C THR B 31 2.54 -19.68 -27.02
N ALA B 32 2.75 -18.39 -26.80
CA ALA B 32 1.76 -17.46 -26.19
C ALA B 32 0.63 -17.17 -27.18
N PHE B 33 0.98 -16.69 -28.39
CA PHE B 33 0.08 -16.02 -29.35
C PHE B 33 -0.30 -16.94 -30.52
N GLY B 34 0.30 -18.13 -30.62
CA GLY B 34 -0.03 -19.09 -31.69
C GLY B 34 0.74 -18.78 -32.97
N GLY B 35 0.34 -19.43 -34.07
CA GLY B 35 1.06 -19.38 -35.36
C GLY B 35 2.32 -20.21 -35.33
N LEU B 36 3.25 -19.96 -36.25
CA LEU B 36 4.50 -20.73 -36.45
C LEU B 36 5.60 -20.12 -35.58
N PRO B 37 6.33 -20.93 -34.77
CA PRO B 37 7.46 -20.39 -34.02
C PRO B 37 8.48 -19.80 -35.00
N PRO B 38 8.96 -18.57 -34.76
CA PRO B 38 10.08 -18.02 -35.53
C PRO B 38 11.29 -18.97 -35.51
N ARG B 39 12.02 -19.05 -36.64
CA ARG B 39 13.32 -19.77 -36.74
C ARG B 39 14.42 -18.90 -36.12
N LEU B 40 15.14 -19.43 -35.15
CA LEU B 40 16.30 -18.72 -34.53
C LEU B 40 17.53 -19.07 -35.36
N GLU B 41 17.81 -18.26 -36.39
CA GLU B 41 18.84 -18.57 -37.43
C GLU B 41 20.24 -18.31 -36.90
N VAL B 42 20.57 -17.07 -36.52
CA VAL B 42 21.98 -16.71 -36.20
C VAL B 42 22.02 -15.71 -35.03
N LEU B 43 22.89 -16.02 -34.09
CA LEU B 43 23.20 -15.19 -32.91
C LEU B 43 24.58 -14.58 -33.14
N ALA B 44 24.75 -13.27 -32.93
CA ALA B 44 26.05 -12.61 -33.14
C ALA B 44 26.53 -11.95 -31.85
N ASP B 45 27.78 -12.24 -31.45
CA ASP B 45 28.48 -11.58 -30.32
C ASP B 45 29.98 -11.88 -30.35
N MET B 46 30.74 -11.28 -29.43
CA MET B 46 32.20 -11.53 -29.19
C MET B 46 32.45 -11.70 -27.70
N PRO B 47 33.39 -12.60 -27.31
CA PRO B 47 34.22 -13.33 -28.26
C PRO B 47 33.44 -14.39 -29.05
N ALA B 48 34.01 -14.95 -30.12
CA ALA B 48 33.33 -15.96 -30.96
C ALA B 48 33.00 -17.23 -30.14
N ASP B 49 33.72 -17.53 -29.04
CA ASP B 49 33.48 -18.73 -28.16
C ASP B 49 32.16 -18.52 -27.42
N LYS B 50 31.95 -17.23 -27.16
CA LYS B 50 30.78 -16.59 -26.54
C LYS B 50 29.50 -16.80 -27.36
N ALA B 51 29.45 -16.19 -28.55
CA ALA B 51 28.40 -16.35 -29.57
C ALA B 51 28.00 -17.84 -29.67
N HIS B 52 28.97 -18.77 -29.67
CA HIS B 52 28.75 -20.23 -29.83
C HIS B 52 28.12 -20.82 -28.57
N SER B 53 28.63 -20.49 -27.38
CA SER B 53 28.10 -20.97 -26.08
C SER B 53 26.61 -20.65 -25.99
N LEU B 54 26.25 -19.39 -26.24
CA LEU B 54 24.87 -18.87 -26.05
C LEU B 54 23.99 -19.24 -27.26
N ALA B 55 24.56 -19.49 -28.44
CA ALA B 55 23.76 -19.97 -29.59
C ALA B 55 23.14 -21.33 -29.21
N SER B 56 23.92 -22.16 -28.54
CA SER B 56 23.51 -23.51 -28.09
C SER B 56 22.35 -23.36 -27.09
N SER B 57 22.56 -22.63 -25.99
CA SER B 57 21.56 -22.53 -24.89
C SER B 57 20.37 -21.65 -25.30
N PHE B 58 20.53 -20.68 -26.22
CA PHE B 58 19.45 -19.77 -26.68
C PHE B 58 18.64 -20.43 -27.79
N GLY B 59 19.17 -21.49 -28.41
CA GLY B 59 18.50 -22.31 -29.44
C GLY B 59 18.65 -21.74 -30.84
N PHE B 60 19.73 -21.00 -31.11
CA PHE B 60 20.02 -20.48 -32.48
C PHE B 60 20.80 -21.54 -33.27
N ALA B 61 20.47 -21.70 -34.55
CA ALA B 61 21.08 -22.73 -35.43
C ALA B 61 22.60 -22.56 -35.44
N ARG B 62 23.10 -21.31 -35.41
CA ARG B 62 24.56 -21.02 -35.43
C ARG B 62 24.88 -19.71 -34.71
N GLY B 63 26.04 -19.66 -34.06
CA GLY B 63 26.63 -18.43 -33.52
C GLY B 63 27.69 -17.89 -34.46
N THR B 64 27.89 -16.58 -34.47
CA THR B 64 28.90 -15.90 -35.33
C THR B 64 29.44 -14.67 -34.60
N ALA B 65 30.73 -14.38 -34.77
CA ALA B 65 31.37 -13.16 -34.25
C ALA B 65 31.31 -12.04 -35.28
N ASP B 66 30.76 -12.33 -36.46
CA ASP B 66 30.62 -11.37 -37.59
C ASP B 66 29.16 -10.93 -37.68
N TRP B 67 28.78 -9.84 -37.01
CA TRP B 67 27.37 -9.35 -37.00
C TRP B 67 26.96 -8.96 -38.43
N ARG B 68 27.89 -8.47 -39.25
CA ARG B 68 27.60 -8.00 -40.64
C ARG B 68 27.16 -9.21 -41.48
N GLU B 69 27.78 -10.36 -41.27
CA GLU B 69 27.42 -11.65 -41.91
C GLU B 69 26.01 -12.07 -41.45
N ALA B 70 25.75 -12.02 -40.14
CA ALA B 70 24.45 -12.37 -39.50
C ALA B 70 23.30 -11.60 -40.19
N VAL B 71 23.49 -10.30 -40.37
CA VAL B 71 22.46 -9.31 -40.82
C VAL B 71 22.11 -9.55 -42.29
N SER B 72 23.03 -10.11 -43.08
CA SER B 72 22.86 -10.30 -44.55
C SER B 72 22.50 -11.76 -44.86
N ASP B 73 22.46 -12.64 -43.85
CA ASP B 73 22.08 -14.06 -44.01
C ASP B 73 20.72 -14.14 -44.70
N PRO B 74 20.60 -14.83 -45.86
CA PRO B 74 19.32 -14.93 -46.58
C PRO B 74 18.21 -15.73 -45.87
N ALA B 75 18.56 -16.54 -44.87
CA ALA B 75 17.58 -17.29 -44.05
C ALA B 75 16.99 -16.38 -42.96
N VAL B 76 17.45 -15.12 -42.89
CA VAL B 76 17.07 -14.09 -41.87
C VAL B 76 16.05 -13.13 -42.49
N ASP B 77 15.03 -12.76 -41.72
CA ASP B 77 13.95 -11.82 -42.15
C ASP B 77 13.96 -10.57 -41.26
N VAL B 78 14.21 -10.76 -39.96
CA VAL B 78 14.14 -9.70 -38.92
C VAL B 78 15.41 -9.78 -38.07
N VAL B 79 15.97 -8.63 -37.73
CA VAL B 79 17.15 -8.52 -36.83
C VAL B 79 16.75 -7.80 -35.53
N SER B 80 17.00 -8.48 -34.41
CA SER B 80 17.01 -7.89 -33.04
C SER B 80 18.39 -7.32 -32.79
N ILE B 81 18.48 -6.03 -32.46
CA ILE B 81 19.77 -5.35 -32.13
C ILE B 81 19.72 -4.92 -30.65
N THR B 82 20.58 -5.53 -29.83
CA THR B 82 20.60 -5.31 -28.36
C THR B 82 22.02 -4.92 -27.91
N THR B 83 22.86 -4.46 -28.84
CA THR B 83 24.29 -4.15 -28.59
C THR B 83 24.40 -2.78 -27.90
N PRO B 84 25.63 -2.32 -27.55
CA PRO B 84 25.81 -0.99 -26.97
C PRO B 84 25.29 0.14 -27.89
N ASN B 85 24.87 1.23 -27.26
CA ASN B 85 24.11 2.36 -27.87
C ASN B 85 24.86 2.91 -29.10
N GLY B 86 26.18 3.04 -29.03
CA GLY B 86 27.02 3.67 -30.08
C GLY B 86 27.01 2.91 -31.40
N LEU B 87 26.65 1.62 -31.41
CA LEU B 87 26.66 0.76 -32.62
C LEU B 87 25.25 0.64 -33.22
N HIS B 88 24.24 1.28 -32.60
CA HIS B 88 22.81 1.13 -32.96
C HIS B 88 22.58 1.60 -34.40
N ARG B 89 23.05 2.80 -34.74
CA ARG B 89 22.85 3.38 -36.10
C ARG B 89 23.44 2.44 -37.14
N GLU B 90 24.72 2.12 -36.96
CA GLU B 90 25.50 1.29 -37.91
C GLU B 90 24.73 -0.01 -38.16
N MET B 91 24.43 -0.76 -37.10
CA MET B 91 23.84 -2.12 -37.22
C MET B 91 22.43 -2.03 -37.80
N ALA B 92 21.65 -1.02 -37.40
CA ALA B 92 20.26 -0.81 -37.89
C ALA B 92 20.28 -0.52 -39.40
N GLU B 93 21.06 0.46 -39.84
CA GLU B 93 21.10 0.84 -41.28
C GLU B 93 21.63 -0.35 -42.11
N ALA B 94 22.66 -1.04 -41.62
CA ALA B 94 23.20 -2.24 -42.31
C ALA B 94 22.07 -3.25 -42.52
N ALA B 95 21.23 -3.48 -41.49
CA ALA B 95 20.14 -4.48 -41.53
C ALA B 95 19.04 -4.06 -42.49
N LEU B 96 18.67 -2.77 -42.49
CA LEU B 96 17.69 -2.17 -43.42
C LEU B 96 18.24 -2.26 -44.86
N ALA B 97 19.54 -1.95 -45.04
CA ALA B 97 20.26 -2.04 -46.33
C ALA B 97 20.12 -3.47 -46.88
N ALA B 98 20.23 -4.49 -46.03
CA ALA B 98 20.12 -5.91 -46.43
C ALA B 98 18.65 -6.32 -46.58
N GLY B 99 17.70 -5.38 -46.50
CA GLY B 99 16.25 -5.66 -46.62
C GLY B 99 15.71 -6.47 -45.45
N LYS B 100 16.23 -6.25 -44.24
CA LYS B 100 15.74 -6.92 -43.00
C LYS B 100 14.88 -5.95 -42.19
N HIS B 101 13.80 -6.46 -41.58
CA HIS B 101 13.01 -5.76 -40.53
C HIS B 101 13.91 -5.56 -39.31
N VAL B 102 13.67 -4.53 -38.50
CA VAL B 102 14.56 -4.25 -37.34
C VAL B 102 13.74 -4.10 -36.05
N TRP B 103 14.18 -4.82 -35.02
CA TRP B 103 13.78 -4.64 -33.61
C TRP B 103 14.94 -3.98 -32.87
N LEU B 104 14.86 -2.68 -32.62
CA LEU B 104 16.02 -1.91 -32.14
C LEU B 104 15.80 -1.51 -30.67
N GLU B 105 16.70 -1.96 -29.79
CA GLU B 105 16.72 -1.49 -28.39
C GLU B 105 16.95 0.01 -28.45
N LYS B 106 16.34 0.73 -27.52
CA LYS B 106 16.58 2.19 -27.39
C LYS B 106 18.05 2.35 -27.03
N PRO B 107 18.70 3.45 -27.43
CA PRO B 107 18.07 4.47 -28.28
C PRO B 107 18.35 4.17 -29.76
N MET B 108 17.67 4.87 -30.65
CA MET B 108 17.95 4.80 -32.10
C MET B 108 19.44 5.07 -32.31
N ALA B 109 19.95 6.12 -31.68
CA ALA B 109 21.34 6.60 -31.79
C ALA B 109 21.60 7.57 -30.64
N LEU B 110 22.85 8.02 -30.46
CA LEU B 110 23.24 9.00 -29.42
C LEU B 110 22.77 10.41 -29.80
N SER B 111 22.77 10.74 -31.10
CA SER B 111 22.47 12.10 -31.61
C SER B 111 21.17 12.08 -32.41
N VAL B 112 20.46 13.21 -32.40
CA VAL B 112 19.26 13.45 -33.24
C VAL B 112 19.65 13.25 -34.70
N GLU B 113 20.83 13.78 -35.10
CA GLU B 113 21.33 13.76 -36.51
C GLU B 113 21.36 12.31 -37.01
N ASP B 114 21.96 11.42 -36.22
CA ASP B 114 22.06 9.96 -36.53
C ASP B 114 20.66 9.33 -36.62
N ALA B 115 19.77 9.61 -35.66
CA ALA B 115 18.40 9.04 -35.62
C ALA B 115 17.64 9.46 -36.89
N GLN B 116 17.84 10.71 -37.34
CA GLN B 116 17.20 11.32 -38.53
C GLN B 116 17.61 10.55 -39.80
N ALA B 117 18.91 10.29 -39.96
CA ALA B 117 19.45 9.44 -41.04
C ALA B 117 18.80 8.05 -40.97
N MET B 118 18.77 7.46 -39.77
CA MET B 118 18.11 6.14 -39.53
C MET B 118 16.65 6.21 -39.96
N GLU B 119 15.97 7.31 -39.66
CA GLU B 119 14.53 7.51 -39.94
C GLU B 119 14.34 7.50 -41.46
N ALA B 120 15.16 8.27 -42.20
CA ALA B 120 15.13 8.35 -43.68
C ALA B 120 15.45 6.98 -44.28
N ALA B 121 16.47 6.31 -43.76
CA ALA B 121 16.92 4.99 -44.23
C ALA B 121 15.80 3.95 -44.07
N ALA B 122 14.97 4.07 -43.03
CA ALA B 122 13.90 3.10 -42.70
C ALA B 122 12.75 3.25 -43.69
N ARG B 123 12.28 4.47 -43.93
CA ARG B 123 11.23 4.72 -44.95
C ARG B 123 11.71 4.12 -46.27
N ALA B 124 12.94 4.44 -46.67
CA ALA B 124 13.53 4.06 -47.98
C ALA B 124 13.57 2.54 -48.13
N SER B 125 13.69 1.81 -47.02
CA SER B 125 13.88 0.32 -47.02
C SER B 125 12.56 -0.41 -47.23
N ASP B 126 11.43 0.25 -46.90
CA ASP B 126 10.07 -0.36 -46.86
C ASP B 126 10.06 -1.60 -45.96
N ARG B 127 10.83 -1.58 -44.86
CA ARG B 127 10.87 -2.68 -43.88
C ARG B 127 10.25 -2.23 -42.55
N ARG B 128 9.66 -3.14 -41.80
CA ARG B 128 9.10 -2.81 -40.46
C ARG B 128 10.26 -2.51 -39.52
N THR B 129 10.05 -1.55 -38.62
CA THR B 129 10.96 -1.22 -37.51
C THR B 129 10.14 -1.05 -36.22
N ILE B 130 10.74 -1.35 -35.09
CA ILE B 130 10.12 -1.05 -33.77
C ILE B 130 11.25 -0.80 -32.78
N ILE B 131 11.07 0.18 -31.91
CA ILE B 131 12.04 0.49 -30.81
C ILE B 131 11.56 -0.22 -29.54
N GLY B 132 12.50 -0.79 -28.78
CA GLY B 132 12.23 -1.61 -27.58
C GLY B 132 11.75 -0.80 -26.39
N TYR B 133 10.68 -0.01 -26.54
CA TYR B 133 10.01 0.71 -25.42
C TYR B 133 9.03 -0.25 -24.72
N ASN B 134 9.60 -1.15 -23.94
CA ASN B 134 8.86 -2.35 -23.44
C ASN B 134 7.87 -1.94 -22.34
N TYR B 135 7.97 -0.74 -21.76
CA TYR B 135 7.05 -0.31 -20.67
C TYR B 135 5.70 0.08 -21.28
N THR B 136 5.59 0.17 -22.61
CA THR B 136 4.29 0.38 -23.30
C THR B 136 3.60 -0.95 -23.55
N ARG B 137 4.16 -2.09 -23.14
CA ARG B 137 3.63 -3.44 -23.50
C ARG B 137 2.89 -4.11 -22.33
N SER B 138 2.95 -3.57 -21.11
CA SER B 138 2.26 -4.22 -19.97
C SER B 138 0.77 -4.21 -20.24
N PRO B 139 0.03 -5.26 -19.81
CA PRO B 139 -1.43 -5.23 -19.85
C PRO B 139 -2.03 -4.01 -19.11
N ALA B 140 -1.43 -3.61 -18.00
CA ALA B 140 -1.90 -2.48 -17.19
C ALA B 140 -1.81 -1.21 -18.05
N PHE B 141 -0.67 -0.95 -18.66
CA PHE B 141 -0.49 0.29 -19.45
C PHE B 141 -1.45 0.31 -20.64
N ARG B 142 -1.60 -0.82 -21.33
CA ARG B 142 -2.43 -0.90 -22.57
C ARG B 142 -3.90 -0.75 -22.19
N ALA B 143 -4.30 -1.26 -21.03
CA ALA B 143 -5.67 -1.13 -20.48
C ALA B 143 -5.93 0.35 -20.15
N ALA B 144 -4.91 1.05 -19.65
CA ALA B 144 -4.97 2.51 -19.34
C ALA B 144 -5.25 3.30 -20.61
N VAL B 145 -4.53 3.03 -21.70
CA VAL B 145 -4.74 3.73 -23.01
C VAL B 145 -6.18 3.45 -23.47
N ASP B 146 -6.63 2.19 -23.43
CA ASP B 146 -8.00 1.83 -23.87
C ASP B 146 -9.00 2.54 -22.96
N LEU B 147 -8.79 2.57 -21.65
CA LEU B 147 -9.73 3.25 -20.71
C LEU B 147 -9.83 4.73 -21.10
N ILE B 148 -8.71 5.40 -21.33
CA ILE B 148 -8.72 6.83 -21.73
C ILE B 148 -9.52 6.98 -23.03
N ALA B 149 -9.29 6.06 -24.00
CA ALA B 149 -9.94 6.13 -25.34
C ALA B 149 -11.45 5.95 -25.20
N GLU B 150 -11.92 5.22 -24.18
CA GLU B 150 -13.38 4.99 -23.92
C GLU B 150 -13.98 6.14 -23.08
N GLY B 151 -13.19 7.14 -22.70
CA GLY B 151 -13.70 8.31 -21.94
C GLY B 151 -13.84 8.02 -20.46
N ALA B 152 -13.16 6.98 -19.96
CA ALA B 152 -13.19 6.53 -18.54
C ALA B 152 -12.86 7.68 -17.60
N ILE B 153 -11.95 8.59 -17.98
CA ILE B 153 -11.54 9.74 -17.12
C ILE B 153 -11.87 11.06 -17.82
N GLY B 154 -12.76 11.04 -18.82
CA GLY B 154 -13.13 12.23 -19.61
C GLY B 154 -11.92 12.79 -20.32
N ARG B 155 -11.74 14.11 -20.29
CA ARG B 155 -10.63 14.77 -21.01
C ARG B 155 -9.41 14.86 -20.09
N PRO B 156 -8.21 14.38 -20.51
CA PRO B 156 -6.98 14.58 -19.75
C PRO B 156 -6.65 16.07 -19.54
N ILE B 157 -6.41 16.47 -18.29
CA ILE B 157 -6.10 17.88 -17.92
C ILE B 157 -4.70 17.99 -17.31
N HIS B 158 -4.05 16.88 -16.93
CA HIS B 158 -2.69 16.93 -16.35
C HIS B 158 -2.04 15.55 -16.34
N PHE B 159 -0.75 15.53 -16.63
CA PHE B 159 0.13 14.35 -16.59
C PHE B 159 1.22 14.63 -15.57
N ARG B 160 1.52 13.65 -14.72
CA ARG B 160 2.70 13.69 -13.85
C ARG B 160 3.38 12.32 -13.94
N GLY B 161 4.62 12.31 -14.38
CA GLY B 161 5.43 11.09 -14.54
C GLY B 161 6.82 11.27 -13.97
N MET B 162 7.43 10.15 -13.63
CA MET B 162 8.79 10.07 -13.06
C MET B 162 9.37 8.72 -13.45
N TYR B 163 10.68 8.63 -13.49
CA TYR B 163 11.42 7.36 -13.63
C TYR B 163 12.66 7.44 -12.74
N ASP B 164 12.51 6.97 -11.50
CA ASP B 164 13.60 6.95 -10.49
C ASP B 164 14.23 5.55 -10.49
N GLU B 165 15.56 5.50 -10.58
CA GLU B 165 16.39 4.31 -10.30
C GLU B 165 17.62 4.79 -9.54
N ASP B 166 18.40 3.90 -8.95
CA ASP B 166 19.54 4.32 -8.10
C ASP B 166 20.82 3.59 -8.51
N TYR B 167 20.91 3.07 -9.75
CA TYR B 167 22.07 2.26 -10.22
C TYR B 167 23.35 3.11 -10.25
N MET B 168 23.25 4.46 -10.27
CA MET B 168 24.44 5.36 -10.25
C MET B 168 24.60 6.08 -8.90
N ALA B 169 23.75 5.79 -7.92
CA ALA B 169 23.72 6.52 -6.63
C ALA B 169 25.07 6.37 -5.90
N ASP B 170 25.64 5.17 -5.92
CA ASP B 170 26.94 4.86 -5.25
C ASP B 170 28.03 5.72 -5.90
N PRO B 171 28.56 6.76 -5.21
CA PRO B 171 29.58 7.63 -5.81
C PRO B 171 30.93 6.91 -6.06
N ASP B 172 31.15 5.75 -5.44
CA ASP B 172 32.37 4.94 -5.65
C ASP B 172 32.32 4.21 -6.99
N LEU B 173 31.16 4.11 -7.65
CA LEU B 173 31.11 3.46 -8.98
C LEU B 173 31.98 4.24 -9.96
N PRO B 174 32.74 3.48 -10.78
CA PRO B 174 33.80 4.03 -11.61
C PRO B 174 33.28 4.87 -12.77
N TRP B 175 34.01 5.94 -13.11
CA TRP B 175 33.86 6.67 -14.38
C TRP B 175 33.86 5.65 -15.54
N SER B 176 33.02 5.88 -16.55
CA SER B 176 32.98 5.08 -17.81
C SER B 176 32.81 6.06 -18.98
N TRP B 177 33.12 5.60 -20.20
CA TRP B 177 33.01 6.41 -21.44
C TRP B 177 31.52 6.68 -21.74
N ALA B 178 30.61 5.95 -21.08
CA ALA B 178 29.14 6.17 -21.14
C ALA B 178 28.74 7.47 -20.41
N LEU B 179 29.56 7.95 -19.44
CA LEU B 179 29.31 9.20 -18.65
C LEU B 179 29.88 10.42 -19.37
N THR B 180 30.32 10.24 -20.61
CA THR B 180 30.84 11.27 -21.54
C THR B 180 29.70 11.65 -22.50
N ARG B 181 29.60 12.94 -22.83
CA ARG B 181 28.62 13.42 -23.85
C ARG B 181 28.86 12.72 -25.18
N LYS B 182 30.11 12.67 -25.61
CA LYS B 182 30.49 12.18 -26.96
C LYS B 182 30.12 10.70 -27.07
N ASP B 183 30.64 9.90 -26.14
CA ASP B 183 30.66 8.42 -26.28
C ASP B 183 29.42 7.82 -25.61
N GLY B 184 28.71 8.60 -24.78
CA GLY B 184 27.48 8.15 -24.09
C GLY B 184 26.22 8.89 -24.54
N GLY B 185 26.34 10.18 -24.90
CA GLY B 185 25.20 11.07 -25.19
C GLY B 185 24.55 11.51 -23.89
N LEU B 186 23.23 11.32 -23.77
CA LEU B 186 22.46 11.74 -22.58
C LEU B 186 22.75 10.82 -21.40
N GLY B 187 22.58 11.33 -20.18
CA GLY B 187 22.65 10.56 -18.93
C GLY B 187 21.29 9.97 -18.61
N ALA B 188 20.68 10.40 -17.51
CA ALA B 188 19.37 9.92 -17.00
C ALA B 188 18.30 10.07 -18.08
N LEU B 189 18.32 11.16 -18.87
CA LEU B 189 17.31 11.39 -19.94
C LEU B 189 17.40 10.31 -21.02
N GLY B 190 18.61 9.79 -21.27
CA GLY B 190 18.87 8.71 -22.24
C GLY B 190 18.53 7.33 -21.68
N ASP B 191 18.93 7.01 -20.45
CA ASP B 191 18.69 5.66 -19.86
C ASP B 191 17.21 5.52 -19.43
N LEU B 192 16.57 6.59 -18.96
CA LEU B 192 15.25 6.52 -18.30
C LEU B 192 14.25 7.49 -18.94
N GLY B 193 14.66 8.74 -19.19
CA GLY B 193 13.79 9.79 -19.76
C GLY B 193 13.03 9.27 -20.98
N CYS B 194 13.74 8.64 -21.90
CA CYS B 194 13.19 8.16 -23.19
C CYS B 194 12.04 7.18 -22.92
N HIS B 195 12.16 6.33 -21.89
CA HIS B 195 11.10 5.36 -21.52
C HIS B 195 9.87 6.11 -21.03
N LEU B 196 10.07 7.12 -20.20
CA LEU B 196 8.98 7.94 -19.62
C LEU B 196 8.28 8.68 -20.77
N VAL B 197 9.05 9.29 -21.68
CA VAL B 197 8.46 9.94 -22.89
C VAL B 197 7.62 8.93 -23.67
N SER B 198 8.10 7.70 -23.89
CA SER B 198 7.40 6.68 -24.70
C SER B 198 6.00 6.41 -24.11
N VAL B 199 5.93 6.33 -22.78
CA VAL B 199 4.65 6.16 -22.01
C VAL B 199 3.85 7.47 -22.08
N MET B 200 4.51 8.60 -21.87
CA MET B 200 3.82 9.90 -21.69
C MET B 200 3.09 10.28 -23.00
N VAL B 201 3.77 10.25 -24.15
CA VAL B 201 3.17 10.69 -25.46
C VAL B 201 2.08 9.69 -25.87
N SER B 202 2.22 8.43 -25.48
CA SER B 202 1.21 7.37 -25.73
C SER B 202 -0.08 7.69 -24.98
N LEU B 203 0.02 8.34 -23.82
CA LEU B 203 -1.12 8.69 -22.95
C LEU B 203 -1.68 10.07 -23.33
N MET B 204 -0.83 11.07 -23.56
CA MET B 204 -1.23 12.50 -23.67
C MET B 204 -1.14 13.04 -25.10
N GLY B 205 -0.60 12.26 -26.04
CA GLY B 205 -0.32 12.73 -27.41
C GLY B 205 0.99 13.51 -27.44
N PRO B 206 1.35 14.13 -28.59
CA PRO B 206 2.67 14.77 -28.75
C PRO B 206 2.98 15.94 -27.80
N VAL B 207 4.27 16.14 -27.56
CA VAL B 207 4.82 17.28 -26.78
C VAL B 207 5.01 18.51 -27.69
N ALA B 208 4.47 19.66 -27.27
CA ALA B 208 4.62 20.95 -27.98
C ALA B 208 5.81 21.72 -27.41
N ARG B 209 6.07 21.58 -26.11
CA ARG B 209 7.08 22.43 -25.43
C ARG B 209 7.52 21.81 -24.12
N VAL B 210 8.79 22.03 -23.79
CA VAL B 210 9.38 21.70 -22.47
C VAL B 210 10.13 22.92 -21.92
N TYR B 211 10.16 23.02 -20.60
CA TYR B 211 11.14 23.83 -19.84
C TYR B 211 11.77 22.87 -18.83
N ALA B 212 13.08 22.70 -18.86
CA ALA B 212 13.76 21.66 -18.05
C ALA B 212 14.91 22.23 -17.23
N GLN B 213 15.18 21.54 -16.13
CA GLN B 213 16.39 21.66 -15.30
C GLN B 213 17.01 20.26 -15.25
N ALA B 214 18.30 20.20 -14.97
CA ALA B 214 19.06 18.94 -14.85
C ALA B 214 20.19 19.18 -13.87
N ASP B 215 20.74 18.11 -13.30
CA ASP B 215 21.91 18.22 -12.39
C ASP B 215 22.82 17.03 -12.64
N THR B 216 24.11 17.25 -12.48
CA THR B 216 25.11 16.18 -12.23
C THR B 216 25.35 16.18 -10.72
N VAL B 217 24.94 15.13 -10.03
CA VAL B 217 24.98 15.05 -8.54
C VAL B 217 26.36 14.55 -8.15
N ILE B 218 26.83 13.47 -8.78
CA ILE B 218 28.23 12.97 -8.60
C ILE B 218 29.02 13.38 -9.83
N THR B 219 29.85 14.42 -9.67
CA THR B 219 30.54 15.13 -10.79
C THR B 219 31.87 14.43 -11.14
N ASP B 220 32.49 13.70 -10.21
CA ASP B 220 33.79 13.02 -10.42
C ASP B 220 33.73 11.60 -9.85
N ARG B 221 34.30 10.63 -10.57
CA ARG B 221 34.23 9.20 -10.20
C ARG B 221 35.62 8.59 -10.33
N PRO B 222 35.89 7.45 -9.63
CA PRO B 222 37.16 6.74 -9.76
C PRO B 222 37.49 6.36 -11.22
N HIS B 223 38.64 6.82 -11.71
CA HIS B 223 39.18 6.51 -13.06
C HIS B 223 40.68 6.18 -13.00
N GLN B 224 41.02 4.93 -13.30
CA GLN B 224 42.40 4.41 -13.20
C GLN B 224 42.84 4.62 -11.74
N GLY B 225 43.85 5.45 -11.49
CA GLY B 225 44.31 5.75 -10.11
C GLY B 225 43.67 7.02 -9.57
N GLY B 226 42.98 7.79 -10.43
CA GLY B 226 42.49 9.16 -10.14
C GLY B 226 40.98 9.38 -10.37
N THR B 227 40.58 10.67 -10.54
CA THR B 227 39.23 11.18 -10.90
C THR B 227 39.13 11.33 -12.42
N ALA B 228 37.91 11.11 -12.89
CA ALA B 228 37.42 11.53 -14.21
C ALA B 228 36.07 12.19 -13.98
N ARG B 229 35.77 13.20 -14.79
CA ARG B 229 34.62 14.11 -14.65
C ARG B 229 33.39 13.50 -15.32
N VAL B 230 32.26 13.44 -14.61
CA VAL B 230 30.94 13.03 -15.17
C VAL B 230 30.36 14.23 -15.94
N GLU B 231 29.98 13.99 -17.19
CA GLU B 231 29.65 15.05 -18.18
C GLU B 231 28.14 15.15 -18.41
N ASN B 232 27.37 14.11 -18.13
CA ASN B 232 25.91 14.14 -18.41
C ASN B 232 25.13 14.10 -17.09
N GLU B 233 23.82 14.35 -17.18
CA GLU B 233 22.93 14.60 -16.03
C GLU B 233 22.67 13.27 -15.28
N ASP B 234 22.62 13.35 -13.96
CA ASP B 234 22.20 12.24 -13.07
C ASP B 234 20.68 12.30 -12.89
N GLN B 235 20.11 13.48 -13.04
CA GLN B 235 18.66 13.70 -12.83
C GLN B 235 18.23 14.90 -13.66
N ALA B 236 16.99 14.90 -14.10
CA ALA B 236 16.39 16.03 -14.83
C ALA B 236 14.89 16.06 -14.54
N GLN B 237 14.35 17.28 -14.54
CA GLN B 237 12.91 17.53 -14.37
C GLN B 237 12.48 18.49 -15.47
N ALA B 238 11.22 18.45 -15.89
CA ALA B 238 10.70 19.33 -16.95
C ALA B 238 9.21 19.59 -16.73
N LEU B 239 8.79 20.82 -17.01
CA LEU B 239 7.37 21.16 -17.24
C LEU B 239 7.09 20.93 -18.72
N ILE B 240 5.95 20.31 -19.03
CA ILE B 240 5.52 19.92 -20.40
C ILE B 240 4.29 20.75 -20.76
N ARG B 241 4.19 21.17 -22.02
CA ARG B 241 2.91 21.54 -22.69
C ARG B 241 2.71 20.58 -23.84
N PHE B 242 1.60 19.83 -23.86
CA PHE B 242 1.27 18.88 -24.96
C PHE B 242 0.65 19.67 -26.11
N ALA B 243 0.75 19.15 -27.32
CA ALA B 243 0.11 19.72 -28.53
C ALA B 243 -1.39 19.95 -28.25
N SER B 244 -1.99 19.09 -27.42
CA SER B 244 -3.41 19.20 -26.98
C SER B 244 -3.65 20.50 -26.20
N GLY B 245 -2.62 21.14 -25.65
CA GLY B 245 -2.74 22.30 -24.74
C GLY B 245 -2.62 21.90 -23.28
N THR B 246 -2.60 20.60 -22.99
CA THR B 246 -2.61 20.04 -21.61
C THR B 246 -1.21 20.20 -20.98
N SER B 247 -1.17 20.28 -19.65
CA SER B 247 0.05 20.50 -18.86
C SER B 247 0.67 19.16 -18.47
N GLY B 248 1.97 19.15 -18.16
CA GLY B 248 2.69 17.94 -17.74
C GLY B 248 3.81 18.25 -16.78
N GLU B 249 4.13 17.28 -15.92
CA GLU B 249 5.36 17.26 -15.10
C GLU B 249 6.09 15.98 -15.44
N PHE B 250 7.43 16.05 -15.48
CA PHE B 250 8.30 14.97 -15.97
C PHE B 250 9.59 15.00 -15.18
N SER B 251 10.10 13.84 -14.81
CA SER B 251 11.44 13.74 -14.19
C SER B 251 12.04 12.38 -14.49
N CYS B 252 13.35 12.30 -14.37
CA CYS B 252 14.07 11.01 -14.35
C CYS B 252 15.28 11.18 -13.44
N SER B 253 15.78 10.10 -12.88
CA SER B 253 16.99 10.14 -12.03
C SER B 253 17.59 8.74 -12.01
N ARG B 254 18.92 8.67 -12.05
CA ARG B 254 19.70 7.42 -11.89
C ARG B 254 20.40 7.46 -10.53
N VAL B 255 20.04 8.42 -9.67
CA VAL B 255 20.66 8.55 -8.32
C VAL B 255 19.59 8.64 -7.23
N ALA B 256 18.35 8.21 -7.51
CA ALA B 256 17.22 8.31 -6.55
C ALA B 256 17.25 7.07 -5.65
N ARG B 257 17.78 7.21 -4.44
CA ARG B 257 18.12 6.07 -3.55
C ARG B 257 16.85 5.31 -3.13
N GLY B 258 16.86 3.97 -3.28
CA GLY B 258 15.74 3.10 -2.87
C GLY B 258 14.87 2.69 -4.05
N TYR B 259 14.99 3.38 -5.18
CA TYR B 259 14.19 3.09 -6.39
C TYR B 259 15.01 2.23 -7.35
N ARG B 260 14.38 1.20 -7.92
CA ARG B 260 15.05 0.20 -8.81
C ARG B 260 14.44 0.25 -10.21
N CYS B 261 13.14 0.52 -10.33
CA CYS B 261 12.46 0.62 -11.65
C CYS B 261 11.19 1.45 -11.51
N ARG B 262 11.28 2.62 -10.86
CA ARG B 262 10.10 3.40 -10.44
C ARG B 262 9.68 4.37 -11.56
N LEU B 263 9.33 3.83 -12.72
CA LEU B 263 8.57 4.52 -13.79
C LEU B 263 7.13 4.58 -13.32
N ALA B 264 6.74 5.75 -12.84
CA ALA B 264 5.42 5.97 -12.22
C ALA B 264 4.78 7.13 -12.96
N TRP B 265 3.50 7.01 -13.25
CA TRP B 265 2.80 8.05 -14.01
C TRP B 265 1.36 8.14 -13.56
N GLU B 266 0.77 9.27 -13.86
CA GLU B 266 -0.60 9.60 -13.44
C GLU B 266 -1.17 10.53 -14.49
N VAL B 267 -2.38 10.22 -14.97
CA VAL B 267 -3.15 11.11 -15.86
C VAL B 267 -4.38 11.56 -15.08
N GLN B 268 -4.49 12.86 -14.83
CA GLN B 268 -5.69 13.45 -14.17
C GLN B 268 -6.62 13.96 -15.28
N GLY B 269 -7.88 13.56 -15.24
CA GLY B 269 -8.88 13.91 -16.26
C GLY B 269 -10.02 14.69 -15.67
N THR B 270 -10.88 15.22 -16.53
CA THR B 270 -12.12 15.92 -16.09
C THR B 270 -13.03 14.96 -15.34
N GLU B 271 -13.00 13.66 -15.63
CA GLU B 271 -14.03 12.72 -15.08
C GLU B 271 -13.36 11.56 -14.34
N GLY B 272 -12.05 11.64 -14.07
CA GLY B 272 -11.33 10.55 -13.38
C GLY B 272 -9.83 10.75 -13.36
N THR B 273 -9.13 9.79 -12.77
CA THR B 273 -7.66 9.78 -12.64
C THR B 273 -7.18 8.34 -12.83
N LEU B 274 -6.13 8.16 -13.62
CA LEU B 274 -5.41 6.87 -13.73
C LEU B 274 -4.01 7.05 -13.14
N ARG B 275 -3.54 6.07 -12.38
CA ARG B 275 -2.21 6.14 -11.71
C ARG B 275 -1.56 4.76 -11.78
N PHE B 276 -0.25 4.73 -12.04
CA PHE B 276 0.51 3.47 -12.24
C PHE B 276 1.95 3.62 -11.74
N ASP B 277 2.51 2.52 -11.26
CA ASP B 277 3.92 2.39 -10.81
C ASP B 277 4.48 1.05 -11.29
N GLN B 278 5.52 1.11 -12.14
CA GLN B 278 6.13 -0.07 -12.80
C GLN B 278 6.68 -1.04 -11.74
N GLU B 279 7.03 -0.55 -10.55
CA GLU B 279 7.58 -1.44 -9.50
C GLU B 279 6.47 -2.40 -9.04
N ARG B 280 5.20 -2.02 -9.23
CA ARG B 280 4.00 -2.88 -9.04
C ARG B 280 3.21 -2.88 -10.35
N MET B 281 3.80 -3.50 -11.37
CA MET B 281 3.32 -3.39 -12.76
C MET B 281 2.00 -4.14 -12.95
N ASN B 282 1.50 -4.86 -11.94
CA ASN B 282 0.23 -5.62 -12.07
C ASN B 282 -0.95 -4.83 -11.47
N GLU B 283 -0.74 -3.57 -11.10
CA GLU B 283 -1.80 -2.73 -10.51
C GLU B 283 -2.02 -1.45 -11.31
N LEU B 284 -3.27 -1.19 -11.67
CA LEU B 284 -3.69 0.09 -12.30
C LEU B 284 -4.72 0.72 -11.38
N TRP B 285 -4.48 1.96 -10.95
CA TRP B 285 -5.40 2.69 -10.04
C TRP B 285 -6.30 3.59 -10.88
N LEU B 286 -7.59 3.41 -10.74
CA LEU B 286 -8.61 4.17 -11.50
C LEU B 286 -9.58 4.80 -10.49
N TYR B 287 -9.67 6.12 -10.50
CA TYR B 287 -10.74 6.84 -9.79
C TYR B 287 -11.74 7.39 -10.80
N GLN B 288 -13.01 7.10 -10.56
CA GLN B 288 -14.18 7.73 -11.21
C GLN B 288 -15.18 8.11 -10.13
N PRO B 289 -15.87 9.27 -10.24
CA PRO B 289 -16.80 9.70 -9.21
C PRO B 289 -17.81 8.58 -8.94
N GLY B 290 -18.08 8.31 -7.66
CA GLY B 290 -19.04 7.28 -7.23
C GLY B 290 -19.96 7.85 -6.18
N ARG B 291 -20.95 7.08 -5.74
CA ARG B 291 -21.80 7.54 -4.61
C ARG B 291 -20.92 7.68 -3.37
N PRO B 292 -21.19 8.70 -2.54
CA PRO B 292 -20.35 9.07 -1.41
C PRO B 292 -19.97 7.90 -0.49
N GLU B 293 -20.91 7.00 -0.23
CA GLU B 293 -20.73 5.90 0.74
C GLU B 293 -19.59 4.97 0.26
N ILE B 294 -19.36 4.83 -1.05
CA ILE B 294 -18.39 3.81 -1.56
C ILE B 294 -17.30 4.48 -2.40
N ASP B 295 -17.27 5.82 -2.45
CA ASP B 295 -16.39 6.60 -3.32
C ASP B 295 -14.92 6.27 -3.03
N GLY B 296 -14.13 5.99 -4.07
CA GLY B 296 -12.67 5.86 -3.91
C GLY B 296 -12.01 5.24 -5.12
N PHE B 297 -10.68 5.32 -5.18
CA PHE B 297 -9.84 4.69 -6.21
C PHE B 297 -10.10 3.18 -6.19
N ARG B 298 -10.15 2.58 -7.38
CA ARG B 298 -10.17 1.12 -7.58
C ARG B 298 -8.75 0.62 -7.87
N ARG B 299 -8.38 -0.48 -7.23
CA ARG B 299 -7.14 -1.22 -7.54
C ARG B 299 -7.52 -2.29 -8.57
N ILE B 300 -7.14 -2.07 -9.82
CA ILE B 300 -7.40 -3.03 -10.93
C ILE B 300 -6.19 -3.96 -10.99
N LEU B 301 -6.38 -5.21 -10.57
CA LEU B 301 -5.33 -6.24 -10.59
C LEU B 301 -5.31 -6.84 -12.00
N THR B 302 -4.14 -6.83 -12.63
CA THR B 302 -3.91 -7.31 -14.01
C THR B 302 -4.42 -8.74 -14.16
N GLY B 303 -5.22 -8.95 -15.20
CA GLY B 303 -5.78 -10.26 -15.55
C GLY B 303 -6.26 -10.25 -17.00
N PRO B 304 -6.97 -11.31 -17.43
CA PRO B 304 -7.32 -11.51 -18.84
C PRO B 304 -8.23 -10.44 -19.45
N ALA B 305 -8.86 -9.56 -18.67
CA ALA B 305 -9.61 -8.41 -19.25
C ALA B 305 -8.64 -7.40 -19.88
N GLN B 306 -7.34 -7.46 -19.60
CA GLN B 306 -6.37 -6.45 -20.09
C GLN B 306 -5.67 -7.00 -21.34
N PRO B 307 -5.32 -6.12 -22.30
CA PRO B 307 -4.71 -6.55 -23.56
C PRO B 307 -3.43 -7.37 -23.32
N GLY B 308 -3.32 -8.53 -23.96
CA GLY B 308 -2.10 -9.37 -23.97
C GLY B 308 -2.09 -10.44 -22.89
N PHE B 309 -2.73 -10.23 -21.76
CA PHE B 309 -2.57 -11.10 -20.55
C PHE B 309 -3.05 -12.52 -20.85
N ALA B 310 -4.21 -12.66 -21.52
CA ALA B 310 -4.90 -13.96 -21.79
C ALA B 310 -3.95 -14.92 -22.52
N ALA B 311 -3.04 -14.39 -23.34
CA ALA B 311 -2.08 -15.19 -24.12
C ALA B 311 -1.05 -15.82 -23.17
N PHE B 312 -0.96 -15.38 -21.92
CA PHE B 312 0.06 -15.85 -20.94
C PHE B 312 -0.56 -16.65 -19.80
N CYS B 313 -1.80 -16.33 -19.43
CA CYS B 313 -2.48 -16.93 -18.26
C CYS B 313 -3.99 -16.71 -18.39
N PRO B 314 -4.84 -17.73 -18.18
CA PRO B 314 -6.30 -17.56 -18.24
C PRO B 314 -6.90 -16.95 -16.95
N GLY B 315 -6.17 -17.00 -15.82
CA GLY B 315 -6.62 -16.52 -14.50
C GLY B 315 -5.93 -15.23 -14.07
N GLY B 316 -6.74 -14.23 -13.70
CA GLY B 316 -6.24 -12.93 -13.19
C GLY B 316 -5.40 -13.07 -11.93
N GLY B 317 -4.55 -12.07 -11.66
CA GLY B 317 -3.75 -11.99 -10.42
C GLY B 317 -2.54 -12.90 -10.41
N HIS B 318 -2.30 -13.67 -11.48
CA HIS B 318 -1.03 -14.38 -11.72
C HIS B 318 -0.07 -13.37 -12.37
N ASN B 319 0.75 -12.69 -11.56
CA ASN B 319 1.48 -11.46 -11.95
C ASN B 319 2.18 -11.66 -13.30
N PHE B 320 1.88 -10.78 -14.26
CA PHE B 320 2.61 -10.61 -15.52
C PHE B 320 3.98 -10.00 -15.21
N GLY B 321 5.04 -10.43 -15.92
CA GLY B 321 6.43 -10.03 -15.60
C GLY B 321 7.03 -9.08 -16.62
N PHE B 322 8.13 -8.43 -16.24
CA PHE B 322 8.94 -7.56 -17.15
C PHE B 322 9.23 -8.31 -18.45
N ASN B 323 9.73 -9.56 -18.40
CA ASN B 323 10.22 -10.29 -19.60
C ASN B 323 9.03 -10.55 -20.55
N GLU B 324 7.84 -10.76 -20.02
CA GLU B 324 6.65 -11.04 -20.86
C GLU B 324 6.25 -9.76 -21.63
N GLN B 325 6.62 -8.58 -21.16
CA GLN B 325 6.48 -7.33 -21.96
C GLN B 325 7.14 -7.52 -23.33
N LYS B 326 8.30 -8.19 -23.34
CA LYS B 326 9.14 -8.33 -24.55
C LYS B 326 8.51 -9.36 -25.50
N VAL B 327 7.82 -10.35 -24.96
CA VAL B 327 7.05 -11.35 -25.76
C VAL B 327 5.96 -10.60 -26.52
N VAL B 328 5.28 -9.65 -25.86
CA VAL B 328 4.18 -8.85 -26.47
C VAL B 328 4.81 -7.99 -27.58
N GLU B 329 5.99 -7.41 -27.32
CA GLU B 329 6.70 -6.54 -28.28
C GLU B 329 7.08 -7.35 -29.52
N ALA B 330 7.62 -8.55 -29.33
CA ALA B 330 7.91 -9.51 -30.43
C ALA B 330 6.62 -9.74 -31.24
N GLU B 331 5.52 -10.02 -30.55
CA GLU B 331 4.26 -10.38 -31.23
C GLU B 331 3.84 -9.20 -32.11
N MET B 332 3.87 -7.99 -31.56
CA MET B 332 3.45 -6.74 -32.26
C MET B 332 4.22 -6.61 -33.57
N LEU B 333 5.53 -6.87 -33.55
CA LEU B 333 6.43 -6.81 -34.72
C LEU B 333 6.10 -7.93 -35.71
N ARG B 334 5.91 -9.16 -35.21
CA ARG B 334 5.44 -10.32 -36.04
C ARG B 334 4.22 -9.93 -36.86
N GLN B 335 3.18 -9.41 -36.19
CA GLN B 335 1.89 -9.06 -36.80
C GLN B 335 2.09 -7.89 -37.78
N ALA B 336 2.94 -6.90 -37.46
CA ALA B 336 3.23 -5.77 -38.37
C ALA B 336 3.92 -6.29 -39.63
N ILE B 337 4.90 -7.19 -39.46
CA ILE B 337 5.66 -7.79 -40.59
C ILE B 337 4.68 -8.52 -41.51
N ALA B 338 3.66 -9.17 -40.94
CA ALA B 338 2.63 -9.91 -41.70
C ALA B 338 1.52 -8.97 -42.17
N GLY B 339 1.68 -7.65 -41.96
CA GLY B 339 0.72 -6.61 -42.34
C GLY B 339 -0.63 -6.76 -41.65
N ARG B 340 -0.66 -7.28 -40.40
CA ARG B 340 -1.91 -7.55 -39.63
C ARG B 340 -2.12 -6.50 -38.54
N GLY B 341 -1.26 -5.48 -38.47
CA GLY B 341 -1.35 -4.40 -37.47
C GLY B 341 -0.08 -3.58 -37.49
N LYS B 342 -0.20 -2.26 -37.43
CA LYS B 342 0.95 -1.32 -37.34
C LYS B 342 1.66 -1.55 -36.00
N ALA B 343 2.99 -1.45 -35.97
CA ALA B 343 3.82 -1.55 -34.76
C ALA B 343 4.25 -0.15 -34.35
N TRP B 344 4.30 0.13 -33.04
CA TRP B 344 4.67 1.45 -32.47
C TRP B 344 5.74 1.26 -31.40
N PRO B 345 6.80 2.10 -31.35
CA PRO B 345 7.07 3.12 -32.36
C PRO B 345 8.04 2.62 -33.44
N ASP B 346 7.78 2.99 -34.70
CA ASP B 346 8.76 2.77 -35.80
C ASP B 346 9.82 3.85 -35.67
N PHE B 347 10.80 3.88 -36.58
CA PHE B 347 11.90 4.87 -36.59
C PHE B 347 11.36 6.30 -36.71
N THR B 348 10.23 6.50 -37.39
CA THR B 348 9.58 7.82 -37.54
C THR B 348 9.05 8.32 -36.19
N ASP B 349 8.22 7.53 -35.51
CA ASP B 349 7.70 7.84 -34.14
C ASP B 349 8.88 7.92 -33.17
N GLY B 350 9.90 7.08 -33.38
CA GLY B 350 11.07 6.97 -32.50
C GLY B 350 11.88 8.25 -32.52
N LEU B 351 12.11 8.80 -33.72
CA LEU B 351 12.85 10.08 -33.90
C LEU B 351 12.22 11.17 -33.02
N THR B 352 10.88 11.24 -32.99
CA THR B 352 10.11 12.25 -32.23
C THR B 352 10.51 12.16 -30.75
N ILE B 353 10.57 10.94 -30.22
CA ILE B 353 10.99 10.70 -28.80
C ILE B 353 12.43 11.19 -28.63
N GLU B 354 13.30 10.90 -29.58
CA GLU B 354 14.74 11.32 -29.53
C GLU B 354 14.79 12.85 -29.48
N ARG B 355 13.97 13.54 -30.29
CA ARG B 355 13.98 15.03 -30.34
C ARG B 355 13.50 15.61 -29.00
N VAL B 356 12.53 14.97 -28.34
CA VAL B 356 11.96 15.49 -27.07
C VAL B 356 13.04 15.41 -25.97
N ILE B 357 13.71 14.27 -25.79
CA ILE B 357 14.71 14.14 -24.68
C ILE B 357 15.90 15.06 -24.97
N HIS B 358 16.33 15.21 -26.21
CA HIS B 358 17.43 16.15 -26.60
C HIS B 358 16.98 17.60 -26.38
N GLY B 359 15.72 17.92 -26.68
CA GLY B 359 15.12 19.24 -26.38
C GLY B 359 15.15 19.55 -24.89
N MET B 360 14.86 18.55 -24.06
CA MET B 360 14.91 18.66 -22.59
C MET B 360 16.35 18.97 -22.16
N ALA B 361 17.34 18.22 -22.67
CA ALA B 361 18.78 18.47 -22.40
C ALA B 361 19.13 19.91 -22.82
N THR B 362 18.68 20.35 -24.00
CA THR B 362 18.97 21.72 -24.54
C THR B 362 18.37 22.78 -23.60
N SER B 363 17.14 22.56 -23.16
CA SER B 363 16.40 23.49 -22.25
C SER B 363 17.18 23.65 -20.95
N ALA B 364 17.60 22.54 -20.33
CA ALA B 364 18.35 22.57 -19.05
C ALA B 364 19.68 23.30 -19.22
N GLN B 365 20.38 23.09 -20.35
CA GLN B 365 21.67 23.76 -20.67
C GLN B 365 21.47 25.27 -20.86
N THR B 366 20.46 25.69 -21.59
CA THR B 366 20.25 27.11 -22.00
C THR B 366 19.37 27.86 -20.99
N GLY B 367 18.68 27.15 -20.10
CA GLY B 367 17.71 27.75 -19.17
C GLY B 367 16.54 28.39 -19.90
N GLN B 368 16.32 28.01 -21.17
CA GLN B 368 15.20 28.52 -22.01
C GLN B 368 14.24 27.38 -22.34
N PRO B 369 12.95 27.67 -22.60
CA PRO B 369 12.01 26.66 -23.06
C PRO B 369 12.39 26.23 -24.48
N VAL B 370 12.10 24.99 -24.85
CA VAL B 370 12.30 24.47 -26.23
C VAL B 370 10.93 24.08 -26.80
N ASN B 371 10.62 24.53 -28.02
CA ASN B 371 9.36 24.21 -28.75
C ASN B 371 9.65 23.13 -29.80
N PHE B 372 8.64 22.36 -30.24
CA PHE B 372 8.80 21.24 -31.21
C PHE B 372 7.90 21.42 -32.44
N LYS C 6 -29.36 21.73 32.16
CA LYS C 6 -28.13 21.58 33.00
C LYS C 6 -27.12 20.66 32.29
N ALA C 7 -25.83 20.97 32.44
CA ALA C 7 -24.71 20.20 31.85
C ALA C 7 -24.44 18.96 32.70
N LEU C 8 -24.16 17.83 32.02
CA LEU C 8 -23.70 16.55 32.60
C LEU C 8 -22.54 16.81 33.54
N GLY C 9 -22.66 16.40 34.80
CA GLY C 9 -21.55 16.52 35.78
C GLY C 9 -20.64 15.33 35.64
N VAL C 10 -19.34 15.56 35.60
CA VAL C 10 -18.37 14.48 35.24
C VAL C 10 -17.36 14.28 36.37
N ALA C 11 -17.19 13.01 36.75
CA ALA C 11 -16.08 12.51 37.59
C ALA C 11 -15.21 11.63 36.72
N LEU C 12 -13.89 11.77 36.84
CA LEU C 12 -12.92 10.90 36.12
C LEU C 12 -12.03 10.27 37.18
N ILE C 13 -11.85 8.95 37.15
CA ILE C 13 -10.90 8.26 38.06
C ILE C 13 -9.77 7.68 37.21
N GLY C 14 -8.54 8.00 37.59
CA GLY C 14 -7.34 7.59 36.85
C GLY C 14 -6.87 8.73 35.98
N THR C 15 -5.57 9.00 36.03
CA THR C 15 -4.94 10.15 35.34
C THR C 15 -3.84 9.62 34.42
N GLY C 16 -3.83 8.30 34.20
CA GLY C 16 -2.95 7.66 33.21
C GLY C 16 -3.43 7.96 31.80
N PHE C 17 -2.96 7.21 30.83
CA PHE C 17 -3.15 7.53 29.39
C PHE C 17 -4.62 7.40 28.97
N MET C 18 -5.34 6.34 29.38
CA MET C 18 -6.80 6.25 29.07
C MET C 18 -7.55 7.34 29.83
N GLY C 19 -7.09 7.70 31.05
CA GLY C 19 -7.63 8.83 31.83
C GLY C 19 -7.52 10.13 31.05
N LYS C 20 -6.34 10.38 30.49
CA LYS C 20 -6.06 11.57 29.64
C LYS C 20 -6.98 11.53 28.41
N CYS C 21 -7.13 10.35 27.81
CA CYS C 21 -7.95 10.13 26.60
C CYS C 21 -9.41 10.49 26.90
N HIS C 22 -9.95 10.06 28.06
CA HIS C 22 -11.32 10.40 28.53
C HIS C 22 -11.43 11.91 28.76
N ALA C 23 -10.47 12.52 29.44
CA ALA C 23 -10.48 13.98 29.73
C ALA C 23 -10.60 14.75 28.42
N MET C 24 -9.76 14.41 27.43
CA MET C 24 -9.75 15.07 26.09
C MET C 24 -11.11 14.89 25.39
N ALA C 25 -11.70 13.70 25.50
CA ALA C 25 -13.04 13.41 24.95
C ALA C 25 -14.08 14.31 25.63
N TRP C 26 -14.11 14.33 26.97
CA TRP C 26 -15.11 15.09 27.74
C TRP C 26 -14.98 16.59 27.43
N ARG C 27 -13.76 17.09 27.27
CA ARG C 27 -13.49 18.52 26.98
C ARG C 27 -14.05 18.94 25.61
N ASN C 28 -13.95 18.10 24.57
CA ASN C 28 -14.33 18.51 23.18
C ASN C 28 -15.66 17.90 22.70
N VAL C 29 -16.36 17.09 23.50
CA VAL C 29 -17.55 16.36 22.99
C VAL C 29 -18.62 17.39 22.56
N ALA C 30 -18.86 18.45 23.33
CA ALA C 30 -19.82 19.51 22.97
C ALA C 30 -19.26 20.36 21.84
N THR C 31 -17.94 20.55 21.78
CA THR C 31 -17.30 21.31 20.68
C THR C 31 -17.63 20.62 19.35
N ALA C 32 -17.50 19.29 19.31
CA ALA C 32 -17.73 18.45 18.13
C ALA C 32 -19.23 18.34 17.82
N PHE C 33 -20.04 17.96 18.81
CA PHE C 33 -21.43 17.45 18.58
C PHE C 33 -22.49 18.48 18.98
N GLY C 34 -22.12 19.61 19.57
CA GLY C 34 -23.09 20.62 20.04
C GLY C 34 -23.65 20.30 21.42
N GLY C 35 -24.64 21.08 21.85
CA GLY C 35 -25.21 21.01 23.21
C GLY C 35 -24.29 21.67 24.22
N LEU C 36 -24.47 21.33 25.50
CA LEU C 36 -23.75 21.93 26.65
C LEU C 36 -22.47 21.14 26.96
N PRO C 37 -21.33 21.82 27.10
CA PRO C 37 -20.12 21.16 27.56
C PRO C 37 -20.39 20.51 28.90
N PRO C 38 -20.11 19.21 29.05
CA PRO C 38 -20.15 18.55 30.34
C PRO C 38 -19.29 19.32 31.36
N ARG C 39 -19.73 19.32 32.61
CA ARG C 39 -19.04 19.98 33.74
C ARG C 39 -17.94 19.05 34.25
N LEU C 40 -16.68 19.44 34.14
CA LEU C 40 -15.54 18.65 34.68
C LEU C 40 -15.41 18.96 36.17
N GLU C 41 -16.04 18.13 37.02
CA GLU C 41 -16.23 18.38 38.48
C GLU C 41 -15.06 17.90 39.30
N VAL C 42 -14.78 16.59 39.30
CA VAL C 42 -13.77 15.98 40.21
C VAL C 42 -12.94 14.96 39.43
N LEU C 43 -11.64 14.99 39.68
CA LEU C 43 -10.65 14.02 39.16
C LEU C 43 -9.99 13.32 40.35
N ALA C 44 -9.94 11.99 40.33
CA ALA C 44 -9.38 11.16 41.41
C ALA C 44 -8.20 10.35 40.89
N ASP C 45 -7.09 10.36 41.64
CA ASP C 45 -5.90 9.48 41.47
C ASP C 45 -5.02 9.60 42.74
N MET C 46 -3.94 8.83 42.79
CA MET C 46 -2.87 8.77 43.83
C MET C 46 -1.54 9.11 43.14
N PRO C 47 -0.61 9.89 43.74
CA PRO C 47 -0.86 10.59 45.00
C PRO C 47 -1.78 11.80 44.78
N ALA C 48 -2.12 12.51 45.86
CA ALA C 48 -3.05 13.68 45.85
C ALA C 48 -2.40 14.88 45.17
N ASP C 49 -1.06 14.99 45.17
CA ASP C 49 -0.33 16.07 44.43
C ASP C 49 -0.54 15.82 42.93
N LYS C 50 -0.39 14.57 42.48
CA LYS C 50 -0.61 14.14 41.07
C LYS C 50 -2.02 14.51 40.62
N ALA C 51 -3.03 14.22 41.45
CA ALA C 51 -4.46 14.47 41.18
C ALA C 51 -4.76 15.98 41.13
N HIS C 52 -4.20 16.79 42.04
CA HIS C 52 -4.37 18.28 42.06
C HIS C 52 -3.66 18.90 40.85
N SER C 53 -2.50 18.34 40.48
CA SER C 53 -1.70 18.76 39.29
C SER C 53 -2.52 18.59 38.01
N LEU C 54 -3.06 17.39 37.79
CA LEU C 54 -3.76 17.01 36.54
C LEU C 54 -5.14 17.64 36.51
N ALA C 55 -5.78 17.83 37.66
CA ALA C 55 -7.09 18.51 37.75
C ALA C 55 -6.96 19.90 37.12
N SER C 56 -5.88 20.62 37.43
CA SER C 56 -5.59 21.96 36.88
C SER C 56 -5.46 21.88 35.35
N SER C 57 -4.56 21.02 34.84
CA SER C 57 -4.23 20.96 33.39
C SER C 57 -5.39 20.34 32.61
N PHE C 58 -6.17 19.43 33.21
CA PHE C 58 -7.32 18.75 32.55
C PHE C 58 -8.57 19.62 32.60
N GLY C 59 -8.57 20.69 33.42
CA GLY C 59 -9.70 21.63 33.54
C GLY C 59 -10.79 21.13 34.47
N PHE C 60 -10.46 20.22 35.40
CA PHE C 60 -11.40 19.71 36.43
C PHE C 60 -11.42 20.70 37.61
N ALA C 61 -12.60 20.96 38.16
CA ALA C 61 -12.80 21.95 39.25
C ALA C 61 -11.96 21.54 40.48
N ARG C 62 -11.84 20.24 40.76
CA ARG C 62 -11.02 19.78 41.91
C ARG C 62 -10.47 18.37 41.67
N GLY C 63 -9.31 18.10 42.30
CA GLY C 63 -8.68 16.78 42.44
C GLY C 63 -8.82 16.26 43.87
N THR C 64 -8.70 14.94 44.04
CA THR C 64 -8.83 14.23 45.33
C THR C 64 -8.16 12.86 45.20
N ALA C 65 -7.59 12.34 46.29
CA ALA C 65 -6.99 10.98 46.34
C ALA C 65 -8.07 9.96 46.72
N ASP C 66 -9.24 10.43 47.16
CA ASP C 66 -10.35 9.56 47.61
C ASP C 66 -11.40 9.50 46.49
N TRP C 67 -11.35 8.43 45.69
CA TRP C 67 -12.23 8.24 44.51
C TRP C 67 -13.68 7.96 44.91
N ARG C 68 -13.89 7.48 46.13
CA ARG C 68 -15.25 7.17 46.69
C ARG C 68 -16.02 8.47 46.91
N GLU C 69 -15.31 9.45 47.45
CA GLU C 69 -15.71 10.87 47.47
C GLU C 69 -16.25 11.31 46.12
N ALA C 70 -15.37 11.17 45.12
CA ALA C 70 -15.57 11.62 43.72
C ALA C 70 -16.89 11.02 43.20
N VAL C 71 -17.07 9.70 43.35
CA VAL C 71 -18.24 8.97 42.74
C VAL C 71 -19.53 9.30 43.50
N SER C 72 -19.44 9.77 44.74
CA SER C 72 -20.60 10.10 45.62
C SER C 72 -20.97 11.59 45.50
N ASP C 73 -20.09 12.42 44.92
CA ASP C 73 -20.30 13.88 44.78
C ASP C 73 -21.67 14.14 44.17
N PRO C 74 -22.48 15.03 44.77
CA PRO C 74 -23.82 15.34 44.26
C PRO C 74 -23.79 16.05 42.90
N ALA C 75 -22.70 16.76 42.61
CA ALA C 75 -22.50 17.50 41.34
C ALA C 75 -22.08 16.55 40.21
N VAL C 76 -21.91 15.24 40.48
CA VAL C 76 -21.48 14.21 39.50
C VAL C 76 -22.70 13.41 39.02
N ASP C 77 -22.85 13.24 37.71
CA ASP C 77 -23.92 12.40 37.09
C ASP C 77 -23.33 11.15 36.45
N VAL C 78 -22.08 11.22 35.97
CA VAL C 78 -21.42 10.17 35.16
C VAL C 78 -19.98 10.03 35.66
N VAL C 79 -19.48 8.79 35.74
CA VAL C 79 -18.10 8.51 36.24
C VAL C 79 -17.32 7.74 35.16
N SER C 80 -16.22 8.32 34.69
CA SER C 80 -15.21 7.68 33.82
C SER C 80 -14.24 6.90 34.70
N ILE C 81 -14.18 5.58 34.56
CA ILE C 81 -13.28 4.70 35.35
C ILE C 81 -12.18 4.20 34.42
N THR C 82 -10.95 4.70 34.59
CA THR C 82 -9.77 4.39 33.72
C THR C 82 -8.61 3.83 34.54
N THR C 83 -8.91 3.29 35.72
CA THR C 83 -7.91 2.81 36.71
C THR C 83 -7.51 1.39 36.34
N PRO C 84 -6.54 0.78 37.05
CA PRO C 84 -6.05 -0.56 36.70
C PRO C 84 -7.17 -1.60 36.86
N ASN C 85 -7.10 -2.65 36.04
CA ASN C 85 -8.15 -3.67 35.80
C ASN C 85 -8.73 -4.20 37.12
N GLY C 86 -7.89 -4.40 38.13
CA GLY C 86 -8.29 -5.04 39.41
C GLY C 86 -9.28 -4.22 40.22
N LEU C 87 -9.38 -2.90 40.00
CA LEU C 87 -10.28 -2.03 40.80
C LEU C 87 -11.60 -1.77 40.07
N HIS C 88 -11.79 -2.30 38.86
CA HIS C 88 -12.96 -1.97 37.99
C HIS C 88 -14.24 -2.42 38.69
N ARG C 89 -14.31 -3.67 39.15
CA ARG C 89 -15.56 -4.18 39.76
C ARG C 89 -15.95 -3.22 40.88
N GLU C 90 -15.05 -3.04 41.85
CA GLU C 90 -15.32 -2.24 43.08
C GLU C 90 -15.77 -0.83 42.66
N MET C 91 -15.08 -0.20 41.71
CA MET C 91 -15.31 1.23 41.36
C MET C 91 -16.61 1.38 40.57
N ALA C 92 -16.87 0.49 39.61
CA ALA C 92 -18.15 0.47 38.85
C ALA C 92 -19.33 0.24 39.80
N GLU C 93 -19.21 -0.73 40.71
CA GLU C 93 -20.31 -1.06 41.66
C GLU C 93 -20.61 0.15 42.56
N ALA C 94 -19.59 0.83 43.07
CA ALA C 94 -19.75 2.02 43.94
C ALA C 94 -20.45 3.13 43.15
N ALA C 95 -20.09 3.33 41.88
CA ALA C 95 -20.67 4.39 41.03
C ALA C 95 -22.16 4.10 40.80
N LEU C 96 -22.49 2.86 40.50
CA LEU C 96 -23.90 2.42 40.28
C LEU C 96 -24.68 2.57 41.58
N ALA C 97 -24.11 2.17 42.72
CA ALA C 97 -24.73 2.29 44.06
C ALA C 97 -25.06 3.77 44.35
N ALA C 98 -24.18 4.69 43.91
CA ALA C 98 -24.33 6.15 44.12
C ALA C 98 -25.28 6.75 43.07
N GLY C 99 -25.89 5.92 42.23
CA GLY C 99 -26.87 6.36 41.21
C GLY C 99 -26.21 7.14 40.10
N LYS C 100 -24.94 6.85 39.79
CA LYS C 100 -24.17 7.50 38.68
C LYS C 100 -24.13 6.56 37.47
N HIS C 101 -24.18 7.14 36.26
CA HIS C 101 -23.90 6.44 34.98
C HIS C 101 -22.41 6.08 34.98
N VAL C 102 -22.01 5.02 34.26
CA VAL C 102 -20.59 4.60 34.24
C VAL C 102 -20.08 4.45 32.79
N TRP C 103 -18.94 5.08 32.52
CA TRP C 103 -18.06 4.87 31.35
C TRP C 103 -16.87 4.08 31.85
N LEU C 104 -16.82 2.78 31.54
CA LEU C 104 -15.80 1.85 32.11
C LEU C 104 -14.82 1.41 31.02
N GLU C 105 -13.54 1.68 31.23
CA GLU C 105 -12.46 1.04 30.44
C GLU C 105 -12.56 -0.46 30.59
N LYS C 106 -12.27 -1.20 29.52
CA LYS C 106 -12.18 -2.68 29.58
C LYS C 106 -11.07 -3.03 30.58
N PRO C 107 -11.11 -4.22 31.23
CA PRO C 107 -12.27 -5.12 31.19
C PRO C 107 -13.30 -4.74 32.25
N MET C 108 -14.44 -5.43 32.26
CA MET C 108 -15.43 -5.28 33.35
C MET C 108 -14.77 -5.69 34.67
N ALA C 109 -14.03 -6.80 34.67
CA ALA C 109 -13.27 -7.33 35.83
C ALA C 109 -12.36 -8.45 35.34
N LEU C 110 -11.54 -9.04 36.21
CA LEU C 110 -10.58 -10.11 35.82
C LEU C 110 -11.32 -11.42 35.58
N SER C 111 -12.39 -11.70 36.34
CA SER C 111 -13.18 -12.95 36.27
C SER C 111 -14.58 -12.70 35.68
N VAL C 112 -15.14 -13.72 35.03
CA VAL C 112 -16.55 -13.72 34.55
C VAL C 112 -17.48 -13.55 35.74
N GLU C 113 -17.21 -14.26 36.82
CA GLU C 113 -18.02 -14.22 38.07
C GLU C 113 -18.20 -12.76 38.52
N ASP C 114 -17.11 -11.99 38.61
CA ASP C 114 -17.15 -10.56 39.00
C ASP C 114 -17.97 -9.76 37.98
N ALA C 115 -17.77 -10.01 36.68
CA ALA C 115 -18.48 -9.29 35.60
C ALA C 115 -19.98 -9.58 35.71
N GLN C 116 -20.34 -10.79 36.08
CA GLN C 116 -21.74 -11.25 36.30
C GLN C 116 -22.41 -10.38 37.39
N ALA C 117 -21.75 -10.20 38.53
CA ALA C 117 -22.26 -9.38 39.67
C ALA C 117 -22.44 -7.93 39.20
N MET C 118 -21.48 -7.41 38.44
CA MET C 118 -21.51 -6.02 37.94
C MET C 118 -22.72 -5.88 37.02
N GLU C 119 -22.98 -6.89 36.20
CA GLU C 119 -24.06 -6.88 35.19
C GLU C 119 -25.41 -6.79 35.91
N ALA C 120 -25.57 -7.53 37.02
CA ALA C 120 -26.82 -7.52 37.83
C ALA C 120 -26.94 -6.15 38.52
N ALA C 121 -25.84 -5.63 39.08
CA ALA C 121 -25.82 -4.30 39.73
C ALA C 121 -26.27 -3.23 38.73
N ALA C 122 -25.81 -3.32 37.47
CA ALA C 122 -26.12 -2.33 36.41
C ALA C 122 -27.60 -2.40 36.07
N ARG C 123 -28.19 -3.60 36.07
CA ARG C 123 -29.64 -3.74 35.79
C ARG C 123 -30.43 -3.19 37.00
N ALA C 124 -29.91 -3.33 38.22
CA ALA C 124 -30.57 -2.86 39.47
C ALA C 124 -30.58 -1.33 39.54
N SER C 125 -29.52 -0.66 39.05
CA SER C 125 -29.28 0.79 39.22
C SER C 125 -30.18 1.61 38.29
N ASP C 126 -30.54 1.05 37.13
CA ASP C 126 -31.30 1.80 36.09
C ASP C 126 -30.50 3.03 35.63
N ARG C 127 -29.16 2.98 35.70
CA ARG C 127 -28.27 4.02 35.11
C ARG C 127 -27.69 3.44 33.82
N ARG C 128 -27.28 4.30 32.89
CA ARG C 128 -26.65 3.86 31.61
C ARG C 128 -25.20 3.44 31.91
N THR C 129 -24.73 2.38 31.24
CA THR C 129 -23.31 1.94 31.28
C THR C 129 -22.78 1.83 29.85
N ILE C 130 -21.48 2.05 29.67
CA ILE C 130 -20.79 1.71 28.39
C ILE C 130 -19.37 1.23 28.72
N ILE C 131 -18.91 0.20 28.01
CA ILE C 131 -17.49 -0.28 28.10
C ILE C 131 -16.69 0.45 27.02
N GLY C 132 -15.42 0.77 27.28
CA GLY C 132 -14.56 1.59 26.39
C GLY C 132 -13.95 0.82 25.22
N TYR C 133 -14.78 0.19 24.40
CA TYR C 133 -14.32 -0.53 23.18
C TYR C 133 -14.17 0.48 22.05
N ASN C 134 -13.09 1.26 22.09
CA ASN C 134 -12.97 2.49 21.28
C ASN C 134 -12.80 2.18 19.77
N TYR C 135 -12.43 0.95 19.39
CA TYR C 135 -12.19 0.57 17.96
C TYR C 135 -13.50 0.34 17.20
N THR C 136 -14.66 0.35 17.89
CA THR C 136 -16.00 0.30 17.26
C THR C 136 -16.53 1.71 16.97
N ARG C 137 -15.75 2.78 17.24
CA ARG C 137 -16.21 4.20 17.11
C ARG C 137 -15.61 4.90 15.87
N SER C 138 -14.67 4.28 15.16
CA SER C 138 -14.07 4.92 13.96
C SER C 138 -15.16 5.12 12.91
N PRO C 139 -15.15 6.23 12.16
CA PRO C 139 -16.03 6.37 11.01
C PRO C 139 -15.96 5.17 10.05
N ALA C 140 -14.76 4.66 9.78
CA ALA C 140 -14.55 3.52 8.86
C ALA C 140 -15.30 2.30 9.38
N PHE C 141 -15.08 1.91 10.64
CA PHE C 141 -15.75 0.71 11.22
C PHE C 141 -17.28 0.86 11.19
N ARG C 142 -17.78 2.03 11.56
CA ARG C 142 -19.25 2.30 11.60
C ARG C 142 -19.81 2.29 10.17
N ALA C 143 -19.05 2.78 9.18
CA ALA C 143 -19.45 2.71 7.75
C ALA C 143 -19.56 1.23 7.33
N ALA C 144 -18.63 0.39 7.77
CA ALA C 144 -18.57 -1.04 7.39
C ALA C 144 -19.83 -1.74 7.91
N VAL C 145 -20.19 -1.47 9.18
CA VAL C 145 -21.39 -2.06 9.85
C VAL C 145 -22.62 -1.70 9.01
N ASP C 146 -22.77 -0.43 8.63
CA ASP C 146 -23.93 0.05 7.83
C ASP C 146 -23.94 -0.64 6.45
N LEU C 147 -22.80 -0.70 5.76
CA LEU C 147 -22.71 -1.33 4.41
C LEU C 147 -23.16 -2.80 4.49
N ILE C 148 -22.74 -3.51 5.54
CA ILE C 148 -23.18 -4.91 5.75
C ILE C 148 -24.71 -4.95 5.90
N ALA C 149 -25.28 -4.15 6.80
CA ALA C 149 -26.73 -4.13 7.08
C ALA C 149 -27.51 -3.76 5.80
N GLU C 150 -26.91 -2.93 4.92
CA GLU C 150 -27.56 -2.44 3.68
C GLU C 150 -27.46 -3.48 2.56
N GLY C 151 -26.67 -4.54 2.72
CA GLY C 151 -26.53 -5.62 1.73
C GLY C 151 -25.41 -5.38 0.72
N ALA C 152 -24.50 -4.42 0.98
CA ALA C 152 -23.37 -4.08 0.08
C ALA C 152 -22.46 -5.30 -0.21
N ILE C 153 -22.29 -6.24 0.71
CA ILE C 153 -21.47 -7.47 0.43
C ILE C 153 -22.33 -8.73 0.55
N GLY C 154 -23.66 -8.60 0.45
CA GLY C 154 -24.60 -9.72 0.58
C GLY C 154 -24.50 -10.34 1.96
N ARG C 155 -24.62 -11.66 2.06
CA ARG C 155 -24.60 -12.40 3.35
C ARG C 155 -23.15 -12.69 3.73
N PRO C 156 -22.70 -12.32 4.95
CA PRO C 156 -21.37 -12.75 5.42
C PRO C 156 -21.21 -14.28 5.39
N ILE C 157 -20.10 -14.78 4.83
CA ILE C 157 -19.75 -16.23 4.76
C ILE C 157 -18.45 -16.51 5.51
N HIS C 158 -17.67 -15.49 5.85
CA HIS C 158 -16.42 -15.69 6.62
C HIS C 158 -15.95 -14.37 7.24
N PHE C 159 -15.44 -14.48 8.47
CA PHE C 159 -14.73 -13.40 9.18
C PHE C 159 -13.29 -13.86 9.44
N ARG C 160 -12.32 -12.98 9.20
CA ARG C 160 -10.92 -13.18 9.65
C ARG C 160 -10.43 -11.90 10.33
N GLY C 161 -10.05 -12.01 11.60
CA GLY C 161 -9.63 -10.89 12.43
C GLY C 161 -8.36 -11.22 13.19
N MET C 162 -7.53 -10.21 13.38
CA MET C 162 -6.29 -10.32 14.17
C MET C 162 -6.13 -9.04 14.98
N TYR C 163 -5.33 -9.12 16.05
CA TYR C 163 -4.87 -7.95 16.81
C TYR C 163 -3.45 -8.24 17.29
N ASP C 164 -2.49 -7.77 16.49
CA ASP C 164 -1.03 -7.93 16.75
C ASP C 164 -0.50 -6.60 17.31
N GLU C 165 0.22 -6.67 18.43
CA GLU C 165 1.11 -5.61 18.96
C GLU C 165 2.39 -6.28 19.47
N ASP C 166 3.44 -5.51 19.77
CA ASP C 166 4.75 -6.10 20.16
C ASP C 166 5.25 -5.52 21.48
N TYR C 167 4.39 -4.89 22.29
CA TYR C 167 4.84 -4.20 23.53
C TYR C 167 5.48 -5.21 24.50
N MET C 168 5.27 -6.53 24.37
CA MET C 168 5.92 -7.55 25.25
C MET C 168 6.88 -8.44 24.45
N ALA C 169 7.22 -8.10 23.19
CA ALA C 169 8.02 -9.00 22.32
C ALA C 169 9.45 -9.10 22.83
N ASP C 170 10.01 -8.03 23.38
CA ASP C 170 11.42 -7.98 23.87
C ASP C 170 11.57 -8.87 25.09
N PRO C 171 12.38 -9.95 25.02
CA PRO C 171 12.59 -10.85 26.14
C PRO C 171 13.29 -10.16 27.31
N ASP C 172 14.00 -9.06 27.04
CA ASP C 172 14.65 -8.23 28.09
C ASP C 172 13.57 -7.59 28.98
N LEU C 173 12.37 -7.31 28.45
CA LEU C 173 11.36 -6.49 29.20
C LEU C 173 11.05 -7.20 30.51
N PRO C 174 11.04 -6.45 31.64
CA PRO C 174 10.88 -7.04 32.96
C PRO C 174 9.54 -7.73 33.21
N TRP C 175 9.51 -8.64 34.18
CA TRP C 175 8.29 -9.26 34.73
C TRP C 175 7.44 -8.20 35.43
N SER C 176 6.16 -8.49 35.66
CA SER C 176 5.22 -7.64 36.41
C SER C 176 4.04 -8.50 36.86
N TRP C 177 3.19 -7.96 37.73
CA TRP C 177 2.05 -8.69 38.31
C TRP C 177 0.96 -8.90 37.23
N ALA C 178 1.04 -8.15 36.12
CA ALA C 178 0.13 -8.28 34.95
C ALA C 178 0.35 -9.63 34.26
N LEU C 179 1.52 -10.26 34.42
CA LEU C 179 1.85 -11.56 33.78
C LEU C 179 1.50 -12.74 34.70
N THR C 180 0.80 -12.47 35.81
CA THR C 180 0.22 -13.50 36.70
C THR C 180 -1.26 -13.69 36.37
N ARG C 181 -1.81 -14.90 36.52
CA ARG C 181 -3.24 -15.20 36.25
C ARG C 181 -4.11 -14.48 37.29
N LYS C 182 -3.78 -14.68 38.55
CA LYS C 182 -4.26 -13.98 39.78
C LYS C 182 -4.43 -12.46 39.63
N ASP C 183 -3.33 -11.73 39.44
CA ASP C 183 -3.33 -10.25 39.57
C ASP C 183 -3.47 -9.62 38.17
N GLY C 184 -3.01 -10.30 37.13
CA GLY C 184 -3.08 -9.79 35.74
C GLY C 184 -4.29 -10.30 34.99
N GLY C 185 -4.72 -11.54 35.27
CA GLY C 185 -5.82 -12.22 34.57
C GLY C 185 -5.35 -12.80 33.25
N LEU C 186 -6.09 -12.53 32.18
CA LEU C 186 -5.71 -12.97 30.82
C LEU C 186 -4.52 -12.15 30.31
N GLY C 187 -3.75 -12.72 29.39
CA GLY C 187 -2.66 -12.01 28.71
C GLY C 187 -3.15 -11.30 27.47
N ALA C 188 -2.73 -11.77 26.30
CA ALA C 188 -3.03 -11.15 24.99
C ALA C 188 -4.56 -11.11 24.79
N LEU C 189 -5.27 -12.17 25.19
CA LEU C 189 -6.75 -12.24 25.09
C LEU C 189 -7.41 -11.11 25.87
N GLY C 190 -6.84 -10.75 27.02
CA GLY C 190 -7.34 -9.66 27.88
C GLY C 190 -6.98 -8.28 27.35
N ASP C 191 -5.73 -8.08 26.96
CA ASP C 191 -5.29 -6.75 26.45
C ASP C 191 -5.86 -6.50 25.05
N LEU C 192 -5.88 -7.51 24.19
CA LEU C 192 -6.14 -7.30 22.73
C LEU C 192 -7.37 -8.10 22.28
N GLY C 193 -7.47 -9.37 22.63
CA GLY C 193 -8.61 -10.23 22.24
C GLY C 193 -9.95 -9.53 22.45
N CYS C 194 -10.17 -8.91 23.61
CA CYS C 194 -11.47 -8.30 23.98
C CYS C 194 -11.84 -7.23 22.95
N HIS C 195 -10.86 -6.44 22.49
CA HIS C 195 -11.08 -5.41 21.44
C HIS C 195 -11.56 -6.10 20.15
N LEU C 196 -10.87 -7.17 19.74
CA LEU C 196 -11.17 -7.88 18.47
C LEU C 196 -12.59 -8.45 18.59
N VAL C 197 -12.92 -9.00 19.76
CA VAL C 197 -14.30 -9.54 20.00
C VAL C 197 -15.31 -8.40 19.83
N SER C 198 -15.06 -7.22 20.42
CA SER C 198 -15.99 -6.06 20.37
C SER C 198 -16.32 -5.74 18.90
N VAL C 199 -15.29 -5.74 18.06
CA VAL C 199 -15.39 -5.47 16.58
C VAL C 199 -16.04 -6.68 15.89
N MET C 200 -15.58 -7.89 16.17
CA MET C 200 -16.03 -9.13 15.48
C MET C 200 -17.54 -9.34 15.68
N VAL C 201 -18.06 -9.29 16.91
CA VAL C 201 -19.49 -9.57 17.19
C VAL C 201 -20.35 -8.43 16.63
N SER C 202 -19.81 -7.22 16.52
CA SER C 202 -20.53 -6.05 15.94
C SER C 202 -20.71 -6.29 14.43
N LEU C 203 -19.82 -7.06 13.81
CA LEU C 203 -19.84 -7.29 12.34
C LEU C 203 -20.65 -8.54 12.01
N MET C 204 -20.47 -9.62 12.78
CA MET C 204 -20.98 -10.98 12.45
C MET C 204 -22.09 -11.43 13.41
N GLY C 205 -22.40 -10.64 14.44
CA GLY C 205 -23.34 -11.07 15.50
C GLY C 205 -22.71 -12.03 16.51
N PRO C 206 -23.52 -12.61 17.40
CA PRO C 206 -23.00 -13.38 18.54
C PRO C 206 -22.18 -14.62 18.17
N VAL C 207 -21.22 -14.93 19.03
CA VAL C 207 -20.38 -16.15 18.95
C VAL C 207 -21.16 -17.31 19.57
N ALA C 208 -21.22 -18.45 18.87
CA ALA C 208 -21.88 -19.69 19.34
C ALA C 208 -20.83 -20.64 19.92
N ARG C 209 -19.62 -20.63 19.38
CA ARG C 209 -18.64 -21.71 19.62
C ARG C 209 -17.23 -21.22 19.26
N VAL C 210 -16.23 -21.60 20.07
CA VAL C 210 -14.79 -21.34 19.76
C VAL C 210 -13.99 -22.61 20.03
N TYR C 211 -13.00 -22.87 19.18
CA TYR C 211 -11.88 -23.80 19.44
C TYR C 211 -10.61 -22.97 19.36
N ALA C 212 -9.81 -22.97 20.42
CA ALA C 212 -8.66 -22.05 20.56
C ALA C 212 -7.38 -22.78 20.98
N GLN C 213 -6.25 -22.16 20.60
CA GLN C 213 -4.86 -22.52 20.98
C GLN C 213 -4.23 -21.24 21.52
N ALA C 214 -3.25 -21.37 22.42
CA ALA C 214 -2.59 -20.21 23.06
C ALA C 214 -1.18 -20.63 23.43
N ASP C 215 -0.26 -19.68 23.51
CA ASP C 215 1.15 -19.98 23.87
C ASP C 215 1.70 -18.85 24.74
N THR C 216 2.59 -19.21 25.64
CA THR C 216 3.52 -18.26 26.29
C THR C 216 4.87 -18.50 25.61
N VAL C 217 5.36 -17.54 24.85
CA VAL C 217 6.58 -17.75 23.99
C VAL C 217 7.82 -17.36 24.81
N ILE C 218 7.71 -16.33 25.63
CA ILE C 218 8.79 -15.96 26.60
C ILE C 218 8.30 -16.33 28.00
N THR C 219 8.85 -17.43 28.54
CA THR C 219 8.28 -18.17 29.70
C THR C 219 8.75 -17.52 31.01
N ASP C 220 9.85 -16.76 30.97
CA ASP C 220 10.45 -16.14 32.18
C ASP C 220 11.01 -14.77 31.82
N ARG C 221 10.97 -13.84 32.76
CA ARG C 221 11.43 -12.45 32.50
C ARG C 221 12.24 -11.97 33.70
N PRO C 222 13.17 -11.02 33.49
CA PRO C 222 13.98 -10.47 34.59
C PRO C 222 13.10 -9.99 35.75
N HIS C 223 13.57 -10.21 36.98
CA HIS C 223 12.86 -9.89 38.24
C HIS C 223 13.83 -9.91 39.42
N GLN C 224 14.18 -8.74 39.95
CA GLN C 224 15.01 -8.60 41.19
C GLN C 224 16.31 -9.40 41.04
N GLY C 225 17.06 -9.17 39.96
CA GLY C 225 18.34 -9.87 39.68
C GLY C 225 18.19 -11.36 39.44
N GLY C 226 16.96 -11.89 39.40
CA GLY C 226 16.64 -13.30 39.05
C GLY C 226 15.69 -13.34 37.87
N THR C 227 14.80 -14.34 37.84
CA THR C 227 13.67 -14.40 36.88
C THR C 227 12.40 -14.85 37.61
N ALA C 228 11.25 -14.62 36.98
CA ALA C 228 9.90 -14.99 37.44
C ALA C 228 9.10 -15.51 36.23
N ARG C 229 8.18 -16.43 36.46
CA ARG C 229 7.49 -17.16 35.38
C ARG C 229 6.38 -16.28 34.81
N VAL C 230 6.20 -16.30 33.50
CA VAL C 230 5.05 -15.66 32.82
C VAL C 230 3.90 -16.67 32.83
N GLU C 231 2.77 -16.32 33.44
CA GLU C 231 1.64 -17.26 33.66
C GLU C 231 0.59 -17.16 32.55
N ASN C 232 0.46 -16.01 31.88
CA ASN C 232 -0.68 -15.80 30.95
C ASN C 232 -0.15 -15.81 29.49
N GLU C 233 -1.05 -15.90 28.53
CA GLU C 233 -0.70 -16.20 27.11
C GLU C 233 -0.13 -14.95 26.44
N ASP C 234 0.89 -15.15 25.59
CA ASP C 234 1.52 -14.09 24.76
C ASP C 234 0.74 -13.96 23.45
N GLN C 235 0.10 -15.04 23.03
CA GLN C 235 -0.65 -15.09 21.74
C GLN C 235 -1.71 -16.17 21.86
N ALA C 236 -2.77 -16.06 21.09
CA ALA C 236 -3.86 -17.05 21.03
C ALA C 236 -4.55 -16.92 19.67
N GLN C 237 -5.02 -18.04 19.15
CA GLN C 237 -5.78 -18.08 17.88
C GLN C 237 -7.02 -18.93 18.14
N ALA C 238 -8.10 -18.68 17.43
CA ALA C 238 -9.33 -19.45 17.58
C ALA C 238 -10.07 -19.50 16.26
N LEU C 239 -10.64 -20.67 15.94
CA LEU C 239 -11.72 -20.82 14.94
C LEU C 239 -13.05 -20.52 15.63
N ILE C 240 -13.94 -19.85 14.92
CA ILE C 240 -15.24 -19.35 15.45
C ILE C 240 -16.36 -19.99 14.62
N ARG C 241 -17.46 -20.33 15.31
CA ARG C 241 -18.79 -20.48 14.67
C ARG C 241 -19.68 -19.40 15.27
N PHE C 242 -20.32 -18.59 14.44
CA PHE C 242 -21.27 -17.54 14.90
C PHE C 242 -22.63 -18.20 15.08
N ALA C 243 -23.53 -17.56 15.82
CA ALA C 243 -24.94 -18.00 16.02
C ALA C 243 -25.61 -18.13 14.65
N SER C 244 -25.15 -17.34 13.69
CA SER C 244 -25.63 -17.35 12.29
C SER C 244 -25.28 -18.66 11.59
N GLY C 245 -24.35 -19.45 12.14
CA GLY C 245 -23.74 -20.61 11.48
C GLY C 245 -22.43 -20.26 10.77
N THR C 246 -22.14 -18.98 10.57
CA THR C 246 -20.99 -18.52 9.74
C THR C 246 -19.69 -18.81 10.48
N SER C 247 -18.62 -19.03 9.71
CA SER C 247 -17.27 -19.40 10.19
C SER C 247 -16.47 -18.14 10.50
N GLY C 248 -15.44 -18.25 11.33
CA GLY C 248 -14.53 -17.15 11.63
C GLY C 248 -13.12 -17.62 11.95
N GLU C 249 -12.14 -16.77 11.71
CA GLU C 249 -10.77 -16.91 12.25
C GLU C 249 -10.49 -15.71 13.14
N PHE C 250 -9.71 -15.93 14.20
CA PHE C 250 -9.51 -14.95 15.28
C PHE C 250 -8.12 -15.16 15.88
N SER C 251 -7.39 -14.09 16.13
CA SER C 251 -6.08 -14.17 16.82
C SER C 251 -5.79 -12.85 17.54
N CYS C 252 -4.89 -12.92 18.52
CA CYS C 252 -4.30 -11.75 19.19
C CYS C 252 -2.89 -12.09 19.65
N SER C 253 -2.03 -11.09 19.75
CA SER C 253 -0.60 -11.27 20.16
C SER C 253 -0.05 -9.97 20.72
N ARG C 254 0.67 -10.07 21.84
CA ARG C 254 1.44 -8.97 22.47
C ARG C 254 2.93 -9.15 22.15
N VAL C 255 3.30 -10.10 21.27
CA VAL C 255 4.72 -10.41 20.95
C VAL C 255 4.95 -10.44 19.43
N ALA C 256 4.05 -9.84 18.64
CA ALA C 256 4.09 -9.86 17.16
C ALA C 256 4.95 -8.69 16.70
N ARG C 257 6.22 -8.96 16.39
CA ARG C 257 7.27 -7.93 16.18
C ARG C 257 6.93 -7.05 14.97
N GLY C 258 7.01 -5.73 15.16
CA GLY C 258 6.80 -4.74 14.09
C GLY C 258 5.39 -4.18 14.07
N TYR C 259 4.45 -4.83 14.76
CA TYR C 259 3.05 -4.37 14.88
C TYR C 259 2.88 -3.57 16.18
N ARG C 260 2.18 -2.45 16.06
CA ARG C 260 1.96 -1.46 17.15
C ARG C 260 0.47 -1.42 17.54
N CYS C 261 -0.44 -1.52 16.57
CA CYS C 261 -1.91 -1.43 16.82
C CYS C 261 -2.65 -2.07 15.64
N ARG C 262 -2.22 -3.28 15.27
CA ARG C 262 -2.70 -3.99 14.06
C ARG C 262 -3.95 -4.81 14.43
N LEU C 263 -5.03 -4.13 14.79
CA LEU C 263 -6.39 -4.72 14.83
C LEU C 263 -6.91 -4.70 13.40
N ALA C 264 -6.84 -5.82 12.69
CA ALA C 264 -7.17 -5.89 11.26
C ALA C 264 -8.20 -7.00 11.08
N TRP C 265 -9.22 -6.74 10.29
CA TRP C 265 -10.31 -7.71 10.14
C TRP C 265 -10.81 -7.65 8.71
N GLU C 266 -11.55 -8.68 8.31
CA GLU C 266 -12.21 -8.68 7.00
C GLU C 266 -13.45 -9.58 7.07
N VAL C 267 -14.50 -9.12 6.43
CA VAL C 267 -15.78 -9.84 6.28
C VAL C 267 -15.90 -10.20 4.82
N GLN C 268 -15.89 -11.49 4.53
CA GLN C 268 -16.10 -12.03 3.17
C GLN C 268 -17.58 -12.36 3.06
N GLY C 269 -18.23 -11.83 2.03
CA GLY C 269 -19.68 -12.01 1.84
C GLY C 269 -19.99 -12.68 0.53
N THR C 270 -21.27 -13.01 0.32
CA THR C 270 -21.73 -13.62 -0.95
C THR C 270 -21.59 -12.61 -2.09
N GLU C 271 -21.56 -11.31 -1.82
CA GLU C 271 -21.60 -10.29 -2.92
C GLU C 271 -20.48 -9.27 -2.79
N GLY C 272 -19.51 -9.49 -1.89
CA GLY C 272 -18.36 -8.57 -1.79
C GLY C 272 -17.53 -8.86 -0.56
N THR C 273 -16.53 -8.02 -0.33
CA THR C 273 -15.55 -8.17 0.77
C THR C 273 -15.26 -6.80 1.39
N LEU C 274 -15.24 -6.72 2.72
CA LEU C 274 -14.76 -5.53 3.45
C LEU C 274 -13.48 -5.89 4.21
N ARG C 275 -12.48 -5.01 4.18
CA ARG C 275 -11.17 -5.23 4.86
C ARG C 275 -10.70 -3.93 5.50
N PHE C 276 -10.11 -4.03 6.69
CA PHE C 276 -9.75 -2.86 7.53
C PHE C 276 -8.52 -3.19 8.37
N ASP C 277 -7.65 -2.21 8.56
CA ASP C 277 -6.44 -2.30 9.43
C ASP C 277 -6.37 -1.02 10.26
N GLN C 278 -6.53 -1.14 11.59
CA GLN C 278 -6.54 -0.01 12.54
C GLN C 278 -5.27 0.87 12.38
N GLU C 279 -4.15 0.30 11.95
CA GLU C 279 -2.87 1.05 11.76
C GLU C 279 -3.03 2.05 10.60
N ARG C 280 -4.01 1.83 9.71
CA ARG C 280 -4.45 2.79 8.67
C ARG C 280 -5.95 3.03 8.89
N MET C 281 -6.29 3.61 10.03
CA MET C 281 -7.68 3.60 10.52
C MET C 281 -8.60 4.44 9.61
N ASN C 282 -8.04 5.16 8.63
CA ASN C 282 -8.81 6.05 7.73
C ASN C 282 -9.14 5.36 6.40
N GLU C 283 -8.85 4.07 6.24
CA GLU C 283 -9.10 3.36 4.97
C GLU C 283 -10.00 2.14 5.19
N LEU C 284 -11.05 2.03 4.40
CA LEU C 284 -11.93 0.85 4.38
C LEU C 284 -11.91 0.29 2.95
N TRP C 285 -11.49 -0.95 2.80
CA TRP C 285 -11.38 -1.63 1.48
C TRP C 285 -12.69 -2.38 1.19
N LEU C 286 -13.37 -2.06 0.09
CA LEU C 286 -14.66 -2.68 -0.26
C LEU C 286 -14.54 -3.27 -1.67
N TYR C 287 -14.75 -4.56 -1.81
CA TYR C 287 -14.88 -5.17 -3.15
C TYR C 287 -16.36 -5.52 -3.40
N GLN C 288 -16.85 -5.16 -4.59
CA GLN C 288 -18.16 -5.61 -5.12
C GLN C 288 -17.94 -5.98 -6.59
N PRO C 289 -18.57 -7.05 -7.11
CA PRO C 289 -18.44 -7.40 -8.52
C PRO C 289 -18.70 -6.18 -9.39
N GLY C 290 -17.84 -5.93 -10.37
CA GLY C 290 -18.00 -4.86 -11.36
C GLY C 290 -17.63 -5.38 -12.74
N ARG C 291 -17.72 -4.56 -13.78
CA ARG C 291 -17.37 -5.03 -15.13
C ARG C 291 -15.86 -5.28 -15.18
N PRO C 292 -15.43 -6.32 -15.93
CA PRO C 292 -14.04 -6.79 -15.92
C PRO C 292 -12.99 -5.68 -16.07
N GLU C 293 -13.24 -4.70 -16.94
CA GLU C 293 -12.25 -3.66 -17.31
C GLU C 293 -11.90 -2.79 -16.09
N ILE C 294 -12.79 -2.65 -15.10
CA ILE C 294 -12.57 -1.74 -13.95
C ILE C 294 -12.73 -2.49 -12.63
N ASP C 295 -12.79 -3.82 -12.66
CA ASP C 295 -13.08 -4.65 -11.47
C ASP C 295 -11.93 -4.54 -10.46
N GLY C 296 -12.25 -4.31 -9.18
CA GLY C 296 -11.27 -4.39 -8.10
C GLY C 296 -11.75 -3.73 -6.82
N PHE C 297 -10.99 -3.92 -5.74
CA PHE C 297 -11.20 -3.30 -4.41
C PHE C 297 -11.17 -1.77 -4.55
N ARG C 298 -12.12 -1.11 -3.90
CA ARG C 298 -12.14 0.37 -3.74
C ARG C 298 -11.48 0.72 -2.40
N ARG C 299 -10.60 1.71 -2.41
CA ARG C 299 -10.02 2.32 -1.20
C ARG C 299 -10.95 3.46 -0.78
N ILE C 300 -11.79 3.21 0.22
CA ILE C 300 -12.72 4.24 0.76
C ILE C 300 -11.93 5.02 1.81
N LEU C 301 -11.62 6.27 1.51
CA LEU C 301 -10.93 7.19 2.42
C LEU C 301 -11.97 7.86 3.30
N THR C 302 -11.74 7.85 4.60
CA THR C 302 -12.66 8.39 5.63
C THR C 302 -12.95 9.86 5.35
N GLY C 303 -14.23 10.20 5.40
CA GLY C 303 -14.71 11.57 5.19
C GLY C 303 -16.15 11.72 5.64
N PRO C 304 -16.77 12.91 5.38
CA PRO C 304 -18.05 13.27 6.00
C PRO C 304 -19.23 12.33 5.67
N ALA C 305 -19.08 11.45 4.69
CA ALA C 305 -20.09 10.44 4.31
C ALA C 305 -20.14 9.30 5.36
N GLN C 306 -19.13 9.20 6.23
CA GLN C 306 -19.07 8.12 7.23
C GLN C 306 -19.57 8.67 8.58
N PRO C 307 -20.26 7.81 9.39
CA PRO C 307 -20.78 8.23 10.70
C PRO C 307 -19.73 8.87 11.61
N GLY C 308 -20.08 10.02 12.19
CA GLY C 308 -19.29 10.75 13.20
C GLY C 308 -18.30 11.74 12.58
N PHE C 309 -17.82 11.51 11.36
CA PHE C 309 -16.68 12.27 10.79
C PHE C 309 -17.00 13.77 10.70
N ALA C 310 -18.21 14.11 10.26
CA ALA C 310 -18.65 15.49 9.98
C ALA C 310 -18.61 16.33 11.27
N ALA C 311 -18.77 15.75 12.45
CA ALA C 311 -18.68 16.52 13.72
C ALA C 311 -17.23 17.01 13.94
N PHE C 312 -16.24 16.44 13.25
CA PHE C 312 -14.81 16.75 13.47
C PHE C 312 -14.21 17.56 12.34
N CYS C 313 -14.78 17.47 11.14
CA CYS C 313 -14.18 18.05 9.93
C CYS C 313 -15.14 17.94 8.76
N PRO C 314 -15.35 19.02 7.97
CA PRO C 314 -16.26 18.96 6.83
C PRO C 314 -15.63 18.36 5.56
N GLY C 315 -14.30 18.31 5.45
CA GLY C 315 -13.63 17.78 4.24
C GLY C 315 -13.03 16.40 4.45
N GLY C 316 -13.30 15.48 3.51
CA GLY C 316 -12.75 14.10 3.54
C GLY C 316 -11.22 14.10 3.50
N GLY C 317 -10.60 13.02 3.98
CA GLY C 317 -9.15 12.79 3.82
C GLY C 317 -8.33 13.53 4.85
N HIS C 318 -8.97 14.33 5.72
CA HIS C 318 -8.35 14.92 6.94
C HIS C 318 -8.44 13.85 8.03
N ASN C 319 -7.35 13.07 8.21
CA ASN C 319 -7.35 11.78 8.93
C ASN C 319 -8.02 11.94 10.31
N PHE C 320 -9.01 11.09 10.59
CA PHE C 320 -9.63 10.96 11.93
C PHE C 320 -8.60 10.26 12.83
N GLY C 321 -8.50 10.65 14.09
CA GLY C 321 -7.48 10.13 15.01
C GLY C 321 -8.04 9.13 16.00
N PHE C 322 -7.15 8.32 16.59
CA PHE C 322 -7.45 7.40 17.72
C PHE C 322 -8.22 8.16 18.82
N ASN C 323 -7.73 9.32 19.24
CA ASN C 323 -8.32 10.05 20.40
C ASN C 323 -9.75 10.48 20.05
N GLU C 324 -10.05 10.75 18.77
CA GLU C 324 -11.38 11.20 18.33
C GLU C 324 -12.39 10.05 18.44
N GLN C 325 -11.94 8.79 18.43
CA GLN C 325 -12.81 7.62 18.72
C GLN C 325 -13.43 7.82 20.09
N LYS C 326 -12.65 8.37 21.03
CA LYS C 326 -13.09 8.52 22.44
C LYS C 326 -14.10 9.66 22.55
N VAL C 327 -13.95 10.71 21.74
CA VAL C 327 -14.97 11.82 21.66
C VAL C 327 -16.30 11.21 21.20
N VAL C 328 -16.30 10.36 20.15
CA VAL C 328 -17.52 9.68 19.63
C VAL C 328 -18.15 8.83 20.74
N GLU C 329 -17.32 8.12 21.51
CA GLU C 329 -17.75 7.22 22.63
C GLU C 329 -18.43 8.08 23.70
N ALA C 330 -17.83 9.22 24.06
CA ALA C 330 -18.41 10.20 24.99
C ALA C 330 -19.80 10.60 24.49
N GLU C 331 -19.93 10.96 23.21
CA GLU C 331 -21.21 11.48 22.66
C GLU C 331 -22.26 10.37 22.70
N MET C 332 -21.88 9.12 22.43
CA MET C 332 -22.83 7.99 22.45
C MET C 332 -23.42 7.86 23.85
N LEU C 333 -22.58 7.88 24.90
CA LEU C 333 -23.03 7.77 26.31
C LEU C 333 -23.87 9.01 26.67
N ARG C 334 -23.44 10.18 26.22
CA ARG C 334 -24.15 11.47 26.41
C ARG C 334 -25.60 11.35 25.91
N GLN C 335 -25.78 10.85 24.68
CA GLN C 335 -27.10 10.72 24.02
C GLN C 335 -27.94 9.65 24.72
N ALA C 336 -27.34 8.51 25.10
CA ALA C 336 -28.02 7.44 25.87
C ALA C 336 -28.49 7.99 27.22
N ILE C 337 -27.66 8.76 27.92
CA ILE C 337 -28.06 9.32 29.24
C ILE C 337 -29.27 10.21 29.02
N ALA C 338 -29.34 10.92 27.89
CA ALA C 338 -30.46 11.83 27.54
C ALA C 338 -31.63 11.05 26.96
N GLY C 339 -31.50 9.73 26.79
CA GLY C 339 -32.53 8.84 26.24
C GLY C 339 -32.83 9.11 24.77
N ARG C 340 -31.83 9.44 23.96
CA ARG C 340 -32.02 9.70 22.50
C ARG C 340 -31.20 8.71 21.67
N GLY C 341 -30.85 7.57 22.25
CA GLY C 341 -30.01 6.60 21.56
C GLY C 341 -29.39 5.67 22.56
N LYS C 342 -29.03 4.49 22.09
CA LYS C 342 -28.62 3.33 22.89
C LYS C 342 -27.09 3.28 22.76
N ALA C 343 -26.36 3.14 23.86
CA ALA C 343 -24.89 3.08 23.86
C ALA C 343 -24.47 1.61 23.97
N TRP C 344 -23.57 1.18 23.12
CA TRP C 344 -23.11 -0.23 23.05
C TRP C 344 -21.61 -0.26 23.31
N PRO C 345 -21.10 -1.27 24.05
CA PRO C 345 -21.93 -2.20 24.80
C PRO C 345 -22.12 -1.77 26.27
N ASP C 346 -23.31 -2.03 26.81
CA ASP C 346 -23.60 -1.85 28.25
C ASP C 346 -23.06 -3.09 28.97
N PHE C 347 -23.21 -3.13 30.29
CA PHE C 347 -22.68 -4.22 31.16
C PHE C 347 -23.29 -5.57 30.72
N THR C 348 -24.50 -5.57 30.18
CA THR C 348 -25.14 -6.82 29.66
C THR C 348 -24.37 -7.28 28.40
N ASP C 349 -24.23 -6.44 27.38
CA ASP C 349 -23.47 -6.79 26.15
C ASP C 349 -22.00 -7.03 26.50
N GLY C 350 -21.45 -6.28 27.45
CA GLY C 350 -20.05 -6.41 27.89
C GLY C 350 -19.76 -7.79 28.47
N LEU C 351 -20.68 -8.29 29.30
CA LEU C 351 -20.51 -9.59 29.99
C LEU C 351 -20.32 -10.68 28.92
N THR C 352 -21.14 -10.68 27.86
CA THR C 352 -21.02 -11.66 26.75
C THR C 352 -19.59 -11.65 26.19
N ILE C 353 -19.04 -10.46 25.93
CA ILE C 353 -17.63 -10.29 25.47
C ILE C 353 -16.67 -10.90 26.50
N GLU C 354 -16.89 -10.71 27.81
CA GLU C 354 -16.02 -11.30 28.87
C GLU C 354 -16.10 -12.83 28.78
N ARG C 355 -17.31 -13.36 28.56
CA ARG C 355 -17.54 -14.83 28.48
C ARG C 355 -16.81 -15.40 27.25
N VAL C 356 -16.87 -14.71 26.12
CA VAL C 356 -16.17 -15.19 24.88
C VAL C 356 -14.66 -15.27 25.15
N ILE C 357 -13.99 -14.22 25.64
CA ILE C 357 -12.50 -14.26 25.78
C ILE C 357 -12.11 -15.32 26.82
N HIS C 358 -12.86 -15.44 27.91
CA HIS C 358 -12.61 -16.47 28.95
C HIS C 358 -12.85 -17.86 28.38
N GLY C 359 -13.87 -18.02 27.55
CA GLY C 359 -14.16 -19.30 26.86
C GLY C 359 -13.03 -19.68 25.93
N MET C 360 -12.43 -18.70 25.25
CA MET C 360 -11.25 -18.95 24.40
C MET C 360 -10.09 -19.44 25.27
N ALA C 361 -9.84 -18.78 26.40
CA ALA C 361 -8.79 -19.19 27.37
C ALA C 361 -9.04 -20.64 27.85
N THR C 362 -10.27 -20.96 28.24
CA THR C 362 -10.65 -22.33 28.66
C THR C 362 -10.36 -23.32 27.53
N SER C 363 -10.82 -23.02 26.31
CA SER C 363 -10.65 -23.92 25.13
C SER C 363 -9.16 -24.24 24.97
N ALA C 364 -8.32 -23.21 25.00
CA ALA C 364 -6.85 -23.29 24.89
C ALA C 364 -6.28 -24.20 25.98
N GLN C 365 -6.72 -24.03 27.23
CA GLN C 365 -6.28 -24.85 28.39
C GLN C 365 -6.70 -26.31 28.19
N THR C 366 -7.96 -26.58 27.81
CA THR C 366 -8.54 -27.95 27.80
C THR C 366 -8.25 -28.67 26.48
N GLY C 367 -7.92 -27.95 25.39
CA GLY C 367 -7.81 -28.56 24.06
C GLY C 367 -9.17 -29.02 23.53
N GLN C 368 -10.27 -28.48 24.06
CA GLN C 368 -11.64 -28.85 23.63
C GLN C 368 -12.40 -27.59 23.21
N PRO C 369 -13.44 -27.71 22.35
CA PRO C 369 -14.25 -26.56 21.99
C PRO C 369 -15.06 -26.07 23.19
N VAL C 370 -15.53 -24.83 23.12
CA VAL C 370 -16.40 -24.20 24.15
C VAL C 370 -17.61 -23.63 23.44
N ASN C 371 -18.81 -24.06 23.87
CA ASN C 371 -20.12 -23.57 23.38
C ASN C 371 -20.64 -22.49 24.33
N PHE C 372 -21.33 -21.49 23.76
CA PHE C 372 -21.91 -20.34 24.50
C PHE C 372 -23.44 -20.34 24.41
N LEU C 373 -24.08 -21.19 23.59
CA LEU C 373 -25.56 -21.11 23.36
C LEU C 373 -26.23 -22.45 23.65
N LYS D 6 -0.03 32.64 34.70
CA LYS D 6 -1.49 32.99 34.57
C LYS D 6 -2.04 32.44 33.24
N ALA D 7 -3.32 32.04 33.22
CA ALA D 7 -3.98 31.41 32.06
C ALA D 7 -4.10 32.43 30.92
N LEU D 8 -3.78 31.99 29.69
CA LEU D 8 -3.86 32.80 28.45
C LEU D 8 -5.33 33.09 28.17
N GLY D 9 -5.69 34.35 27.95
CA GLY D 9 -7.06 34.74 27.51
C GLY D 9 -7.21 34.61 26.01
N VAL D 10 -8.20 33.85 25.55
CA VAL D 10 -8.33 33.53 24.09
C VAL D 10 -9.59 34.17 23.51
N ALA D 11 -9.43 34.82 22.36
CA ALA D 11 -10.52 35.24 21.47
C ALA D 11 -10.41 34.45 20.17
N LEU D 12 -11.55 34.06 19.61
CA LEU D 12 -11.61 33.33 18.33
C LEU D 12 -12.55 34.08 17.41
N ILE D 13 -12.10 34.37 16.19
CA ILE D 13 -12.93 34.98 15.13
C ILE D 13 -13.11 33.93 14.02
N GLY D 14 -14.37 33.58 13.74
CA GLY D 14 -14.74 32.56 12.75
C GLY D 14 -14.96 31.21 13.40
N THR D 15 -15.92 30.46 12.90
CA THR D 15 -16.39 29.18 13.46
C THR D 15 -16.48 28.09 12.38
N GLY D 16 -16.03 28.37 11.16
CA GLY D 16 -16.07 27.39 10.06
C GLY D 16 -15.06 26.28 10.27
N PHE D 17 -14.62 25.68 9.17
CA PHE D 17 -13.60 24.60 9.14
C PHE D 17 -12.47 24.90 10.15
N MET D 18 -11.70 25.96 9.88
CA MET D 18 -10.50 26.27 10.67
C MET D 18 -10.89 26.92 12.00
N GLY D 19 -12.04 27.61 12.06
CA GLY D 19 -12.55 28.19 13.31
C GLY D 19 -12.74 27.10 14.37
N LYS D 20 -13.54 26.10 14.05
CA LYS D 20 -13.84 24.97 14.95
C LYS D 20 -12.55 24.20 15.26
N CYS D 21 -11.61 24.13 14.31
CA CYS D 21 -10.34 23.41 14.48
C CYS D 21 -9.52 24.13 15.58
N HIS D 22 -9.43 25.45 15.50
CA HIS D 22 -8.81 26.34 16.53
C HIS D 22 -9.50 26.11 17.87
N ALA D 23 -10.84 26.06 17.89
CA ALA D 23 -11.65 25.91 19.12
C ALA D 23 -11.28 24.60 19.81
N MET D 24 -11.20 23.50 19.06
CA MET D 24 -10.84 22.17 19.60
C MET D 24 -9.40 22.18 20.11
N ALA D 25 -8.50 22.91 19.44
CA ALA D 25 -7.06 22.98 19.81
C ALA D 25 -6.92 23.71 21.14
N TRP D 26 -7.47 24.93 21.23
CA TRP D 26 -7.44 25.77 22.45
C TRP D 26 -8.06 25.00 23.63
N ARG D 27 -9.13 24.26 23.39
CA ARG D 27 -9.88 23.54 24.45
C ARG D 27 -9.00 22.46 25.09
N ASN D 28 -8.08 21.82 24.33
CA ASN D 28 -7.35 20.63 24.87
C ASN D 28 -5.84 20.84 24.93
N VAL D 29 -5.30 22.00 24.58
CA VAL D 29 -3.82 22.18 24.50
C VAL D 29 -3.19 21.88 25.87
N ALA D 30 -3.77 22.37 26.97
CA ALA D 30 -3.25 22.14 28.33
C ALA D 30 -3.48 20.68 28.72
N THR D 31 -4.62 20.10 28.32
CA THR D 31 -4.90 18.65 28.56
C THR D 31 -3.75 17.80 28.03
N ALA D 32 -3.27 18.12 26.81
CA ALA D 32 -2.17 17.39 26.14
C ALA D 32 -0.81 17.78 26.75
N PHE D 33 -0.53 19.07 26.90
CA PHE D 33 0.85 19.54 27.15
C PHE D 33 1.03 20.07 28.57
N GLY D 34 -0.01 20.11 29.38
CA GLY D 34 0.07 20.57 30.78
C GLY D 34 -0.02 22.08 30.90
N GLY D 35 0.25 22.62 32.09
CA GLY D 35 0.08 24.04 32.41
C GLY D 35 -1.39 24.40 32.55
N LEU D 36 -1.71 25.69 32.51
CA LEU D 36 -3.08 26.16 32.80
C LEU D 36 -3.89 26.15 31.51
N PRO D 37 -5.15 25.66 31.55
CA PRO D 37 -6.04 25.77 30.41
C PRO D 37 -6.20 27.23 30.01
N PRO D 38 -6.00 27.57 28.72
CA PRO D 38 -6.32 28.91 28.23
C PRO D 38 -7.82 29.17 28.48
N ARG D 39 -8.14 30.41 28.86
CA ARG D 39 -9.53 30.89 29.08
C ARG D 39 -10.12 31.25 27.73
N LEU D 40 -11.22 30.61 27.37
CA LEU D 40 -11.95 30.90 26.11
C LEU D 40 -12.91 32.05 26.42
N GLU D 41 -12.51 33.28 26.09
CA GLU D 41 -13.19 34.52 26.55
C GLU D 41 -14.27 34.94 25.56
N VAL D 42 -13.91 35.18 24.30
CA VAL D 42 -14.84 35.80 23.31
C VAL D 42 -14.76 35.05 21.99
N LEU D 43 -15.90 34.57 21.51
CA LEU D 43 -16.07 34.03 20.15
C LEU D 43 -16.78 35.09 19.31
N ALA D 44 -16.25 35.42 18.13
CA ALA D 44 -16.87 36.44 17.24
C ALA D 44 -17.24 35.79 15.90
N ASP D 45 -18.48 35.98 15.47
CA ASP D 45 -18.99 35.50 14.15
C ASP D 45 -20.33 36.17 13.90
N MET D 46 -20.85 36.05 12.67
CA MET D 46 -22.13 36.66 12.23
C MET D 46 -23.05 35.57 11.66
N PRO D 47 -24.37 35.59 11.95
CA PRO D 47 -24.99 36.58 12.82
C PRO D 47 -24.78 36.33 14.31
N ALA D 48 -25.28 37.23 15.16
CA ALA D 48 -25.14 37.18 16.64
C ALA D 48 -25.68 35.85 17.18
N ASP D 49 -26.88 35.40 16.76
CA ASP D 49 -27.47 34.16 17.31
C ASP D 49 -26.51 32.97 17.05
N LYS D 50 -25.81 32.98 15.92
CA LYS D 50 -24.85 31.89 15.58
C LYS D 50 -23.62 31.97 16.51
N ALA D 51 -23.06 33.17 16.71
CA ALA D 51 -21.93 33.39 17.65
C ALA D 51 -22.37 32.97 19.06
N HIS D 52 -23.64 33.15 19.40
CA HIS D 52 -24.18 32.82 20.75
C HIS D 52 -24.24 31.30 20.93
N SER D 53 -24.80 30.53 20.00
CA SER D 53 -24.93 29.06 20.17
C SER D 53 -23.54 28.41 20.13
N LEU D 54 -22.66 28.83 19.22
CA LEU D 54 -21.34 28.19 19.05
C LEU D 54 -20.45 28.53 20.25
N ALA D 55 -20.58 29.72 20.86
CA ALA D 55 -19.84 30.07 22.09
C ALA D 55 -20.25 29.11 23.21
N SER D 56 -21.55 28.85 23.33
CA SER D 56 -22.12 27.92 24.34
C SER D 56 -21.52 26.51 24.15
N SER D 57 -21.54 25.95 22.94
CA SER D 57 -21.11 24.54 22.69
C SER D 57 -19.58 24.44 22.66
N PHE D 58 -18.86 25.50 22.25
CA PHE D 58 -17.37 25.56 22.21
C PHE D 58 -16.80 25.85 23.61
N GLY D 59 -17.62 26.42 24.51
CA GLY D 59 -17.18 26.73 25.89
C GLY D 59 -16.51 28.09 25.99
N PHE D 60 -16.88 29.03 25.11
CA PHE D 60 -16.40 30.44 25.18
C PHE D 60 -17.33 31.21 26.13
N ALA D 61 -16.77 32.07 26.99
CA ALA D 61 -17.52 32.83 28.01
C ALA D 61 -18.66 33.59 27.34
N ARG D 62 -18.42 34.17 26.16
CA ARG D 62 -19.49 34.85 25.40
C ARG D 62 -19.19 34.87 23.90
N GLY D 63 -20.24 35.10 23.12
CA GLY D 63 -20.22 35.24 21.65
C GLY D 63 -20.67 36.64 21.27
N THR D 64 -20.22 37.15 20.13
CA THR D 64 -20.56 38.50 19.63
C THR D 64 -20.47 38.52 18.11
N ALA D 65 -21.21 39.43 17.48
CA ALA D 65 -21.09 39.73 16.04
C ALA D 65 -20.15 40.93 15.85
N ASP D 66 -19.63 41.48 16.95
CA ASP D 66 -18.66 42.61 16.93
C ASP D 66 -17.24 42.04 17.06
N TRP D 67 -16.56 41.81 15.95
CA TRP D 67 -15.20 41.19 15.97
C TRP D 67 -14.23 42.11 16.71
N ARG D 68 -14.43 43.43 16.68
CA ARG D 68 -13.53 44.38 17.37
C ARG D 68 -13.59 44.15 18.88
N GLU D 69 -14.71 43.63 19.40
CA GLU D 69 -14.88 43.33 20.86
C GLU D 69 -13.89 42.22 21.23
N ALA D 70 -13.71 41.24 20.34
CA ALA D 70 -12.82 40.08 20.51
C ALA D 70 -11.36 40.54 20.63
N VAL D 71 -10.92 41.51 19.83
CA VAL D 71 -9.49 41.94 19.80
C VAL D 71 -9.22 43.01 20.86
N SER D 72 -10.25 43.69 21.38
CA SER D 72 -10.12 44.82 22.33
C SER D 72 -10.42 44.41 23.78
N ASP D 73 -11.05 43.27 24.03
CA ASP D 73 -11.39 42.85 25.41
C ASP D 73 -10.12 42.74 26.25
N PRO D 74 -10.05 43.43 27.41
CA PRO D 74 -8.85 43.40 28.27
C PRO D 74 -8.46 42.00 28.74
N ALA D 75 -9.44 41.12 28.92
CA ALA D 75 -9.23 39.73 29.37
C ALA D 75 -8.72 38.84 28.22
N VAL D 76 -8.49 39.40 27.03
CA VAL D 76 -7.97 38.62 25.88
C VAL D 76 -6.47 38.93 25.73
N ASP D 77 -5.65 37.89 25.61
CA ASP D 77 -4.18 37.99 25.35
C ASP D 77 -3.87 37.63 23.91
N VAL D 78 -4.63 36.70 23.33
CA VAL D 78 -4.31 36.11 21.99
C VAL D 78 -5.61 36.00 21.19
N VAL D 79 -5.52 36.23 19.88
CA VAL D 79 -6.68 36.19 18.95
C VAL D 79 -6.38 35.16 17.85
N SER D 80 -7.17 34.08 17.80
CA SER D 80 -7.31 33.18 16.63
C SER D 80 -8.16 33.88 15.57
N ILE D 81 -7.61 34.10 14.37
CA ILE D 81 -8.33 34.74 13.24
C ILE D 81 -8.43 33.69 12.11
N THR D 82 -9.64 33.26 11.79
CA THR D 82 -9.92 32.16 10.84
C THR D 82 -11.02 32.52 9.86
N THR D 83 -11.27 33.80 9.62
CA THR D 83 -12.46 34.21 8.81
C THR D 83 -12.02 34.26 7.35
N PRO D 84 -12.89 34.76 6.44
CA PRO D 84 -12.51 34.92 5.04
C PRO D 84 -11.24 35.79 4.98
N ASN D 85 -10.34 35.38 4.10
CA ASN D 85 -8.97 35.92 3.96
C ASN D 85 -9.08 37.43 3.68
N GLY D 86 -10.24 37.86 3.17
CA GLY D 86 -10.51 39.24 2.69
C GLY D 86 -10.29 40.28 3.77
N LEU D 87 -10.52 39.94 5.05
CA LEU D 87 -10.40 40.90 6.18
C LEU D 87 -9.23 40.52 7.10
N HIS D 88 -8.34 39.62 6.67
CA HIS D 88 -7.18 39.18 7.48
C HIS D 88 -6.35 40.39 7.92
N ARG D 89 -6.04 41.30 7.00
CA ARG D 89 -5.16 42.46 7.29
C ARG D 89 -5.83 43.35 8.34
N GLU D 90 -7.04 43.83 8.08
CA GLU D 90 -7.80 44.72 9.01
C GLU D 90 -7.83 44.08 10.40
N MET D 91 -8.20 42.81 10.48
CA MET D 91 -8.41 42.14 11.79
C MET D 91 -7.07 41.88 12.47
N ALA D 92 -6.07 41.37 11.75
CA ALA D 92 -4.74 41.07 12.34
C ALA D 92 -4.11 42.37 12.84
N GLU D 93 -4.13 43.42 12.01
CA GLU D 93 -3.52 44.74 12.34
C GLU D 93 -4.22 45.35 13.56
N ALA D 94 -5.55 45.23 13.65
CA ALA D 94 -6.35 45.73 14.79
C ALA D 94 -5.94 44.98 16.07
N ALA D 95 -5.79 43.64 15.98
CA ALA D 95 -5.40 42.79 17.12
C ALA D 95 -4.00 43.17 17.60
N LEU D 96 -3.08 43.44 16.67
CA LEU D 96 -1.69 43.85 17.01
C LEU D 96 -1.72 45.24 17.66
N ALA D 97 -2.49 46.18 17.11
CA ALA D 97 -2.60 47.57 17.63
C ALA D 97 -3.18 47.54 19.04
N ALA D 98 -3.98 46.53 19.38
CA ALA D 98 -4.63 46.41 20.71
C ALA D 98 -3.71 45.63 21.67
N GLY D 99 -2.49 45.32 21.24
CA GLY D 99 -1.49 44.63 22.09
C GLY D 99 -1.80 43.15 22.30
N LYS D 100 -2.46 42.48 21.34
CA LYS D 100 -2.74 41.01 21.44
C LYS D 100 -1.76 40.21 20.56
N HIS D 101 -1.40 39.01 20.99
CA HIS D 101 -0.73 37.99 20.13
C HIS D 101 -1.72 37.50 19.07
N VAL D 102 -1.24 37.05 17.90
CA VAL D 102 -2.13 36.66 16.78
C VAL D 102 -1.75 35.27 16.24
N TRP D 103 -2.75 34.39 16.21
CA TRP D 103 -2.72 33.08 15.51
C TRP D 103 -3.57 33.22 14.25
N LEU D 104 -2.92 33.52 13.13
CA LEU D 104 -3.59 33.86 11.85
C LEU D 104 -3.60 32.65 10.92
N GLU D 105 -4.81 32.17 10.59
CA GLU D 105 -5.04 31.11 9.59
C GLU D 105 -4.49 31.62 8.25
N LYS D 106 -3.76 30.80 7.51
CA LYS D 106 -3.28 31.22 6.17
C LYS D 106 -4.50 31.52 5.30
N PRO D 107 -4.38 32.44 4.32
CA PRO D 107 -3.14 33.17 4.07
C PRO D 107 -3.06 34.46 4.90
N MET D 108 -1.88 35.08 4.94
CA MET D 108 -1.71 36.38 5.61
C MET D 108 -2.75 37.36 5.07
N ALA D 109 -2.86 37.45 3.75
CA ALA D 109 -3.84 38.31 3.05
C ALA D 109 -3.92 37.86 1.60
N LEU D 110 -4.78 38.50 0.82
CA LEU D 110 -5.00 38.15 -0.61
C LEU D 110 -3.81 38.65 -1.45
N SER D 111 -3.12 39.69 -1.00
CA SER D 111 -2.01 40.31 -1.79
C SER D 111 -0.72 40.34 -0.97
N VAL D 112 0.41 40.32 -1.68
CA VAL D 112 1.77 40.51 -1.11
C VAL D 112 1.84 41.90 -0.44
N GLU D 113 1.22 42.92 -1.05
CA GLU D 113 1.24 44.30 -0.50
C GLU D 113 0.61 44.30 0.91
N ASP D 114 -0.57 43.72 1.06
CA ASP D 114 -1.29 43.65 2.37
C ASP D 114 -0.41 42.87 3.36
N ALA D 115 0.12 41.73 2.93
CA ALA D 115 0.97 40.85 3.77
C ALA D 115 2.17 41.66 4.25
N GLN D 116 2.74 42.49 3.37
CA GLN D 116 3.94 43.32 3.67
C GLN D 116 3.61 44.34 4.77
N ALA D 117 2.49 45.05 4.65
CA ALA D 117 2.00 46.00 5.67
C ALA D 117 1.84 45.26 7.01
N MET D 118 1.26 44.06 6.97
CA MET D 118 1.01 43.25 8.20
C MET D 118 2.35 42.88 8.81
N GLU D 119 3.32 42.47 8.00
CA GLU D 119 4.64 42.04 8.54
C GLU D 119 5.29 43.23 9.27
N ALA D 120 5.16 44.44 8.70
CA ALA D 120 5.68 45.69 9.31
C ALA D 120 4.96 45.92 10.65
N ALA D 121 3.63 45.82 10.65
CA ALA D 121 2.79 46.01 11.87
C ALA D 121 3.24 45.03 12.96
N ALA D 122 3.55 43.78 12.59
CA ALA D 122 4.03 42.72 13.51
C ALA D 122 5.37 43.11 14.13
N ARG D 123 6.34 43.58 13.33
CA ARG D 123 7.68 43.92 13.84
C ARG D 123 7.56 45.01 14.91
N ALA D 124 6.73 46.04 14.66
CA ALA D 124 6.54 47.18 15.58
C ALA D 124 5.74 46.78 16.82
N SER D 125 5.03 45.65 16.80
CA SER D 125 4.00 45.32 17.84
C SER D 125 4.62 44.65 19.07
N ASP D 126 5.75 43.95 18.95
CA ASP D 126 6.42 43.23 20.08
C ASP D 126 5.56 42.06 20.59
N ARG D 127 4.46 41.71 19.92
CA ARG D 127 3.62 40.53 20.27
C ARG D 127 4.04 39.36 19.39
N ARG D 128 3.74 38.13 19.80
CA ARG D 128 4.05 36.91 19.03
C ARG D 128 2.97 36.71 17.94
N THR D 129 3.38 36.30 16.75
CA THR D 129 2.48 35.88 15.66
C THR D 129 2.88 34.49 15.16
N ILE D 130 1.91 33.76 14.63
CA ILE D 130 2.14 32.47 13.93
C ILE D 130 1.06 32.39 12.84
N ILE D 131 1.44 31.92 11.65
CA ILE D 131 0.48 31.59 10.56
C ILE D 131 0.13 30.11 10.71
N GLY D 132 -1.17 29.81 10.66
CA GLY D 132 -1.66 28.43 10.74
C GLY D 132 -1.22 27.64 9.52
N TYR D 133 -0.21 26.79 9.68
CA TYR D 133 0.25 25.84 8.65
C TYR D 133 0.19 24.44 9.25
N ASN D 134 -1.04 23.89 9.31
CA ASN D 134 -1.44 22.60 9.93
C ASN D 134 -0.38 21.52 9.63
N TYR D 135 0.07 21.43 8.38
CA TYR D 135 0.77 20.22 7.85
C TYR D 135 2.23 20.21 8.27
N THR D 136 2.74 21.30 8.86
CA THR D 136 4.09 21.37 9.48
C THR D 136 4.07 20.81 10.91
N ARG D 137 2.93 20.39 11.46
CA ARG D 137 2.83 20.04 12.91
C ARG D 137 2.69 18.52 13.11
N SER D 138 2.61 17.71 12.06
CA SER D 138 2.43 16.24 12.20
C SER D 138 3.71 15.66 12.80
N PRO D 139 3.59 14.65 13.69
CA PRO D 139 4.77 13.93 14.18
C PRO D 139 5.68 13.42 13.06
N ALA D 140 5.09 12.94 11.97
CA ALA D 140 5.85 12.34 10.84
C ALA D 140 6.69 13.43 10.16
N PHE D 141 6.08 14.58 9.87
CA PHE D 141 6.78 15.71 9.22
C PHE D 141 7.91 16.23 10.12
N ARG D 142 7.65 16.45 11.40
CA ARG D 142 8.66 16.99 12.33
C ARG D 142 9.78 15.95 12.44
N ALA D 143 9.45 14.67 12.48
CA ALA D 143 10.43 13.55 12.48
C ALA D 143 11.30 13.63 11.21
N ALA D 144 10.70 13.92 10.07
CA ALA D 144 11.42 13.98 8.79
C ALA D 144 12.45 15.11 8.85
N VAL D 145 12.05 16.27 9.35
CA VAL D 145 12.94 17.46 9.44
C VAL D 145 14.16 17.09 10.29
N ASP D 146 13.94 16.48 11.47
CA ASP D 146 15.04 16.10 12.37
C ASP D 146 15.96 15.09 11.68
N LEU D 147 15.41 14.05 11.04
CA LEU D 147 16.21 13.03 10.32
C LEU D 147 17.09 13.72 9.28
N ILE D 148 16.56 14.71 8.55
CA ILE D 148 17.36 15.43 7.54
C ILE D 148 18.49 16.20 8.25
N ALA D 149 18.18 16.95 9.33
CA ALA D 149 19.15 17.76 10.11
C ALA D 149 20.27 16.87 10.63
N GLU D 150 19.95 15.63 11.02
CA GLU D 150 20.92 14.65 11.60
C GLU D 150 21.77 13.93 10.54
N GLY D 151 21.53 14.13 9.24
CA GLY D 151 22.35 13.53 8.18
C GLY D 151 21.84 12.18 7.70
N ALA D 152 20.64 11.78 8.14
CA ALA D 152 20.03 10.45 7.86
C ALA D 152 19.95 10.17 6.35
N ILE D 153 19.83 11.20 5.51
CA ILE D 153 19.76 10.96 4.03
C ILE D 153 20.89 11.73 3.33
N GLY D 154 21.93 12.09 4.08
CA GLY D 154 23.08 12.81 3.52
C GLY D 154 22.66 14.19 3.08
N ARG D 155 23.18 14.68 1.96
CA ARG D 155 22.86 16.01 1.40
C ARG D 155 21.62 15.87 0.51
N PRO D 156 20.55 16.69 0.73
CA PRO D 156 19.40 16.73 -0.17
C PRO D 156 19.75 17.13 -1.61
N ILE D 157 19.33 16.34 -2.61
CA ILE D 157 19.66 16.59 -4.05
C ILE D 157 18.39 16.85 -4.87
N HIS D 158 17.20 16.49 -4.38
CA HIS D 158 15.94 16.77 -5.11
C HIS D 158 14.73 16.74 -4.17
N PHE D 159 13.80 17.66 -4.44
CA PHE D 159 12.49 17.73 -3.76
C PHE D 159 11.41 17.53 -4.83
N ARG D 160 10.41 16.67 -4.55
CA ARG D 160 9.19 16.56 -5.38
C ARG D 160 7.98 16.58 -4.47
N GLY D 161 7.13 17.58 -4.66
CA GLY D 161 5.96 17.83 -3.81
C GLY D 161 4.71 18.07 -4.64
N MET D 162 3.57 17.64 -4.12
CA MET D 162 2.24 17.84 -4.74
C MET D 162 1.22 18.10 -3.62
N TYR D 163 0.15 18.81 -3.95
CA TYR D 163 -1.05 18.96 -3.08
C TYR D 163 -2.29 18.92 -3.97
N ASP D 164 -2.84 17.72 -4.13
CA ASP D 164 -4.03 17.44 -4.96
C ASP D 164 -5.24 17.33 -4.05
N GLU D 165 -6.31 18.02 -4.44
CA GLU D 165 -7.69 17.86 -3.90
C GLU D 165 -8.67 17.98 -5.05
N ASP D 166 -9.94 17.57 -4.86
CA ASP D 166 -10.91 17.57 -5.97
C ASP D 166 -12.16 18.37 -5.59
N TYR D 167 -12.07 19.25 -4.59
CA TYR D 167 -13.25 19.99 -4.04
C TYR D 167 -13.86 20.89 -5.14
N MET D 168 -13.15 21.22 -6.23
CA MET D 168 -13.72 22.08 -7.31
C MET D 168 -13.87 21.32 -8.63
N ALA D 169 -13.64 20.01 -8.62
CA ALA D 169 -13.61 19.18 -9.85
C ALA D 169 -15.00 19.18 -10.51
N ASP D 170 -16.08 19.24 -9.72
CA ASP D 170 -17.48 19.23 -10.23
C ASP D 170 -17.74 20.57 -10.91
N PRO D 171 -17.88 20.60 -12.26
CA PRO D 171 -18.06 21.87 -12.97
C PRO D 171 -19.38 22.58 -12.66
N ASP D 172 -20.36 21.86 -12.10
CA ASP D 172 -21.66 22.45 -11.64
C ASP D 172 -21.51 23.22 -10.33
N LEU D 173 -20.38 23.09 -9.60
CA LEU D 173 -20.18 23.84 -8.34
C LEU D 173 -20.27 25.33 -8.66
N PRO D 174 -21.20 26.05 -7.99
CA PRO D 174 -21.46 27.46 -8.31
C PRO D 174 -20.25 28.37 -8.13
N TRP D 175 -20.25 29.46 -8.92
CA TRP D 175 -19.27 30.56 -8.83
C TRP D 175 -19.35 31.15 -7.42
N SER D 176 -18.26 31.75 -6.94
CA SER D 176 -18.20 32.46 -5.64
C SER D 176 -17.17 33.58 -5.73
N TRP D 177 -17.16 34.44 -4.72
CA TRP D 177 -16.25 35.61 -4.64
C TRP D 177 -14.81 35.11 -4.49
N ALA D 178 -14.65 33.90 -3.96
CA ALA D 178 -13.34 33.20 -3.83
C ALA D 178 -12.74 32.85 -5.21
N LEU D 179 -13.51 32.92 -6.31
CA LEU D 179 -12.99 32.59 -7.67
C LEU D 179 -12.63 33.87 -8.42
N THR D 180 -12.70 35.03 -7.76
CA THR D 180 -12.29 36.34 -8.32
C THR D 180 -10.88 36.67 -7.83
N ARG D 181 -10.10 37.35 -8.66
CA ARG D 181 -8.73 37.82 -8.31
C ARG D 181 -8.80 38.77 -7.12
N LYS D 182 -9.70 39.76 -7.13
CA LYS D 182 -9.66 40.82 -6.10
C LYS D 182 -10.29 40.31 -4.79
N ASP D 183 -11.31 39.46 -4.82
CA ASP D 183 -12.00 39.02 -3.57
C ASP D 183 -11.51 37.64 -3.12
N GLY D 184 -10.87 36.87 -4.01
CA GLY D 184 -10.39 35.50 -3.71
C GLY D 184 -8.88 35.41 -3.68
N GLY D 185 -8.18 36.32 -4.38
CA GLY D 185 -6.73 36.22 -4.64
C GLY D 185 -6.41 34.98 -5.45
N LEU D 186 -5.34 34.28 -5.09
CA LEU D 186 -4.87 33.08 -5.83
C LEU D 186 -5.91 31.96 -5.69
N GLY D 187 -5.91 31.02 -6.63
CA GLY D 187 -6.80 29.85 -6.59
C GLY D 187 -6.14 28.71 -5.85
N ALA D 188 -5.82 27.63 -6.55
CA ALA D 188 -5.19 26.41 -5.97
C ALA D 188 -3.86 26.77 -5.29
N LEU D 189 -3.12 27.75 -5.80
CA LEU D 189 -1.82 28.16 -5.19
C LEU D 189 -2.07 28.78 -3.81
N GLY D 190 -3.18 29.51 -3.64
CA GLY D 190 -3.58 30.16 -2.38
C GLY D 190 -4.13 29.16 -1.38
N ASP D 191 -5.00 28.24 -1.82
CA ASP D 191 -5.66 27.24 -0.95
C ASP D 191 -4.70 26.09 -0.60
N LEU D 192 -3.88 25.63 -1.55
CA LEU D 192 -3.06 24.40 -1.37
C LEU D 192 -1.56 24.72 -1.51
N GLY D 193 -1.18 25.53 -2.49
CA GLY D 193 0.22 25.87 -2.77
C GLY D 193 0.93 26.33 -1.51
N CYS D 194 0.37 27.32 -0.81
N CYS D 194 0.36 27.31 -0.81
CA CYS D 194 0.99 27.91 0.41
CA CYS D 194 0.94 27.90 0.43
C CYS D 194 1.34 26.79 1.39
C CYS D 194 1.34 26.78 1.38
N HIS D 195 0.41 25.85 1.63
CA HIS D 195 0.63 24.66 2.50
C HIS D 195 1.85 23.89 2.02
N LEU D 196 1.93 23.60 0.71
CA LEU D 196 3.05 22.80 0.15
C LEU D 196 4.35 23.60 0.32
N VAL D 197 4.30 24.93 0.16
CA VAL D 197 5.50 25.78 0.32
C VAL D 197 5.96 25.67 1.77
N SER D 198 5.02 25.77 2.73
CA SER D 198 5.38 25.75 4.17
C SER D 198 6.16 24.47 4.49
N VAL D 199 5.72 23.36 3.93
CA VAL D 199 6.38 22.02 4.11
C VAL D 199 7.70 22.04 3.33
N MET D 200 7.68 22.49 2.08
CA MET D 200 8.84 22.45 1.17
C MET D 200 10.03 23.22 1.75
N VAL D 201 9.85 24.49 2.14
CA VAL D 201 10.96 25.37 2.61
C VAL D 201 11.46 24.90 3.99
N SER D 202 10.58 24.26 4.78
CA SER D 202 10.95 23.63 6.07
C SER D 202 11.90 22.45 5.83
N LEU D 203 11.79 21.78 4.69
CA LEU D 203 12.64 20.59 4.38
C LEU D 203 13.89 21.02 3.63
N MET D 204 13.80 21.96 2.70
CA MET D 204 14.86 22.23 1.69
C MET D 204 15.53 23.58 1.94
N GLY D 205 15.06 24.35 2.90
CA GLY D 205 15.48 25.74 3.09
C GLY D 205 14.78 26.65 2.09
N PRO D 206 15.21 27.93 1.97
CA PRO D 206 14.46 28.91 1.18
C PRO D 206 14.53 28.70 -0.34
N VAL D 207 13.50 29.20 -1.03
CA VAL D 207 13.39 29.16 -2.52
C VAL D 207 14.18 30.34 -3.09
N ALA D 208 15.01 30.08 -4.10
CA ALA D 208 15.79 31.09 -4.85
C ALA D 208 15.08 31.44 -6.16
N ARG D 209 14.43 30.47 -6.78
CA ARG D 209 13.87 30.65 -8.13
C ARG D 209 12.73 29.67 -8.38
N VAL D 210 11.71 30.15 -9.08
CA VAL D 210 10.58 29.33 -9.57
C VAL D 210 10.38 29.62 -11.06
N TYR D 211 10.05 28.59 -11.82
CA TYR D 211 9.47 28.71 -13.18
C TYR D 211 8.15 27.94 -13.15
N ALA D 212 7.04 28.62 -13.38
CA ALA D 212 5.73 27.97 -13.16
C ALA D 212 4.85 28.06 -14.41
N GLN D 213 3.85 27.19 -14.43
CA GLN D 213 2.74 27.21 -15.40
C GLN D 213 1.46 26.91 -14.61
N ALA D 214 0.32 27.38 -15.09
CA ALA D 214 -0.96 27.27 -14.37
C ALA D 214 -2.06 27.10 -15.42
N ASP D 215 -3.18 26.56 -14.98
CA ASP D 215 -4.34 26.22 -15.85
C ASP D 215 -5.61 26.47 -15.04
N THR D 216 -6.63 26.98 -15.73
CA THR D 216 -8.02 27.02 -15.27
C THR D 216 -8.75 25.95 -16.09
N VAL D 217 -9.18 24.88 -15.45
CA VAL D 217 -9.79 23.71 -16.16
C VAL D 217 -11.27 24.05 -16.38
N ILE D 218 -11.95 24.57 -15.36
CA ILE D 218 -13.37 25.03 -15.42
C ILE D 218 -13.37 26.56 -15.34
N THR D 219 -13.49 27.19 -16.51
CA THR D 219 -13.25 28.63 -16.76
C THR D 219 -14.48 29.44 -16.39
N ASP D 220 -15.66 28.82 -16.35
CA ASP D 220 -16.97 29.47 -16.09
C ASP D 220 -17.84 28.54 -15.24
N ARG D 221 -18.71 29.12 -14.41
CA ARG D 221 -19.52 28.35 -13.44
C ARG D 221 -20.89 29.02 -13.29
N PRO D 222 -21.91 28.21 -12.88
CA PRO D 222 -23.24 28.75 -12.62
C PRO D 222 -23.19 29.93 -11.66
N HIS D 223 -23.78 31.06 -12.06
CA HIS D 223 -23.95 32.28 -11.23
C HIS D 223 -25.42 32.70 -11.29
N GLN D 224 -26.21 32.20 -10.34
CA GLN D 224 -27.64 32.57 -10.13
C GLN D 224 -28.34 32.69 -11.49
N GLY D 225 -28.51 31.56 -12.18
CA GLY D 225 -29.24 31.48 -13.47
C GLY D 225 -28.34 31.64 -14.67
N GLY D 226 -27.38 32.57 -14.64
CA GLY D 226 -26.37 32.75 -15.69
C GLY D 226 -25.08 32.01 -15.35
N THR D 227 -23.94 32.63 -15.62
CA THR D 227 -22.58 32.09 -15.36
C THR D 227 -21.59 33.25 -15.22
N ALA D 228 -20.53 33.03 -14.46
CA ALA D 228 -19.44 34.01 -14.24
C ALA D 228 -18.11 33.30 -14.44
N ARG D 229 -17.08 34.06 -14.76
CA ARG D 229 -15.75 33.53 -15.14
C ARG D 229 -14.97 33.21 -13.86
N VAL D 230 -14.27 32.07 -13.86
CA VAL D 230 -13.27 31.69 -12.83
C VAL D 230 -11.98 32.42 -13.16
N GLU D 231 -11.53 33.34 -12.29
CA GLU D 231 -10.41 34.28 -12.57
C GLU D 231 -9.07 33.71 -12.11
N ASN D 232 -9.08 32.74 -11.18
CA ASN D 232 -7.81 32.16 -10.62
C ASN D 232 -7.67 30.70 -11.04
N GLU D 233 -6.48 30.14 -10.85
CA GLU D 233 -6.05 28.81 -11.38
C GLU D 233 -6.69 27.66 -10.59
N ASP D 234 -7.04 26.59 -11.29
CA ASP D 234 -7.47 25.29 -10.75
C ASP D 234 -6.26 24.41 -10.44
N GLN D 235 -5.14 24.65 -11.12
CA GLN D 235 -3.91 23.83 -10.94
C GLN D 235 -2.70 24.65 -11.41
N ALA D 236 -1.53 24.32 -10.87
CA ALA D 236 -0.25 24.96 -11.23
C ALA D 236 0.90 24.02 -10.87
N GLN D 237 1.96 24.06 -11.65
CA GLN D 237 3.19 23.27 -11.43
C GLN D 237 4.36 24.24 -11.54
N ALA D 238 5.47 23.91 -10.89
CA ALA D 238 6.67 24.77 -10.91
C ALA D 238 7.91 23.91 -10.73
N LEU D 239 8.98 24.27 -11.41
CA LEU D 239 10.36 23.80 -11.13
C LEU D 239 10.98 24.81 -10.19
N ILE D 240 11.77 24.33 -9.24
CA ILE D 240 12.28 25.16 -8.11
C ILE D 240 13.80 25.08 -8.19
N ARG D 241 14.47 26.19 -7.94
CA ARG D 241 15.89 26.18 -7.45
C ARG D 241 15.87 26.75 -6.03
N PHE D 242 16.38 25.99 -5.08
CA PHE D 242 16.49 26.42 -3.66
C PHE D 242 17.74 27.28 -3.54
N ALA D 243 17.85 28.06 -2.45
CA ALA D 243 19.00 28.92 -2.11
C ALA D 243 20.26 28.05 -2.04
N SER D 244 20.12 26.79 -1.62
CA SER D 244 21.20 25.76 -1.60
C SER D 244 21.65 25.39 -3.02
N GLY D 245 20.89 25.72 -4.07
CA GLY D 245 21.22 25.31 -5.45
C GLY D 245 20.52 24.02 -5.86
N THR D 246 19.92 23.29 -4.91
CA THR D 246 19.29 21.99 -5.21
C THR D 246 17.95 22.23 -5.94
N SER D 247 17.51 21.23 -6.68
CA SER D 247 16.32 21.31 -7.57
C SER D 247 15.06 20.83 -6.86
N GLY D 248 13.91 21.19 -7.44
CA GLY D 248 12.59 20.83 -6.91
C GLY D 248 11.53 20.80 -7.99
N GLU D 249 10.55 19.92 -7.78
CA GLU D 249 9.25 19.86 -8.48
C GLU D 249 8.16 20.20 -7.48
N PHE D 250 7.13 20.86 -7.96
CA PHE D 250 6.06 21.44 -7.13
C PHE D 250 4.79 21.52 -7.97
N SER D 251 3.67 21.08 -7.39
CA SER D 251 2.35 21.23 -8.03
C SER D 251 1.26 21.35 -6.98
N CYS D 252 0.12 21.88 -7.40
CA CYS D 252 -1.13 21.84 -6.61
C CYS D 252 -2.31 21.80 -7.59
N SER D 253 -3.43 21.26 -7.12
CA SER D 253 -4.67 21.20 -7.94
C SER D 253 -5.87 21.05 -7.02
N ARG D 254 -6.94 21.78 -7.32
CA ARG D 254 -8.24 21.68 -6.60
C ARG D 254 -9.24 20.93 -7.49
N VAL D 255 -8.78 20.34 -8.61
CA VAL D 255 -9.64 19.59 -9.56
C VAL D 255 -9.06 18.20 -9.84
N ALA D 256 -8.24 17.64 -8.94
CA ALA D 256 -7.55 16.34 -9.11
C ALA D 256 -8.43 15.21 -8.55
N ARG D 257 -9.18 14.55 -9.40
CA ARG D 257 -10.32 13.69 -9.00
C ARG D 257 -9.83 12.50 -8.19
N GLY D 258 -10.46 12.23 -7.02
CA GLY D 258 -10.16 11.08 -6.16
C GLY D 258 -9.27 11.45 -4.98
N TYR D 259 -8.64 12.62 -5.03
CA TYR D 259 -7.78 13.14 -3.93
C TYR D 259 -8.61 14.08 -3.07
N ARG D 260 -8.41 13.97 -1.76
CA ARG D 260 -9.16 14.71 -0.73
C ARG D 260 -8.19 15.53 0.13
N CYS D 261 -6.98 15.04 0.40
CA CYS D 261 -5.95 15.82 1.15
C CYS D 261 -4.55 15.31 0.79
N ARG D 262 -4.25 15.20 -0.50
CA ARG D 262 -3.04 14.51 -1.01
C ARG D 262 -1.87 15.51 -1.10
N LEU D 263 -1.47 16.04 0.04
CA LEU D 263 -0.19 16.77 0.20
C LEU D 263 0.90 15.72 0.37
N ALA D 264 1.59 15.42 -0.72
CA ALA D 264 2.59 14.34 -0.77
C ALA D 264 3.92 14.95 -1.15
N TRP D 265 4.99 14.53 -0.49
CA TRP D 265 6.33 15.09 -0.78
C TRP D 265 7.38 14.00 -0.63
N GLU D 266 8.55 14.29 -1.17
CA GLU D 266 9.69 13.38 -1.23
C GLU D 266 10.95 14.22 -1.26
N VAL D 267 11.91 13.88 -0.41
CA VAL D 267 13.29 14.45 -0.42
C VAL D 267 14.23 13.29 -0.73
N GLN D 268 14.90 13.35 -1.88
CA GLN D 268 15.95 12.40 -2.28
C GLN D 268 17.29 13.02 -1.87
N GLY D 269 18.10 12.27 -1.16
CA GLY D 269 19.42 12.73 -0.70
C GLY D 269 20.52 11.86 -1.25
N THR D 270 21.77 12.27 -1.02
CA THR D 270 22.98 11.48 -1.40
C THR D 270 22.99 10.15 -0.66
N GLU D 271 22.42 10.07 0.54
CA GLU D 271 22.52 8.86 1.39
C GLU D 271 21.13 8.32 1.78
N GLY D 272 20.07 8.69 1.06
CA GLY D 272 18.74 8.13 1.36
C GLY D 272 17.60 8.95 0.79
N THR D 273 16.37 8.50 1.04
CA THR D 273 15.13 9.11 0.52
C THR D 273 14.06 9.08 1.62
N LEU D 274 13.38 10.21 1.81
CA LEU D 274 12.21 10.36 2.71
C LEU D 274 10.98 10.66 1.84
N ARG D 275 9.85 10.02 2.13
CA ARG D 275 8.62 10.15 1.31
C ARG D 275 7.40 10.10 2.23
N PHE D 276 6.40 10.94 1.95
CA PHE D 276 5.26 11.16 2.87
C PHE D 276 4.01 11.51 2.05
N ASP D 277 2.85 11.04 2.50
CA ASP D 277 1.52 11.39 1.93
C ASP D 277 0.57 11.72 3.08
N GLN D 278 0.08 12.96 3.13
CA GLN D 278 -0.81 13.47 4.22
C GLN D 278 -2.06 12.57 4.35
N GLU D 279 -2.51 11.93 3.27
CA GLU D 279 -3.74 11.08 3.35
C GLU D 279 -3.46 9.85 4.21
N ARG D 280 -2.18 9.54 4.45
CA ARG D 280 -1.69 8.49 5.38
C ARG D 280 -0.68 9.14 6.33
N MET D 281 -1.16 10.09 7.14
CA MET D 281 -0.29 11.09 7.82
C MET D 281 0.52 10.41 8.93
N ASN D 282 0.21 9.15 9.25
CA ASN D 282 0.91 8.35 10.29
C ASN D 282 2.08 7.52 9.70
N GLU D 283 2.43 7.71 8.42
CA GLU D 283 3.51 6.91 7.78
C GLU D 283 4.57 7.82 7.18
N LEU D 284 5.83 7.53 7.48
CA LEU D 284 7.01 8.18 6.85
C LEU D 284 7.90 7.08 6.29
N TRP D 285 8.20 7.13 4.99
CA TRP D 285 9.02 6.13 4.29
C TRP D 285 10.46 6.65 4.24
N LEU D 286 11.39 5.86 4.77
CA LEU D 286 12.84 6.20 4.82
C LEU D 286 13.61 5.08 4.15
N TYR D 287 14.34 5.42 3.09
CA TYR D 287 15.34 4.52 2.49
C TYR D 287 16.73 5.04 2.86
N GLN D 288 17.56 4.14 3.34
CA GLN D 288 19.01 4.33 3.56
C GLN D 288 19.71 3.10 3.01
N PRO D 289 20.90 3.23 2.37
CA PRO D 289 21.59 2.08 1.81
C PRO D 289 21.70 0.98 2.88
N GLY D 290 21.48 -0.25 2.48
CA GLY D 290 21.61 -1.42 3.37
C GLY D 290 22.16 -2.63 2.65
N ARG D 291 22.43 -3.67 3.42
CA ARG D 291 22.76 -5.05 3.00
C ARG D 291 21.84 -5.48 1.86
N PRO D 292 22.36 -5.98 0.71
CA PRO D 292 21.52 -6.39 -0.41
C PRO D 292 20.36 -7.35 -0.04
N GLU D 293 20.59 -8.27 0.90
CA GLU D 293 19.58 -9.30 1.28
C GLU D 293 18.37 -8.64 1.96
N ILE D 294 18.53 -7.47 2.61
CA ILE D 294 17.38 -6.83 3.33
C ILE D 294 17.15 -5.40 2.86
N ASP D 295 17.81 -4.98 1.78
CA ASP D 295 17.80 -3.58 1.31
C ASP D 295 16.35 -3.18 0.95
N GLY D 296 15.89 -2.01 1.41
CA GLY D 296 14.58 -1.50 1.01
C GLY D 296 14.12 -0.35 1.88
N PHE D 297 13.06 0.32 1.45
CA PHE D 297 12.38 1.38 2.23
C PHE D 297 11.77 0.81 3.53
N ARG D 298 11.88 1.61 4.59
CA ARG D 298 11.26 1.37 5.92
C ARG D 298 9.93 2.12 6.00
N ARG D 299 8.88 1.46 6.48
CA ARG D 299 7.61 2.11 6.87
C ARG D 299 7.73 2.48 8.34
N ILE D 300 7.92 3.76 8.64
CA ILE D 300 7.98 4.27 10.03
C ILE D 300 6.57 4.67 10.43
N LEU D 301 5.96 3.89 11.32
CA LEU D 301 4.61 4.17 11.83
C LEU D 301 4.72 5.21 12.95
N THR D 302 3.96 6.30 12.87
CA THR D 302 4.01 7.42 13.85
C THR D 302 3.82 6.86 15.27
N GLY D 303 4.71 7.25 16.18
CA GLY D 303 4.65 6.82 17.59
C GLY D 303 5.39 7.77 18.52
N PRO D 304 5.60 7.39 19.80
CA PRO D 304 6.18 8.27 20.79
C PRO D 304 7.62 8.72 20.51
N ALA D 305 8.33 8.09 19.54
CA ALA D 305 9.69 8.52 19.16
C ALA D 305 9.62 9.83 18.34
N GLN D 306 8.45 10.20 17.81
CA GLN D 306 8.31 11.37 16.90
C GLN D 306 7.83 12.57 17.72
N PRO D 307 8.27 13.80 17.35
CA PRO D 307 7.89 15.00 18.09
C PRO D 307 6.37 15.20 18.23
N GLY D 308 5.95 15.47 19.47
CA GLY D 308 4.57 15.85 19.84
C GLY D 308 3.68 14.67 20.15
N PHE D 309 3.95 13.49 19.58
CA PHE D 309 3.03 12.32 19.65
C PHE D 309 2.76 11.95 21.12
N ALA D 310 3.81 11.90 21.92
CA ALA D 310 3.77 11.38 23.30
C ALA D 310 2.82 12.24 24.14
N ALA D 311 2.61 13.50 23.76
CA ALA D 311 1.67 14.39 24.47
C ALA D 311 0.23 13.88 24.31
N PHE D 312 -0.06 13.13 23.24
CA PHE D 312 -1.44 12.65 22.89
C PHE D 312 -1.65 11.18 23.24
N CYS D 313 -0.59 10.37 23.25
CA CYS D 313 -0.69 8.90 23.41
C CYS D 313 0.69 8.31 23.69
N PRO D 314 0.81 7.36 24.63
CA PRO D 314 2.10 6.74 24.94
C PRO D 314 2.48 5.59 24.00
N GLY D 315 1.50 4.97 23.32
CA GLY D 315 1.71 3.74 22.52
C GLY D 315 1.72 4.03 21.04
N GLY D 316 2.77 3.61 20.33
CA GLY D 316 2.89 3.84 18.87
C GLY D 316 1.73 3.25 18.11
N GLY D 317 1.46 3.74 16.89
CA GLY D 317 0.48 3.12 15.99
C GLY D 317 -0.96 3.47 16.31
N HIS D 318 -1.21 4.27 17.35
CA HIS D 318 -2.54 4.89 17.64
C HIS D 318 -2.62 6.19 16.84
N ASN D 319 -3.25 6.13 15.66
CA ASN D 319 -3.06 7.18 14.62
C ASN D 319 -3.33 8.57 15.21
N PHE D 320 -2.36 9.46 15.06
CA PHE D 320 -2.47 10.93 15.28
C PHE D 320 -3.42 11.47 14.21
N GLY D 321 -4.32 12.36 14.59
CA GLY D 321 -5.36 12.93 13.71
C GLY D 321 -4.98 14.30 13.16
N PHE D 322 -5.61 14.70 12.06
CA PHE D 322 -5.49 16.04 11.45
C PHE D 322 -5.68 17.13 12.51
N ASN D 323 -6.71 16.97 13.36
CA ASN D 323 -7.09 18.01 14.36
C ASN D 323 -6.00 18.14 15.43
N GLU D 324 -5.30 17.07 15.76
CA GLU D 324 -4.24 17.12 16.80
C GLU D 324 -3.05 17.96 16.31
N GLN D 325 -2.85 18.10 15.00
CA GLN D 325 -1.83 19.03 14.45
C GLN D 325 -2.08 20.43 15.00
N LYS D 326 -3.35 20.85 15.10
CA LYS D 326 -3.69 22.21 15.54
C LYS D 326 -3.46 22.37 17.05
N VAL D 327 -3.58 21.29 17.81
CA VAL D 327 -3.28 21.30 19.28
C VAL D 327 -1.79 21.58 19.42
N VAL D 328 -0.97 20.98 18.56
CA VAL D 328 0.51 21.17 18.55
C VAL D 328 0.80 22.64 18.19
N GLU D 329 0.09 23.16 17.18
CA GLU D 329 0.29 24.56 16.71
C GLU D 329 -0.02 25.51 17.87
N ALA D 330 -1.11 25.26 18.61
CA ALA D 330 -1.53 26.09 19.77
C ALA D 330 -0.42 26.10 20.82
N GLU D 331 0.13 24.92 21.10
CA GLU D 331 1.18 24.75 22.14
C GLU D 331 2.44 25.53 21.75
N MET D 332 2.85 25.44 20.48
CA MET D 332 3.99 26.22 19.92
C MET D 332 3.74 27.72 20.18
N LEU D 333 2.53 28.23 19.91
CA LEU D 333 2.21 29.68 20.12
C LEU D 333 2.26 29.99 21.62
N ARG D 334 1.64 29.14 22.44
CA ARG D 334 1.66 29.19 23.93
C ARG D 334 3.10 29.29 24.43
N GLN D 335 4.01 28.43 23.97
CA GLN D 335 5.42 28.40 24.44
C GLN D 335 6.11 29.69 24.00
N ALA D 336 5.89 30.15 22.76
CA ALA D 336 6.49 31.40 22.22
C ALA D 336 6.01 32.58 23.06
N ILE D 337 4.71 32.66 23.34
CA ILE D 337 4.16 33.78 24.14
C ILE D 337 4.86 33.80 25.52
N ALA D 338 5.17 32.62 26.06
CA ALA D 338 5.86 32.45 27.37
C ALA D 338 7.37 32.62 27.21
N GLY D 339 7.87 32.99 26.04
CA GLY D 339 9.30 33.24 25.80
C GLY D 339 10.15 31.98 25.88
N ARG D 340 9.53 30.78 25.81
CA ARG D 340 10.22 29.48 26.00
C ARG D 340 10.51 28.82 24.66
N GLY D 341 10.49 29.58 23.57
CA GLY D 341 10.67 29.01 22.23
C GLY D 341 9.98 29.86 21.17
N LYS D 342 10.67 30.04 20.05
CA LYS D 342 10.21 30.64 18.77
C LYS D 342 9.14 29.76 18.12
N ALA D 343 8.08 30.39 17.60
CA ALA D 343 7.02 29.74 16.82
C ALA D 343 7.26 30.05 15.35
N TRP D 344 7.12 29.03 14.50
CA TRP D 344 7.32 29.17 13.04
C TRP D 344 6.02 28.81 12.31
N PRO D 345 5.63 29.55 11.25
CA PRO D 345 6.26 30.82 10.89
C PRO D 345 5.51 32.04 11.42
N ASP D 346 6.26 33.04 11.88
CA ASP D 346 5.72 34.36 12.27
C ASP D 346 5.40 35.15 10.99
N PHE D 347 4.91 36.38 11.12
CA PHE D 347 4.47 37.20 9.97
C PHE D 347 5.66 37.44 9.03
N THR D 348 6.91 37.43 9.53
CA THR D 348 8.12 37.66 8.71
C THR D 348 8.36 36.41 7.86
N ASP D 349 8.40 35.23 8.48
CA ASP D 349 8.57 33.94 7.75
C ASP D 349 7.38 33.76 6.79
N GLY D 350 6.17 34.08 7.26
CA GLY D 350 4.94 33.99 6.45
C GLY D 350 4.99 34.84 5.19
N LEU D 351 5.52 36.06 5.28
CA LEU D 351 5.62 36.99 4.11
C LEU D 351 6.41 36.29 2.99
N THR D 352 7.53 35.66 3.31
CA THR D 352 8.39 34.90 2.35
C THR D 352 7.52 33.89 1.59
N ILE D 353 6.72 33.13 2.32
CA ILE D 353 5.83 32.09 1.74
C ILE D 353 4.85 32.77 0.77
N GLU D 354 4.27 33.91 1.15
CA GLU D 354 3.34 34.68 0.27
C GLU D 354 4.10 35.12 -1.00
N ARG D 355 5.35 35.57 -0.89
CA ARG D 355 6.15 36.03 -2.05
C ARG D 355 6.39 34.83 -3.00
N VAL D 356 6.70 33.65 -2.46
CA VAL D 356 6.98 32.45 -3.29
C VAL D 356 5.72 32.10 -4.10
N ILE D 357 4.54 31.99 -3.48
CA ILE D 357 3.32 31.55 -4.22
C ILE D 357 2.92 32.63 -5.23
N HIS D 358 2.98 33.91 -4.87
CA HIS D 358 2.67 35.03 -5.80
C HIS D 358 3.70 35.07 -6.94
N GLY D 359 4.97 34.77 -6.65
CA GLY D 359 6.03 34.62 -7.67
C GLY D 359 5.71 33.50 -8.66
N MET D 360 5.16 32.40 -8.19
CA MET D 360 4.75 31.28 -9.07
C MET D 360 3.63 31.75 -10.00
N ALA D 361 2.61 32.44 -9.46
CA ALA D 361 1.48 32.99 -10.23
C ALA D 361 1.99 33.97 -11.29
N THR D 362 2.96 34.81 -10.92
CA THR D 362 3.56 35.81 -11.84
C THR D 362 4.32 35.06 -12.93
N SER D 363 5.13 34.07 -12.55
CA SER D 363 5.94 33.26 -13.50
C SER D 363 5.02 32.63 -14.55
N ALA D 364 3.93 31.99 -14.14
CA ALA D 364 2.92 31.33 -15.01
C ALA D 364 2.32 32.34 -15.99
N GLN D 365 2.16 33.59 -15.57
CA GLN D 365 1.48 34.63 -16.38
C GLN D 365 2.49 35.21 -17.38
N THR D 366 3.75 35.41 -16.99
CA THR D 366 4.79 36.11 -17.80
C THR D 366 5.63 35.11 -18.61
N GLY D 367 5.58 33.82 -18.29
CA GLY D 367 6.44 32.79 -18.93
C GLY D 367 7.92 33.02 -18.64
N GLN D 368 8.23 33.80 -17.60
CA GLN D 368 9.63 34.06 -17.16
C GLN D 368 9.84 33.40 -15.80
N PRO D 369 11.08 33.01 -15.44
CA PRO D 369 11.37 32.61 -14.07
C PRO D 369 11.23 33.81 -13.13
N VAL D 370 10.91 33.57 -11.85
CA VAL D 370 10.97 34.62 -10.80
C VAL D 370 12.06 34.21 -9.80
N ASN D 371 12.98 35.12 -9.53
CA ASN D 371 14.08 34.95 -8.54
C ASN D 371 13.68 35.65 -7.25
N PHE D 372 14.23 35.17 -6.14
CA PHE D 372 14.00 35.70 -4.77
C PHE D 372 15.34 35.87 -4.11
N LEU D 373 15.49 36.98 -3.40
CA LEU D 373 16.77 37.36 -2.78
C LEU D 373 16.73 37.03 -1.28
C ACT E . -3.94 -20.96 -8.72
O ACT E . -2.78 -21.31 -8.99
OXT ACT E . -4.38 -19.80 -8.87
CH3 ACT E . -4.90 -22.04 -8.14
C ACT F . 15.25 0.02 -17.18
O ACT F . 14.60 -0.69 -17.98
OXT ACT F . 15.39 -0.25 -15.98
CH3 ACT F . 15.87 1.32 -17.70
C ACT G . -4.72 -0.82 22.41
O ACT G . -5.60 0.06 22.47
OXT ACT G . -3.63 -0.67 21.85
CH3 ACT G . -5.02 -2.16 23.05
C ACT H . -6.81 21.58 3.27
O ACT H . -7.27 20.46 2.90
OXT ACT H . -6.42 21.83 4.42
CH3 ACT H . -6.70 22.69 2.22
#